data_6MIY
#
_entry.id   6MIY
#
_cell.length_a   78.865
_cell.length_b   192.477
_cell.length_c   150.418
_cell.angle_alpha   90.000
_cell.angle_beta   90.790
_cell.angle_gamma   90.000
#
_symmetry.space_group_name_H-M   'C 1 2 1'
#
loop_
_entity.id
_entity.type
_entity.pdbx_description
1 polymer 'T cell receptor alpha variable 11,T cell receptor alpha variable 11,T cell receptor alpha joining 18,Human nkt tcr alpha chain, CHIMERIC PROTEIN'
2 polymer 'Beta-chain,T cell receptor chain,T cell receptor beta constant 2, CHIMERIC PROTEIN'
3 polymer 'Antigen-presenting glycoprotein CD1d1'
4 polymer Beta-2-microglobulin
5 branched 2-acetamido-2-deoxy-beta-D-glucopyranose-(1-4)-2-acetamido-2-deoxy-beta-D-glucopyranose
6 branched 2-acetamido-2-deoxy-beta-D-glucopyranose-(1-4)-[alpha-L-fucopyranose-(1-6)]2-acetamido-2-deoxy-beta-D-glucopyranose
7 non-polymer 'SODIUM ION'
8 non-polymer 'CHLORIDE ION'
9 non-polymer N-{(2S,3S,4R)-1-[(4-O-benzyl-alpha-D-galactopyranosyl)oxy]-3,4-dihydroxyoctadecan-2-yl}hexacosanamide
10 non-polymer GLYCEROL
11 water water
#
loop_
_entity_poly.entity_id
_entity_poly.type
_entity_poly.pdbx_seq_one_letter_code
_entity_poly.pdbx_strand_id
1 'polypeptide(L)'
;MKTQVEQSPQSLVVRQGENCVLQCNYSVTPDNHLRWFKQDTGKGLVSLTVLVDQKDKTSNGRYSATLDKDAKHSTLHITA
TLLDDTATYICVVGDRGSALGRLHFGAGTQLIVIPDIQNPDPAVYQLRDSKSSDKSVCLFTDFDSQTNVSQSKDSDVYIT
DKCVLDMRSMDFKSNSAVAWSNKSDFACANAFNNSIIPEDTFFPSPESS
;
C,G
2 'polypeptide(L)'
;MEAAVTQSPRNKVAVTGGKVTLSCNQTNNHNNMYWYRQDTGHGLRLIHYSYGAGSTEKGDIPDGYKASRPSQENFSLILE
LATPSQTSVYFCASGDEGYTQYFGPGTRLLVLEDLRNVTPPKVSLFEPSKAEISHTQKATLVCLATGFYPDHVELSWWVN
GKEVHSGVCTDPQPLKEQPALNDSRYSLSSRLRVSATFWQNPRNHFRCQVQFYGLSENDEWTQDRAKPVTQIVSAEAWGR
A
;
D,H
3 'polypeptide(L)'
;SEAQQKNYTFRCLQMSSFANRSWSRTDSVVWLGDLQTHRWSNDSATISFTKPWSQGKLSNQQWEKLQHMFQVYRVSFTRD
IQELVKMMSPKEDYPIEIQLSAGCEMYPGNASESFLHVAFQGKYVVRFWGTSWQTVPGAPSWLDLPIKVLNADQGTSATV
QMLLNDTCPLFVRGLLEAGKSDLEKQEKPVAWLSSVPSSAHGHRQLVCHVSGFYPKPVWVMWMRGDQEQQGTHRGDFLPN
ADETWYLQATLDVEAGEEAGLACRVKHSSLGGQDIILYWHHHHHH
;
A,E
4 'polypeptide(L)'
;IQKTPQIQVYSRHPPENGKPNILNCYVTQFHPPHIEIQMLKNGKKIPKVEMSDMSFSKDWSFYILAHTEFTPTETDTYAC
RVKHASMAEPKTVYWDRDM
;
B,F
#
loop_
_chem_comp.id
_chem_comp.type
_chem_comp.name
_chem_comp.formula
CL non-polymer 'CHLORIDE ION' 'Cl -1'
FUC L-saccharide, alpha linking alpha-L-fucopyranose 'C6 H12 O5'
GOL non-polymer GLYCEROL 'C3 H8 O3'
JTV non-polymer N-{(2S,3S,4R)-1-[(4-O-benzyl-alpha-D-galactopyranosyl)oxy]-3,4-dihydroxyoctadecan-2-yl}hexacosanamide 'C57 H105 N O9'
NA non-polymer 'SODIUM ION' 'Na 1'
NAG D-saccharide, beta linking 2-acetamido-2-deoxy-beta-D-glucopyranose 'C8 H15 N O6'
#
# COMPACT_ATOMS: atom_id res chain seq x y z
N THR A 3 12.93 5.97 -35.75
CA THR A 3 12.93 7.45 -35.51
C THR A 3 11.82 8.09 -36.34
N GLN A 4 11.10 9.03 -35.71
CA GLN A 4 9.94 9.70 -36.30
C GLN A 4 10.32 11.13 -36.73
N VAL A 5 11.58 11.52 -36.54
CA VAL A 5 12.05 12.88 -36.86
C VAL A 5 13.42 12.78 -37.56
N GLU A 6 13.44 13.09 -38.85
CA GLU A 6 14.63 13.04 -39.70
C GLU A 6 15.00 14.46 -40.16
N GLN A 7 16.29 14.79 -40.05
CA GLN A 7 16.80 16.09 -40.44
C GLN A 7 17.76 15.93 -41.62
N SER A 8 17.79 16.98 -42.46
CA SER A 8 18.63 17.04 -43.66
C SER A 8 19.05 18.50 -43.88
N PRO A 9 20.30 18.72 -44.30
CA PRO A 9 21.34 17.72 -44.47
C PRO A 9 21.89 17.26 -43.11
N GLN A 10 22.63 16.14 -43.10
CA GLN A 10 23.23 15.61 -41.87
C GLN A 10 24.29 16.61 -41.39
N SER A 11 25.08 17.14 -42.32
CA SER A 11 26.04 18.21 -42.05
C SER A 11 26.24 19.05 -43.31
N LEU A 12 26.74 20.28 -43.13
CA LEU A 12 27.05 21.16 -44.25
C LEU A 12 28.07 22.23 -43.82
N VAL A 13 28.80 22.74 -44.81
CA VAL A 13 29.82 23.76 -44.64
C VAL A 13 29.44 24.96 -45.53
N VAL A 14 29.45 26.16 -44.96
CA VAL A 14 29.15 27.39 -45.70
C VAL A 14 30.19 28.45 -45.32
N ARG A 15 30.33 29.44 -46.20
CA ARG A 15 31.19 30.59 -45.95
C ARG A 15 30.36 31.70 -45.30
N GLN A 16 31.00 32.46 -44.41
CA GLN A 16 30.40 33.61 -43.74
C GLN A 16 29.66 34.47 -44.78
N GLY A 17 28.44 34.89 -44.44
CA GLY A 17 27.64 35.78 -45.28
C GLY A 17 26.58 35.04 -46.08
N GLU A 18 26.82 33.76 -46.36
CA GLU A 18 25.93 32.93 -47.17
C GLU A 18 24.71 32.52 -46.33
N ASN A 19 23.60 32.20 -47.01
CA ASN A 19 22.39 31.68 -46.39
C ASN A 19 22.42 30.15 -46.48
N CYS A 20 21.75 29.49 -45.53
CA CYS A 20 21.51 28.05 -45.62
C CYS A 20 20.08 27.72 -45.17
N VAL A 21 19.57 26.60 -45.68
CA VAL A 21 18.26 26.07 -45.37
C VAL A 21 18.47 24.69 -44.72
N LEU A 22 17.85 24.49 -43.55
CA LEU A 22 17.87 23.20 -42.87
C LEU A 22 16.47 22.59 -42.95
N GLN A 23 16.40 21.29 -43.19
CA GLN A 23 15.14 20.56 -43.41
C GLN A 23 14.84 19.69 -42.17
N CYS A 24 13.55 19.58 -41.85
CA CYS A 24 13.03 18.64 -40.86
C CYS A 24 11.76 17.98 -41.41
N ASN A 25 11.76 16.65 -41.45
CA ASN A 25 10.63 15.84 -41.89
C ASN A 25 10.30 14.85 -40.78
N TYR A 26 9.01 14.75 -40.43
CA TYR A 26 8.58 13.93 -39.30
C TYR A 26 7.34 13.12 -39.68
N SER A 27 7.09 12.06 -38.89
CA SER A 27 5.91 11.20 -39.02
C SER A 27 5.09 11.18 -37.72
N VAL A 28 5.47 12.03 -36.75
CA VAL A 28 4.86 12.09 -35.42
C VAL A 28 3.37 12.41 -35.57
N THR A 29 2.53 11.66 -34.84
CA THR A 29 1.08 11.83 -34.84
C THR A 29 0.54 11.72 -33.41
N PRO A 30 -0.16 12.75 -32.94
CA PRO A 30 -0.38 14.02 -33.63
C PRO A 30 0.85 14.93 -33.50
N ASP A 31 0.80 16.08 -34.21
CA ASP A 31 1.89 17.05 -34.28
C ASP A 31 1.38 18.42 -33.80
N ASN A 32 1.53 18.68 -32.49
CA ASN A 32 1.03 19.90 -31.86
C ASN A 32 1.92 21.09 -32.25
N HIS A 33 3.22 20.97 -31.94
CA HIS A 33 4.17 22.05 -32.17
C HIS A 33 5.52 21.46 -32.61
N LEU A 34 6.35 22.32 -33.20
CA LEU A 34 7.71 21.98 -33.61
C LEU A 34 8.66 23.09 -33.14
N ARG A 35 9.76 22.68 -32.49
CA ARG A 35 10.72 23.59 -31.89
C ARG A 35 12.10 23.33 -32.50
N TRP A 36 12.80 24.41 -32.86
CA TRP A 36 14.17 24.37 -33.34
C TRP A 36 15.11 24.80 -32.20
N PHE A 37 16.11 23.95 -31.91
CA PHE A 37 17.16 24.25 -30.93
C PHE A 37 18.47 24.55 -31.64
N LYS A 38 19.36 25.26 -30.95
CA LYS A 38 20.76 25.45 -31.33
C LYS A 38 21.64 24.90 -30.21
N GLN A 39 22.59 24.03 -30.56
CA GLN A 39 23.54 23.46 -29.61
C GLN A 39 24.96 23.77 -30.07
N ASP A 40 25.60 24.72 -29.38
CA ASP A 40 27.03 24.97 -29.53
C ASP A 40 27.79 23.74 -29.03
N THR A 41 29.00 23.53 -29.57
CA THR A 41 29.81 22.37 -29.24
C THR A 41 30.07 22.34 -27.73
N GLY A 42 29.58 21.27 -27.07
CA GLY A 42 29.75 21.06 -25.64
C GLY A 42 28.58 21.56 -24.81
N LYS A 43 27.96 22.66 -25.24
CA LYS A 43 27.02 23.42 -24.43
C LYS A 43 25.63 22.77 -24.48
N GLY A 44 24.61 23.52 -24.04
CA GLY A 44 23.24 23.04 -23.96
C GLY A 44 22.36 23.57 -25.08
N LEU A 45 21.04 23.40 -24.90
CA LEU A 45 20.04 23.61 -25.94
C LEU A 45 19.42 25.01 -25.79
N VAL A 46 19.52 25.82 -26.85
CA VAL A 46 18.96 27.18 -26.92
C VAL A 46 17.82 27.19 -27.95
N SER A 47 16.60 27.45 -27.47
CA SER A 47 15.41 27.50 -28.31
C SER A 47 15.48 28.71 -29.23
N LEU A 48 15.32 28.47 -30.55
CA LEU A 48 15.39 29.52 -31.56
C LEU A 48 13.98 30.04 -31.87
N THR A 49 13.05 29.11 -32.13
CA THR A 49 11.65 29.45 -32.39
C THR A 49 10.77 28.21 -32.18
N VAL A 50 9.47 28.44 -32.13
CA VAL A 50 8.47 27.37 -31.98
C VAL A 50 7.30 27.67 -32.91
N LEU A 51 6.90 26.66 -33.70
CA LEU A 51 5.85 26.74 -34.72
C LEU A 51 4.66 25.88 -34.29
N VAL A 52 3.45 26.44 -34.37
CA VAL A 52 2.26 25.82 -33.78
C VAL A 52 1.15 25.64 -34.82
N ASP A 53 0.98 26.60 -35.73
CA ASP A 53 -0.15 26.63 -36.68
C ASP A 53 0.05 25.61 -37.80
N GLN A 54 -1.02 25.40 -38.58
CA GLN A 54 -1.07 24.46 -39.70
C GLN A 54 -0.08 24.88 -40.79
N LYS A 55 -0.02 26.19 -41.06
CA LYS A 55 0.90 26.79 -42.05
C LYS A 55 1.61 27.99 -41.40
N ASP A 56 2.44 27.70 -40.38
CA ASP A 56 3.03 28.74 -39.53
C ASP A 56 4.34 29.24 -40.16
N LYS A 57 4.66 30.50 -39.86
CA LYS A 57 5.93 31.15 -40.17
C LYS A 57 6.40 31.91 -38.93
N THR A 58 7.70 31.88 -38.64
CA THR A 58 8.29 32.61 -37.52
C THR A 58 9.59 33.28 -37.97
N SER A 59 10.12 34.15 -37.10
CA SER A 59 11.40 34.82 -37.32
C SER A 59 12.01 35.23 -35.97
N ASN A 60 13.34 35.24 -35.94
CA ASN A 60 14.11 35.55 -34.75
C ASN A 60 15.45 36.15 -35.20
N GLY A 61 15.40 37.40 -35.67
CA GLY A 61 16.54 38.09 -36.22
C GLY A 61 16.96 37.51 -37.56
N ARG A 62 18.07 36.75 -37.56
CA ARG A 62 18.62 36.14 -38.76
C ARG A 62 17.96 34.77 -39.00
N TYR A 63 17.42 34.16 -37.94
CA TYR A 63 16.70 32.89 -38.02
C TYR A 63 15.24 33.14 -38.41
N SER A 64 14.78 32.50 -39.48
CA SER A 64 13.36 32.38 -39.78
C SER A 64 13.04 30.91 -40.07
N ALA A 65 11.78 30.52 -39.84
CA ALA A 65 11.35 29.13 -40.01
C ALA A 65 9.93 29.08 -40.54
N THR A 66 9.57 27.92 -41.12
CA THR A 66 8.22 27.62 -41.58
C THR A 66 7.84 26.20 -41.18
N LEU A 67 6.53 25.93 -41.20
CA LEU A 67 5.98 24.62 -40.92
C LEU A 67 4.74 24.39 -41.81
N ASP A 68 4.67 23.21 -42.41
CA ASP A 68 3.47 22.72 -43.08
C ASP A 68 3.11 21.35 -42.48
N LYS A 69 2.02 21.31 -41.72
CA LYS A 69 1.62 20.12 -40.96
C LYS A 69 1.01 19.07 -41.88
N ASP A 70 0.41 19.50 -43.00
CA ASP A 70 -0.16 18.59 -43.99
C ASP A 70 0.96 17.73 -44.60
N ALA A 71 2.11 18.36 -44.88
CA ALA A 71 3.28 17.71 -45.45
C ALA A 71 4.17 17.12 -44.33
N LYS A 72 3.94 17.54 -43.09
CA LYS A 72 4.80 17.22 -41.94
C LYS A 72 6.24 17.61 -42.27
N HIS A 73 6.42 18.89 -42.59
CA HIS A 73 7.69 19.43 -43.05
C HIS A 73 7.92 20.79 -42.39
N SER A 74 9.17 21.06 -42.01
CA SER A 74 9.58 22.36 -41.49
C SER A 74 11.01 22.68 -41.96
N THR A 75 11.28 23.96 -42.21
CA THR A 75 12.60 24.42 -42.59
C THR A 75 13.03 25.58 -41.70
N LEU A 76 14.33 25.63 -41.36
CA LEU A 76 14.96 26.74 -40.68
C LEU A 76 15.91 27.44 -41.66
N HIS A 77 15.66 28.73 -41.88
CA HIS A 77 16.51 29.59 -42.71
C HIS A 77 17.39 30.45 -41.80
N ILE A 78 18.70 30.40 -42.04
CA ILE A 78 19.68 31.28 -41.39
C ILE A 78 20.20 32.26 -42.46
N THR A 79 19.85 33.54 -42.33
CA THR A 79 20.29 34.58 -43.26
C THR A 79 21.62 35.16 -42.77
N ALA A 80 22.57 35.33 -43.69
CA ALA A 80 23.89 35.95 -43.45
C ALA A 80 24.59 35.27 -42.27
N THR A 81 25.07 34.05 -42.50
CA THR A 81 25.71 33.23 -41.48
C THR A 81 26.94 33.97 -40.92
N LEU A 82 27.09 33.91 -39.59
CA LEU A 82 28.29 34.35 -38.88
C LEU A 82 29.00 33.12 -38.31
N LEU A 83 30.23 33.32 -37.86
CA LEU A 83 31.09 32.27 -37.31
C LEU A 83 30.38 31.56 -36.14
N ASP A 84 29.66 32.34 -35.33
CA ASP A 84 28.98 31.86 -34.10
C ASP A 84 27.85 30.88 -34.43
N ASP A 85 27.41 30.82 -35.69
CA ASP A 85 26.37 29.89 -36.13
C ASP A 85 26.90 28.45 -36.16
N THR A 86 28.23 28.29 -36.16
CA THR A 86 28.85 26.97 -36.10
C THR A 86 28.29 26.21 -34.89
N ALA A 87 27.41 25.24 -35.17
CA ALA A 87 26.64 24.57 -34.13
C ALA A 87 25.86 23.40 -34.75
N THR A 88 25.19 22.64 -33.89
CA THR A 88 24.23 21.62 -34.29
C THR A 88 22.83 22.21 -34.11
N TYR A 89 21.95 21.97 -35.09
CA TYR A 89 20.61 22.52 -35.11
C TYR A 89 19.62 21.35 -35.02
N ILE A 90 18.82 21.33 -33.96
CA ILE A 90 18.03 20.17 -33.56
C ILE A 90 16.54 20.51 -33.69
N CYS A 91 15.81 19.57 -34.32
CA CYS A 91 14.40 19.69 -34.60
C CYS A 91 13.62 18.76 -33.66
N VAL A 92 12.67 19.33 -32.90
CA VAL A 92 11.90 18.61 -31.90
C VAL A 92 10.41 18.82 -32.16
N VAL A 93 9.65 17.71 -32.23
CA VAL A 93 8.20 17.74 -32.40
C VAL A 93 7.55 17.28 -31.09
N GLY A 94 6.54 18.04 -30.65
CA GLY A 94 5.73 17.71 -29.49
C GLY A 94 4.35 17.25 -29.90
N ASP A 95 3.89 16.13 -29.32
CA ASP A 95 2.67 15.45 -29.76
C ASP A 95 1.47 15.90 -28.92
N ARG A 96 1.69 16.81 -27.96
CA ARG A 96 0.62 17.41 -27.19
C ARG A 96 0.90 18.90 -26.97
N GLY A 97 -0.16 19.66 -26.69
CA GLY A 97 -0.06 21.04 -26.25
C GLY A 97 -0.05 21.15 -24.73
N SER A 98 0.49 20.13 -24.07
CA SER A 98 0.56 20.06 -22.60
C SER A 98 1.70 19.13 -22.17
N ALA A 99 1.88 19.00 -20.86
CA ALA A 99 2.94 18.18 -20.25
C ALA A 99 2.66 16.68 -20.43
N LEU A 100 1.45 16.33 -20.88
CA LEU A 100 1.11 14.95 -21.24
C LEU A 100 1.83 14.54 -22.54
N GLY A 101 2.49 15.50 -23.20
CA GLY A 101 3.17 15.28 -24.45
C GLY A 101 4.55 14.66 -24.26
N ARG A 102 4.94 13.84 -25.24
CA ARG A 102 6.32 13.38 -25.41
C ARG A 102 6.96 14.21 -26.53
N LEU A 103 8.22 14.61 -26.31
CA LEU A 103 9.04 15.28 -27.32
C LEU A 103 9.74 14.21 -28.18
N HIS A 104 9.72 14.43 -29.51
CA HIS A 104 10.39 13.57 -30.48
C HIS A 104 11.55 14.35 -31.11
N PHE A 105 12.78 13.89 -30.84
CA PHE A 105 13.99 14.63 -31.15
C PHE A 105 14.60 14.13 -32.46
N GLY A 106 15.03 15.07 -33.30
CA GLY A 106 15.91 14.80 -34.43
C GLY A 106 17.34 14.60 -33.97
N ALA A 107 18.13 13.91 -34.79
CA ALA A 107 19.54 13.63 -34.49
C ALA A 107 20.40 14.89 -34.66
N GLY A 108 19.90 15.86 -35.44
CA GLY A 108 20.54 17.16 -35.59
C GLY A 108 21.12 17.36 -36.98
N THR A 109 21.57 18.60 -37.23
CA THR A 109 22.28 19.00 -38.44
C THR A 109 23.50 19.82 -38.02
N GLN A 110 24.71 19.35 -38.37
CA GLN A 110 25.95 20.05 -38.03
C GLN A 110 26.22 21.14 -39.08
N LEU A 111 26.26 22.40 -38.64
CA LEU A 111 26.63 23.52 -39.50
C LEU A 111 28.03 24.00 -39.13
N ILE A 112 28.89 24.16 -40.14
CA ILE A 112 30.18 24.84 -39.99
C ILE A 112 30.15 26.08 -40.90
N VAL A 113 30.58 27.21 -40.34
CA VAL A 113 30.70 28.46 -41.08
C VAL A 113 32.18 28.83 -41.15
N ILE A 114 32.75 28.80 -42.37
CA ILE A 114 34.12 29.21 -42.60
C ILE A 114 34.18 30.74 -42.57
N PRO A 115 34.98 31.34 -41.67
CA PRO A 115 35.00 32.79 -41.49
C PRO A 115 35.80 33.52 -42.59
N ASP A 116 35.42 34.77 -42.85
CA ASP A 116 36.04 35.59 -43.88
C ASP A 116 37.25 36.33 -43.26
N ILE A 117 38.46 35.90 -43.62
CA ILE A 117 39.70 36.54 -43.17
C ILE A 117 39.95 37.77 -44.07
N GLN A 118 39.90 38.96 -43.46
CA GLN A 118 39.87 40.23 -44.19
C GLN A 118 41.20 40.45 -44.91
N ASN A 119 42.28 40.59 -44.14
CA ASN A 119 43.61 40.92 -44.65
C ASN A 119 44.61 39.93 -44.06
N PRO A 120 44.96 38.83 -44.78
CA PRO A 120 45.90 37.85 -44.24
C PRO A 120 47.32 38.40 -44.12
N ASP A 121 48.13 37.75 -43.27
CA ASP A 121 49.50 38.17 -42.97
C ASP A 121 50.25 36.96 -42.40
N PRO A 122 50.33 35.84 -43.14
CA PRO A 122 50.81 34.58 -42.59
C PRO A 122 52.25 34.66 -42.05
N ALA A 123 52.48 34.08 -40.87
CA ALA A 123 53.79 34.09 -40.22
C ALA A 123 53.88 32.96 -39.21
N VAL A 124 55.12 32.51 -38.96
CA VAL A 124 55.44 31.51 -37.95
C VAL A 124 56.35 32.16 -36.91
N TYR A 125 55.87 32.22 -35.66
CA TYR A 125 56.59 32.81 -34.54
C TYR A 125 57.00 31.74 -33.54
N GLN A 126 57.99 32.07 -32.71
CA GLN A 126 58.42 31.23 -31.60
C GLN A 126 58.05 31.92 -30.28
N LEU A 127 57.30 31.22 -29.45
CA LEU A 127 56.87 31.71 -28.14
C LEU A 127 57.60 30.90 -27.05
N ARG A 128 57.94 31.55 -25.93
CA ARG A 128 58.76 30.95 -24.87
C ARG A 128 57.93 30.80 -23.58
N ASP A 129 58.15 29.69 -22.87
CA ASP A 129 57.46 29.38 -21.62
C ASP A 129 57.88 30.40 -20.54
N SER A 130 56.88 30.90 -19.81
CA SER A 130 57.03 32.01 -18.87
C SER A 130 57.98 31.64 -17.71
N LYS A 131 57.99 30.35 -17.34
CA LYS A 131 58.79 29.85 -16.22
C LYS A 131 60.15 29.39 -16.75
N SER A 132 60.16 28.31 -17.55
CA SER A 132 61.38 27.73 -18.11
C SER A 132 61.54 28.15 -19.57
N SER A 133 62.47 29.09 -19.82
CA SER A 133 62.57 29.82 -21.09
C SER A 133 63.18 28.95 -22.21
N ASP A 134 63.78 27.80 -21.85
CA ASP A 134 64.37 26.88 -22.82
C ASP A 134 63.27 26.25 -23.70
N LYS A 135 62.13 25.88 -23.09
CA LYS A 135 61.00 25.29 -23.80
C LYS A 135 60.29 26.37 -24.64
N SER A 136 59.72 25.96 -25.78
CA SER A 136 59.07 26.87 -26.72
C SER A 136 58.04 26.13 -27.58
N VAL A 137 57.15 26.91 -28.20
CA VAL A 137 56.19 26.42 -29.20
C VAL A 137 56.36 27.28 -30.46
N CYS A 138 55.83 26.78 -31.58
CA CYS A 138 55.81 27.52 -32.84
C CYS A 138 54.36 27.81 -33.24
N LEU A 139 54.08 29.10 -33.49
CA LEU A 139 52.72 29.59 -33.74
C LEU A 139 52.63 30.06 -35.20
N PHE A 140 52.04 29.21 -36.05
CA PHE A 140 51.65 29.57 -37.42
C PHE A 140 50.28 30.26 -37.35
N THR A 141 50.22 31.51 -37.84
CA THR A 141 49.04 32.37 -37.61
C THR A 141 48.82 33.33 -38.79
N ASP A 142 47.60 33.88 -38.85
CA ASP A 142 47.17 34.98 -39.73
C ASP A 142 47.17 34.54 -41.20
N PHE A 143 46.83 33.27 -41.45
CA PHE A 143 46.65 32.75 -42.80
C PHE A 143 45.15 32.70 -43.13
N ASP A 144 44.84 32.60 -44.42
CA ASP A 144 43.45 32.54 -44.91
C ASP A 144 42.93 31.11 -44.79
N SER A 145 41.63 30.93 -45.04
CA SER A 145 40.92 29.68 -44.79
C SER A 145 41.28 28.60 -45.83
N GLN A 146 41.84 29.02 -46.97
CA GLN A 146 42.19 28.11 -48.08
C GLN A 146 43.45 27.29 -47.73
N THR A 147 44.24 27.74 -46.75
CA THR A 147 45.42 27.00 -46.28
C THR A 147 45.00 25.86 -45.36
N ASN A 148 45.64 24.69 -45.54
CA ASN A 148 45.38 23.47 -44.75
C ASN A 148 46.65 23.09 -43.99
N VAL A 149 46.52 22.89 -42.67
CA VAL A 149 47.63 22.53 -41.79
C VAL A 149 47.60 21.00 -41.60
N SER A 150 48.64 20.33 -42.10
CA SER A 150 48.81 18.88 -41.97
C SER A 150 49.71 18.58 -40.77
N GLN A 151 49.60 17.35 -40.25
CA GLN A 151 50.44 16.85 -39.15
C GLN A 151 51.87 16.63 -39.67
N SER A 152 52.82 16.50 -38.73
CA SER A 152 54.22 16.33 -39.04
C SER A 152 54.51 14.87 -39.41
N LYS A 153 55.60 14.66 -40.15
CA LYS A 153 56.10 13.34 -40.50
C LYS A 153 56.64 12.66 -39.23
N ASP A 154 57.43 13.42 -38.46
CA ASP A 154 57.97 12.97 -37.17
C ASP A 154 56.84 12.94 -36.13
N SER A 155 56.75 11.83 -35.39
CA SER A 155 55.68 11.59 -34.42
C SER A 155 56.03 12.21 -33.05
N ASP A 156 57.30 12.60 -32.87
CA ASP A 156 57.75 13.32 -31.68
C ASP A 156 57.39 14.81 -31.80
N VAL A 157 57.11 15.26 -33.03
CA VAL A 157 56.60 16.61 -33.29
C VAL A 157 55.07 16.58 -33.27
N TYR A 158 54.46 17.54 -32.56
CA TYR A 158 53.00 17.65 -32.43
C TYR A 158 52.54 18.95 -33.13
N ILE A 159 51.48 18.84 -33.94
CA ILE A 159 50.85 19.98 -34.58
C ILE A 159 49.33 19.85 -34.40
N THR A 160 48.70 20.96 -34.01
CA THR A 160 47.25 21.01 -33.79
C THR A 160 46.55 21.28 -35.11
N ASP A 161 45.23 21.04 -35.12
CA ASP A 161 44.38 21.46 -36.21
C ASP A 161 44.28 22.99 -36.18
N LYS A 162 43.99 23.60 -37.34
CA LYS A 162 43.81 25.04 -37.42
C LYS A 162 42.59 25.44 -36.60
N CYS A 163 42.59 26.68 -36.10
CA CYS A 163 41.59 27.20 -35.20
C CYS A 163 41.45 28.72 -35.40
N VAL A 164 40.22 29.23 -35.31
CA VAL A 164 39.92 30.64 -35.58
C VAL A 164 39.44 31.32 -34.28
N LEU A 165 40.07 32.45 -33.96
CA LEU A 165 39.70 33.30 -32.83
C LEU A 165 39.14 34.62 -33.34
N ASP A 166 38.39 35.32 -32.49
CA ASP A 166 37.66 36.53 -32.84
C ASP A 166 37.87 37.58 -31.73
N MET A 167 38.72 38.57 -32.02
CA MET A 167 38.89 39.74 -31.18
C MET A 167 37.71 40.69 -31.45
N ARG A 168 36.66 40.57 -30.63
CA ARG A 168 35.33 41.10 -30.92
C ARG A 168 35.35 42.63 -31.00
N SER A 169 36.03 43.28 -30.05
CA SER A 169 36.03 44.74 -29.94
C SER A 169 36.60 45.40 -31.20
N MET A 170 37.56 44.74 -31.86
CA MET A 170 38.23 45.27 -33.06
C MET A 170 37.56 44.77 -34.35
N ASP A 171 36.70 43.75 -34.24
CA ASP A 171 36.02 43.13 -35.38
C ASP A 171 37.09 42.49 -36.30
N PHE A 172 37.91 41.63 -35.69
CA PHE A 172 39.07 41.02 -36.31
C PHE A 172 39.06 39.52 -36.02
N LYS A 173 39.34 38.71 -37.07
CA LYS A 173 39.44 37.26 -36.94
C LYS A 173 40.79 36.81 -37.51
N SER A 174 41.33 35.72 -36.96
CA SER A 174 42.61 35.17 -37.39
C SER A 174 42.67 33.66 -37.14
N ASN A 175 43.15 32.92 -38.15
CA ASN A 175 43.44 31.50 -38.03
C ASN A 175 44.78 31.33 -37.31
N SER A 176 44.98 30.15 -36.71
CA SER A 176 46.24 29.80 -36.07
C SER A 176 46.35 28.29 -35.89
N ALA A 177 47.59 27.81 -35.79
CA ALA A 177 47.90 26.45 -35.38
C ALA A 177 49.23 26.46 -34.60
N VAL A 178 49.36 25.55 -33.64
CA VAL A 178 50.52 25.48 -32.75
C VAL A 178 51.27 24.18 -33.02
N ALA A 179 52.60 24.25 -32.96
CA ALA A 179 53.46 23.08 -33.13
C ALA A 179 54.59 23.12 -32.08
N TRP A 180 54.88 21.96 -31.48
CA TRP A 180 55.93 21.81 -30.47
C TRP A 180 56.54 20.41 -30.54
N SER A 181 57.67 20.22 -29.85
CA SER A 181 58.42 18.96 -29.83
C SER A 181 59.42 18.96 -28.68
N ASN A 182 60.37 18.00 -28.72
CA ASN A 182 61.45 17.88 -27.74
C ASN A 182 62.51 16.90 -28.26
N PHE A 186 64.51 20.43 -33.53
CA PHE A 186 63.25 21.03 -33.94
C PHE A 186 63.36 22.56 -33.86
N ALA A 187 63.05 23.22 -34.99
CA ALA A 187 62.98 24.68 -35.08
C ALA A 187 61.71 25.06 -35.86
N CYS A 188 61.27 26.31 -35.68
CA CYS A 188 60.00 26.79 -36.25
C CYS A 188 60.10 26.89 -37.77
N ALA A 189 61.31 27.13 -38.28
CA ALA A 189 61.58 27.19 -39.73
C ALA A 189 61.22 25.87 -40.42
N ASN A 190 61.43 24.76 -39.71
CA ASN A 190 61.23 23.40 -40.25
C ASN A 190 60.09 22.70 -39.50
N ALA A 191 59.08 23.47 -39.05
CA ALA A 191 57.99 22.96 -38.21
C ALA A 191 56.82 22.51 -39.09
N PHE A 192 56.40 23.38 -40.03
CA PHE A 192 55.23 23.17 -40.87
C PHE A 192 55.65 22.86 -42.31
N ASN A 193 56.65 21.98 -42.46
CA ASN A 193 57.21 21.61 -43.77
C ASN A 193 56.19 20.77 -44.56
N ASN A 194 55.49 19.86 -43.86
CA ASN A 194 54.55 18.93 -44.47
C ASN A 194 53.28 19.67 -44.94
N SER A 195 52.99 20.81 -44.30
CA SER A 195 51.87 21.67 -44.70
C SER A 195 52.27 22.53 -45.91
N ILE A 196 51.32 22.72 -46.84
CA ILE A 196 51.48 23.61 -47.98
C ILE A 196 51.09 25.02 -47.52
N ILE A 197 52.10 25.82 -47.14
CA ILE A 197 51.90 27.15 -46.55
C ILE A 197 52.13 28.21 -47.62
N PRO A 198 51.51 29.40 -47.52
CA PRO A 198 51.77 30.51 -48.43
C PRO A 198 53.27 30.84 -48.57
N GLU A 199 53.65 31.37 -49.74
CA GLU A 199 55.06 31.62 -50.06
C GLU A 199 55.52 32.95 -49.43
N ASP A 200 54.57 33.84 -49.12
CA ASP A 200 54.87 35.14 -48.49
C ASP A 200 54.82 35.01 -46.96
N THR A 201 54.94 33.78 -46.45
CA THR A 201 54.91 33.50 -45.01
C THR A 201 56.17 34.10 -44.35
N PHE A 202 55.95 35.00 -43.40
CA PHE A 202 57.02 35.70 -42.69
C PHE A 202 57.63 34.77 -41.63
N PHE A 203 58.93 34.48 -41.80
CA PHE A 203 59.75 33.79 -40.81
C PHE A 203 60.72 34.79 -40.19
N PRO A 204 60.51 35.25 -38.94
CA PRO A 204 61.44 36.18 -38.29
C PRO A 204 62.82 35.55 -38.03
N SER A 205 63.80 36.38 -37.70
CA SER A 205 65.16 35.95 -37.38
C SER A 205 65.25 35.52 -35.91
N GLU B 2 12.54 33.50 -17.01
CA GLU B 2 13.84 32.78 -17.09
C GLU B 2 13.84 31.61 -16.10
N ALA B 3 13.08 30.56 -16.44
CA ALA B 3 12.99 29.33 -15.64
C ALA B 3 14.26 28.48 -15.87
N ALA B 4 15.25 28.68 -14.99
CA ALA B 4 16.58 28.04 -15.11
C ALA B 4 16.59 26.70 -14.35
N VAL B 5 17.48 25.81 -14.81
CA VAL B 5 17.66 24.47 -14.23
C VAL B 5 19.17 24.18 -14.18
N THR B 6 19.62 23.67 -13.02
CA THR B 6 21.04 23.37 -12.79
C THR B 6 21.22 21.86 -12.65
N GLN B 7 22.41 21.38 -13.02
CA GLN B 7 22.80 19.98 -12.91
C GLN B 7 24.17 19.89 -12.23
N SER B 8 24.36 18.83 -11.42
CA SER B 8 25.66 18.56 -10.84
C SER B 8 25.84 17.05 -10.68
N PRO B 9 27.07 16.56 -10.94
CA PRO B 9 28.16 17.35 -11.49
C PRO B 9 27.91 17.71 -12.96
N ARG B 10 28.73 18.61 -13.50
CA ARG B 10 28.67 19.01 -14.90
C ARG B 10 29.57 18.10 -15.75
N ASN B 11 30.48 17.38 -15.09
CA ASN B 11 31.44 16.51 -15.75
C ASN B 11 31.97 15.50 -14.73
N LYS B 12 32.02 14.22 -15.12
CA LYS B 12 32.27 13.12 -14.19
C LYS B 12 33.02 11.98 -14.88
N VAL B 13 34.08 11.50 -14.22
CA VAL B 13 34.82 10.30 -14.61
C VAL B 13 34.58 9.23 -13.54
N ALA B 14 34.07 8.07 -13.98
CA ALA B 14 33.67 6.97 -13.09
C ALA B 14 34.25 5.65 -13.62
N VAL B 15 34.32 4.65 -12.73
CA VAL B 15 34.83 3.31 -13.07
C VAL B 15 33.62 2.37 -13.21
N THR B 16 33.80 1.31 -14.01
CA THR B 16 32.82 0.24 -14.18
C THR B 16 32.51 -0.39 -12.81
N GLY B 17 31.22 -0.59 -12.54
CA GLY B 17 30.75 -1.18 -11.29
C GLY B 17 30.58 -0.15 -10.18
N GLY B 18 31.04 1.07 -10.42
CA GLY B 18 30.91 2.18 -9.46
C GLY B 18 29.50 2.75 -9.46
N LYS B 19 29.19 3.50 -8.40
CA LYS B 19 27.92 4.21 -8.28
C LYS B 19 28.11 5.66 -8.72
N VAL B 20 27.21 6.13 -9.59
CA VAL B 20 27.20 7.50 -10.08
C VAL B 20 25.80 8.08 -9.89
N THR B 21 25.74 9.28 -9.30
CA THR B 21 24.48 10.00 -9.06
C THR B 21 24.54 11.36 -9.76
N LEU B 22 23.68 11.54 -10.76
CA LEU B 22 23.50 12.81 -11.44
C LEU B 22 22.30 13.54 -10.79
N SER B 23 22.54 14.76 -10.32
CA SER B 23 21.53 15.57 -9.63
C SER B 23 21.00 16.65 -10.58
N CYS B 24 19.80 17.14 -10.25
CA CYS B 24 19.14 18.20 -10.99
C CYS B 24 18.29 19.04 -10.03
N ASN B 25 18.63 20.33 -9.91
CA ASN B 25 17.90 21.27 -9.06
C ASN B 25 17.14 22.27 -9.92
N GLN B 26 15.96 22.66 -9.45
CA GLN B 26 15.01 23.50 -10.16
C GLN B 26 14.15 24.25 -9.13
N THR B 27 14.17 25.59 -9.18
CA THR B 27 13.53 26.45 -8.16
C THR B 27 12.25 27.11 -8.71
N ASN B 28 11.71 26.57 -9.81
CA ASN B 28 10.61 27.18 -10.57
C ASN B 28 9.25 26.66 -10.09
N ASN B 29 9.27 25.68 -9.16
CA ASN B 29 8.07 25.05 -8.60
C ASN B 29 7.33 24.28 -9.70
N HIS B 30 8.10 23.67 -10.61
CA HIS B 30 7.58 22.81 -11.66
C HIS B 30 7.34 21.41 -11.09
N ASN B 31 6.12 20.89 -11.29
CA ASN B 31 5.75 19.54 -10.88
C ASN B 31 6.60 18.50 -11.63
N ASN B 32 6.89 18.78 -12.91
CA ASN B 32 7.33 17.78 -13.86
C ASN B 32 8.83 17.96 -14.14
N MET B 33 9.59 16.87 -14.02
CA MET B 33 11.02 16.85 -14.35
C MET B 33 11.34 15.59 -15.17
N TYR B 34 12.39 15.70 -16.01
CA TYR B 34 12.68 14.72 -17.06
C TYR B 34 14.20 14.52 -17.17
N TRP B 35 14.61 13.29 -17.48
CA TRP B 35 16.02 12.92 -17.66
C TRP B 35 16.21 12.33 -19.06
N TYR B 36 17.15 12.90 -19.81
CA TYR B 36 17.51 12.46 -21.14
C TYR B 36 19.02 12.16 -21.20
N ARG B 37 19.43 11.34 -22.18
CA ARG B 37 20.84 11.24 -22.60
C ARG B 37 20.93 11.51 -24.10
N GLN B 38 22.06 12.10 -24.51
CA GLN B 38 22.34 12.47 -25.89
C GLN B 38 23.53 11.64 -26.39
N ASP B 39 23.33 10.94 -27.51
CA ASP B 39 24.35 10.13 -28.19
C ASP B 39 24.33 10.45 -29.69
N THR B 40 25.48 10.31 -30.35
CA THR B 40 25.61 10.56 -31.78
C THR B 40 24.76 9.55 -32.55
N GLY B 41 24.08 10.02 -33.60
CA GLY B 41 23.20 9.22 -34.43
C GLY B 41 21.78 9.16 -33.89
N HIS B 42 21.56 9.73 -32.70
CA HIS B 42 20.26 9.76 -32.03
C HIS B 42 19.95 11.17 -31.54
N GLY B 43 18.66 11.49 -31.46
CA GLY B 43 18.19 12.65 -30.71
C GLY B 43 18.21 12.34 -29.23
N LEU B 44 17.80 13.32 -28.40
CA LEU B 44 17.65 13.07 -26.97
C LEU B 44 16.63 11.96 -26.76
N ARG B 45 16.95 11.02 -25.86
CA ARG B 45 16.12 9.88 -25.53
C ARG B 45 15.81 9.90 -24.03
N LEU B 46 14.52 9.74 -23.71
CA LEU B 46 14.01 9.84 -22.36
C LEU B 46 14.35 8.57 -21.58
N ILE B 47 14.83 8.74 -20.33
CA ILE B 47 15.24 7.66 -19.45
C ILE B 47 14.18 7.48 -18.35
N HIS B 48 13.98 8.55 -17.56
CA HIS B 48 13.03 8.57 -16.46
C HIS B 48 12.41 9.98 -16.38
N TYR B 49 11.17 10.05 -15.89
CA TYR B 49 10.54 11.33 -15.62
C TYR B 49 9.69 11.22 -14.35
N SER B 50 9.27 12.38 -13.82
CA SER B 50 8.55 12.48 -12.57
C SER B 50 7.50 13.59 -12.67
N TYR B 51 6.31 13.30 -12.14
CA TYR B 51 5.18 14.23 -12.15
C TYR B 51 5.05 14.92 -10.77
N GLY B 52 5.97 14.62 -9.84
CA GLY B 52 5.96 15.23 -8.51
C GLY B 52 6.78 14.42 -7.52
N ALA B 53 7.01 15.01 -6.33
CA ALA B 53 7.79 14.40 -5.27
C ALA B 53 7.23 13.00 -4.95
N GLY B 54 8.11 12.00 -4.98
CA GLY B 54 7.76 10.61 -4.64
C GLY B 54 7.52 9.76 -5.87
N SER B 55 7.11 10.40 -6.97
CA SER B 55 6.81 9.72 -8.24
C SER B 55 8.09 9.61 -9.08
N THR B 56 8.27 8.44 -9.68
CA THR B 56 9.21 8.24 -10.79
C THR B 56 8.53 7.32 -11.80
N GLU B 57 8.71 7.62 -13.09
CA GLU B 57 8.10 6.89 -14.19
C GLU B 57 9.17 6.55 -15.22
N LYS B 58 9.07 5.36 -15.81
CA LYS B 58 10.02 4.86 -16.79
C LYS B 58 9.84 5.61 -18.11
N GLY B 59 10.96 5.96 -18.75
CA GLY B 59 10.99 6.57 -20.07
C GLY B 59 11.02 5.52 -21.16
N ASP B 60 11.79 5.80 -22.21
CA ASP B 60 11.92 4.91 -23.37
C ASP B 60 13.13 3.99 -23.20
N ILE B 61 14.15 4.46 -22.47
CA ILE B 61 15.39 3.68 -22.26
C ILE B 61 15.76 3.69 -20.77
N PRO B 62 14.89 3.11 -19.90
CA PRO B 62 15.13 3.13 -18.45
C PRO B 62 16.21 2.16 -17.94
N ASP B 63 16.51 1.11 -18.71
CA ASP B 63 17.38 0.02 -18.28
C ASP B 63 18.75 0.56 -17.86
N GLY B 64 19.17 0.17 -16.65
CA GLY B 64 20.48 0.52 -16.10
C GLY B 64 20.44 1.78 -15.26
N TYR B 65 19.26 2.40 -15.13
CA TYR B 65 19.10 3.67 -14.40
C TYR B 65 17.96 3.53 -13.39
N LYS B 66 18.15 4.17 -12.23
CA LYS B 66 17.09 4.38 -11.23
C LYS B 66 16.93 5.89 -11.03
N ALA B 67 15.67 6.35 -10.97
CA ALA B 67 15.34 7.74 -10.74
C ALA B 67 14.96 7.93 -9.27
N SER B 68 14.89 9.20 -8.84
CA SER B 68 14.57 9.56 -7.48
C SER B 68 14.12 11.03 -7.43
N ARG B 69 12.90 11.25 -6.94
CA ARG B 69 12.32 12.58 -6.79
C ARG B 69 12.01 12.81 -5.31
N PRO B 70 13.03 13.04 -4.45
CA PRO B 70 12.79 13.24 -3.02
C PRO B 70 12.02 14.53 -2.68
N SER B 71 12.13 15.54 -3.54
CA SER B 71 11.44 16.82 -3.36
C SER B 71 11.01 17.39 -4.72
N GLN B 72 10.22 18.47 -4.67
CA GLN B 72 9.76 19.20 -5.87
C GLN B 72 10.97 19.76 -6.64
N GLU B 73 12.05 20.08 -5.90
CA GLU B 73 13.20 20.80 -6.43
C GLU B 73 14.18 19.84 -7.12
N ASN B 74 14.42 18.67 -6.52
CA ASN B 74 15.53 17.78 -6.89
C ASN B 74 15.00 16.52 -7.58
N PHE B 75 15.68 16.13 -8.67
CA PHE B 75 15.43 14.90 -9.40
C PHE B 75 16.79 14.29 -9.76
N SER B 76 17.04 13.06 -9.28
CA SER B 76 18.34 12.40 -9.42
C SER B 76 18.24 11.22 -10.39
N LEU B 77 19.30 11.03 -11.19
CA LEU B 77 19.48 9.83 -11.98
C LEU B 77 20.63 9.02 -11.38
N ILE B 78 20.36 7.77 -11.01
CA ILE B 78 21.28 6.93 -10.28
C ILE B 78 21.68 5.74 -11.16
N LEU B 79 22.98 5.67 -11.47
CA LEU B 79 23.60 4.51 -12.09
C LEU B 79 24.17 3.63 -10.97
N GLU B 80 23.46 2.56 -10.63
CA GLU B 80 23.78 1.72 -9.48
C GLU B 80 25.10 1.00 -9.75
N LEU B 81 25.21 0.40 -10.94
CA LEU B 81 26.44 -0.25 -11.44
C LEU B 81 26.76 0.35 -12.82
N ALA B 82 27.69 1.30 -12.84
CA ALA B 82 28.06 2.04 -14.06
C ALA B 82 28.71 1.08 -15.07
N THR B 83 28.49 1.37 -16.35
CA THR B 83 29.05 0.60 -17.46
C THR B 83 29.50 1.56 -18.56
N PRO B 84 30.48 1.18 -19.41
CA PRO B 84 30.94 2.02 -20.52
C PRO B 84 29.83 2.51 -21.48
N SER B 85 28.75 1.73 -21.62
CA SER B 85 27.63 2.04 -22.51
C SER B 85 26.85 3.25 -22.00
N GLN B 86 27.02 3.60 -20.72
CA GLN B 86 26.35 4.74 -20.10
C GLN B 86 27.21 6.00 -20.22
N THR B 87 28.33 5.92 -20.94
CA THR B 87 29.08 7.10 -21.37
C THR B 87 28.20 7.91 -22.32
N SER B 88 27.89 9.15 -21.94
CA SER B 88 26.94 9.99 -22.68
C SER B 88 26.99 11.42 -22.16
N VAL B 89 26.17 12.29 -22.75
CA VAL B 89 25.86 13.61 -22.22
C VAL B 89 24.40 13.58 -21.75
N TYR B 90 24.19 13.82 -20.45
CA TYR B 90 22.87 13.71 -19.83
C TYR B 90 22.27 15.10 -19.64
N PHE B 91 21.03 15.28 -20.09
CA PHE B 91 20.30 16.53 -19.97
C PHE B 91 19.08 16.32 -19.08
N CYS B 92 18.94 17.18 -18.07
CA CYS B 92 17.78 17.27 -17.21
C CYS B 92 16.87 18.38 -17.73
N ALA B 93 15.57 18.26 -17.44
CA ALA B 93 14.59 19.27 -17.83
C ALA B 93 13.45 19.32 -16.80
N SER B 94 12.72 20.44 -16.80
CA SER B 94 11.54 20.64 -15.98
C SER B 94 10.49 21.41 -16.78
N GLY B 95 9.24 21.39 -16.28
CA GLY B 95 8.14 22.11 -16.88
C GLY B 95 6.87 22.01 -16.05
N ASP B 96 5.96 22.97 -16.27
CA ASP B 96 4.65 22.98 -15.60
C ASP B 96 3.67 22.18 -16.47
N GLU B 97 2.41 22.58 -16.50
CA GLU B 97 1.36 21.86 -17.21
C GLU B 97 1.48 22.08 -18.73
N GLY B 98 2.20 23.14 -19.14
CA GLY B 98 2.43 23.45 -20.56
C GLY B 98 3.37 22.47 -21.22
N TYR B 99 3.55 22.62 -22.53
CA TYR B 99 4.32 21.66 -23.33
C TYR B 99 5.83 21.97 -23.28
N THR B 100 6.20 23.17 -22.84
CA THR B 100 7.59 23.62 -22.80
C THR B 100 8.36 22.87 -21.70
N GLN B 101 9.50 22.30 -22.09
CA GLN B 101 10.48 21.75 -21.16
C GLN B 101 11.74 22.61 -21.20
N TYR B 102 12.18 23.09 -20.02
CA TYR B 102 13.35 23.94 -19.86
C TYR B 102 14.54 23.06 -19.48
N PHE B 103 15.56 23.02 -20.34
CA PHE B 103 16.65 22.06 -20.24
C PHE B 103 17.82 22.65 -19.43
N GLY B 104 18.49 21.79 -18.67
CA GLY B 104 19.71 22.13 -17.96
C GLY B 104 20.91 22.15 -18.91
N PRO B 105 22.11 22.52 -18.41
CA PRO B 105 23.27 22.75 -19.28
C PRO B 105 24.01 21.47 -19.72
N GLY B 106 23.62 20.33 -19.16
CA GLY B 106 24.14 19.03 -19.54
C GLY B 106 25.20 18.54 -18.55
N THR B 107 25.35 17.21 -18.50
CA THR B 107 26.36 16.54 -17.69
C THR B 107 27.09 15.52 -18.58
N ARG B 108 28.42 15.69 -18.71
CA ARG B 108 29.25 14.74 -19.45
C ARG B 108 29.75 13.66 -18.50
N LEU B 109 29.35 12.41 -18.77
CA LEU B 109 29.79 11.24 -18.01
C LEU B 109 30.64 10.34 -18.91
N LEU B 110 31.83 9.98 -18.42
CA LEU B 110 32.69 8.99 -19.03
C LEU B 110 32.88 7.84 -18.02
N VAL B 111 32.63 6.61 -18.47
CA VAL B 111 32.81 5.42 -17.65
C VAL B 111 33.97 4.61 -18.23
N LEU B 112 35.06 4.51 -17.47
CA LEU B 112 36.28 3.81 -17.87
C LEU B 112 36.24 2.38 -17.33
N GLU B 113 36.99 1.49 -17.98
CA GLU B 113 37.18 0.10 -17.54
C GLU B 113 37.94 0.11 -16.21
N ASP B 114 39.05 0.86 -16.17
CA ASP B 114 39.91 1.00 -15.01
C ASP B 114 40.35 2.46 -14.89
N LEU B 115 40.81 2.85 -13.68
CA LEU B 115 41.24 4.22 -13.39
C LEU B 115 42.78 4.33 -13.34
N ARG B 116 43.48 3.26 -13.73
CA ARG B 116 44.93 3.14 -13.51
C ARG B 116 45.70 4.23 -14.27
N ASN B 117 45.18 4.62 -15.44
CA ASN B 117 45.88 5.51 -16.37
C ASN B 117 45.51 6.98 -16.13
N VAL B 118 44.58 7.26 -15.20
CA VAL B 118 44.10 8.61 -14.96
C VAL B 118 45.27 9.46 -14.42
N THR B 119 45.47 10.64 -15.03
CA THR B 119 46.60 11.52 -14.75
C THR B 119 46.22 12.97 -15.04
N PRO B 120 46.51 13.93 -14.13
CA PRO B 120 46.19 15.34 -14.38
C PRO B 120 47.19 15.97 -15.34
N PRO B 121 46.87 17.14 -15.93
CA PRO B 121 47.77 17.82 -16.85
C PRO B 121 48.88 18.65 -16.17
N LYS B 122 50.02 18.78 -16.86
CA LYS B 122 50.94 19.89 -16.66
C LYS B 122 50.46 21.04 -17.56
N VAL B 123 50.65 22.28 -17.10
CA VAL B 123 50.18 23.45 -17.84
C VAL B 123 51.34 24.45 -17.97
N SER B 124 51.56 24.92 -19.19
CA SER B 124 52.57 25.92 -19.51
C SER B 124 51.92 27.07 -20.29
N LEU B 125 52.30 28.30 -19.94
CA LEU B 125 51.89 29.51 -20.65
C LEU B 125 53.10 30.04 -21.42
N PHE B 126 52.94 30.16 -22.74
CA PHE B 126 53.99 30.67 -23.62
C PHE B 126 53.68 32.14 -23.93
N GLU B 127 54.68 33.01 -23.69
CA GLU B 127 54.54 34.45 -23.81
C GLU B 127 54.66 34.87 -25.26
N PRO B 128 53.97 35.95 -25.69
CA PRO B 128 54.04 36.44 -27.07
C PRO B 128 55.46 36.80 -27.54
N SER B 129 55.74 36.54 -28.81
CA SER B 129 57.04 36.84 -29.43
C SER B 129 57.10 38.33 -29.78
N LYS B 130 58.30 38.91 -29.67
CA LYS B 130 58.57 40.31 -29.97
C LYS B 130 58.31 40.57 -31.47
N ALA B 131 58.64 39.57 -32.30
CA ALA B 131 58.43 39.61 -33.75
C ALA B 131 56.96 39.92 -34.06
N GLU B 132 56.06 39.13 -33.47
CA GLU B 132 54.62 39.27 -33.67
C GLU B 132 54.16 40.68 -33.26
N ILE B 133 54.63 41.14 -32.09
CA ILE B 133 54.19 42.42 -31.50
C ILE B 133 54.48 43.57 -32.47
N SER B 134 55.72 43.64 -32.98
CA SER B 134 56.15 44.73 -33.86
C SER B 134 55.49 44.61 -35.25
N HIS B 135 55.21 43.37 -35.68
CA HIS B 135 54.70 43.09 -37.03
C HIS B 135 53.19 43.33 -37.13
N THR B 136 52.44 43.07 -36.05
CA THR B 136 50.97 43.13 -36.07
C THR B 136 50.40 44.19 -35.11
N GLN B 137 51.19 44.58 -34.10
CA GLN B 137 50.69 45.31 -32.93
C GLN B 137 49.60 44.47 -32.24
N LYS B 138 49.88 43.17 -32.15
CA LYS B 138 49.04 42.20 -31.46
C LYS B 138 49.95 41.15 -30.79
N ALA B 139 49.47 40.62 -29.65
CA ALA B 139 50.22 39.69 -28.83
C ALA B 139 49.36 38.45 -28.56
N THR B 140 49.89 37.27 -28.96
CA THR B 140 49.22 35.99 -28.78
C THR B 140 49.93 35.20 -27.68
N LEU B 141 49.22 34.96 -26.57
CA LEU B 141 49.62 34.00 -25.56
C LEU B 141 49.16 32.62 -26.01
N VAL B 142 49.94 31.58 -25.68
CA VAL B 142 49.58 30.21 -25.99
C VAL B 142 49.71 29.38 -24.72
N CYS B 143 48.62 28.68 -24.38
CA CYS B 143 48.56 27.74 -23.28
C CYS B 143 48.68 26.32 -23.80
N LEU B 144 49.27 25.43 -22.99
CA LEU B 144 49.56 24.07 -23.41
C LEU B 144 49.36 23.12 -22.22
N ALA B 145 48.21 22.42 -22.22
CA ALA B 145 47.92 21.34 -21.27
C ALA B 145 48.45 20.03 -21.86
N THR B 146 49.24 19.28 -21.09
CA THR B 146 49.93 18.09 -21.60
C THR B 146 49.95 16.97 -20.55
N GLY B 147 49.85 15.73 -21.04
CA GLY B 147 50.14 14.52 -20.26
C GLY B 147 48.97 14.06 -19.40
N PHE B 148 47.74 14.36 -19.83
CA PHE B 148 46.55 14.10 -19.02
C PHE B 148 45.71 12.98 -19.64
N TYR B 149 44.94 12.30 -18.78
CA TYR B 149 44.04 11.22 -19.15
C TYR B 149 42.96 11.09 -18.06
N PRO B 150 41.69 10.92 -18.44
CA PRO B 150 41.17 10.97 -19.79
C PRO B 150 41.14 12.41 -20.36
N ASP B 151 40.34 12.63 -21.41
CA ASP B 151 40.34 13.89 -22.16
C ASP B 151 39.22 14.82 -21.66
N HIS B 152 38.87 14.75 -20.38
CA HIS B 152 37.82 15.57 -19.77
C HIS B 152 38.46 16.78 -19.08
N VAL B 153 38.75 17.82 -19.87
CA VAL B 153 39.35 19.05 -19.36
C VAL B 153 38.54 20.25 -19.89
N GLU B 154 38.49 21.32 -19.09
CA GLU B 154 37.92 22.61 -19.48
C GLU B 154 39.01 23.68 -19.33
N LEU B 155 39.57 24.11 -20.47
CA LEU B 155 40.59 25.15 -20.51
C LEU B 155 39.91 26.52 -20.58
N SER B 156 40.33 27.44 -19.70
CA SER B 156 39.76 28.79 -19.62
C SER B 156 40.87 29.82 -19.41
N TRP B 157 40.65 31.02 -19.96
CA TRP B 157 41.57 32.16 -19.85
C TRP B 157 41.01 33.19 -18.86
N TRP B 158 41.92 33.75 -18.05
CA TRP B 158 41.57 34.67 -16.98
C TRP B 158 42.55 35.85 -16.98
N VAL B 159 42.00 37.06 -17.14
CA VAL B 159 42.76 38.30 -17.07
C VAL B 159 42.28 39.10 -15.85
N ASN B 160 43.20 39.33 -14.91
CA ASN B 160 42.94 40.09 -13.67
C ASN B 160 41.74 39.46 -12.94
N GLY B 161 41.78 38.14 -12.79
CA GLY B 161 40.80 37.37 -12.01
C GLY B 161 39.42 37.31 -12.64
N LYS B 162 39.32 37.68 -13.91
CA LYS B 162 38.04 37.65 -14.62
C LYS B 162 38.23 36.93 -15.97
N GLU B 163 37.27 36.05 -16.28
CA GLU B 163 37.34 35.15 -17.42
C GLU B 163 37.14 35.93 -18.72
N VAL B 164 38.00 35.68 -19.70
CA VAL B 164 37.94 36.35 -21.01
C VAL B 164 37.57 35.31 -22.07
N HIS B 165 36.64 35.70 -22.95
CA HIS B 165 36.17 34.88 -24.07
C HIS B 165 36.62 35.48 -25.40
N SER B 166 36.57 36.81 -25.50
CA SER B 166 37.02 37.54 -26.69
C SER B 166 38.51 37.25 -26.93
N GLY B 167 38.84 36.94 -28.19
CA GLY B 167 40.20 36.72 -28.65
C GLY B 167 40.75 35.37 -28.22
N VAL B 168 39.87 34.42 -27.91
CA VAL B 168 40.28 33.08 -27.48
C VAL B 168 39.77 32.05 -28.49
N CYS B 169 40.57 31.00 -28.70
CA CYS B 169 40.10 29.78 -29.36
C CYS B 169 40.92 28.60 -28.82
N THR B 170 40.22 27.49 -28.56
CA THR B 170 40.80 26.25 -28.02
C THR B 170 40.55 25.11 -29.00
N ASP B 171 41.52 24.19 -29.09
CA ASP B 171 41.43 23.03 -29.97
C ASP B 171 40.09 22.34 -29.74
N PRO B 172 39.32 22.00 -30.80
CA PRO B 172 37.99 21.42 -30.63
C PRO B 172 38.03 20.09 -29.85
N GLN B 173 39.10 19.31 -30.04
CA GLN B 173 39.37 18.10 -29.24
C GLN B 173 40.88 17.96 -29.02
N PRO B 174 41.31 17.30 -27.91
CA PRO B 174 42.73 17.10 -27.64
C PRO B 174 43.36 16.02 -28.53
N LEU B 175 44.66 16.18 -28.82
CA LEU B 175 45.41 15.21 -29.63
C LEU B 175 46.13 14.23 -28.69
N LYS B 176 46.39 13.02 -29.21
CA LYS B 176 47.03 11.94 -28.45
C LYS B 176 48.55 12.06 -28.59
N GLU B 177 49.25 11.90 -27.45
CA GLU B 177 50.71 12.07 -27.37
C GLU B 177 51.41 10.84 -27.95
N GLN B 178 50.81 9.66 -27.74
CA GLN B 178 51.34 8.37 -28.21
C GLN B 178 50.23 7.61 -28.92
N PRO B 179 49.85 7.99 -30.16
CA PRO B 179 48.73 7.37 -30.87
C PRO B 179 48.82 5.83 -30.99
N ALA B 180 50.05 5.31 -30.99
CA ALA B 180 50.32 3.87 -31.06
C ALA B 180 49.79 3.15 -29.81
N LEU B 181 49.99 3.75 -28.63
CA LEU B 181 49.62 3.14 -27.35
C LEU B 181 48.11 3.21 -27.16
N ASN B 182 47.59 2.29 -26.32
CA ASN B 182 46.16 2.06 -26.15
C ASN B 182 45.53 3.18 -25.32
N ASP B 183 46.18 3.51 -24.19
CA ASP B 183 45.67 4.46 -23.21
C ASP B 183 46.55 5.71 -23.21
N SER B 184 46.73 6.29 -24.41
CA SER B 184 47.61 7.43 -24.65
C SER B 184 47.17 8.63 -23.80
N ARG B 185 48.16 9.41 -23.33
CA ARG B 185 47.91 10.68 -22.67
C ARG B 185 47.56 11.72 -23.74
N TYR B 186 46.86 12.77 -23.32
CA TYR B 186 46.35 13.80 -24.22
C TYR B 186 47.11 15.12 -24.03
N SER B 187 47.09 15.94 -25.08
CA SER B 187 47.56 17.32 -25.05
C SER B 187 46.49 18.23 -25.66
N LEU B 188 46.38 19.44 -25.13
CA LEU B 188 45.42 20.43 -25.58
C LEU B 188 46.11 21.80 -25.59
N SER B 189 45.79 22.60 -26.62
CA SER B 189 46.33 23.95 -26.76
C SER B 189 45.18 24.96 -26.83
N SER B 190 45.49 26.20 -26.43
CA SER B 190 44.58 27.33 -26.57
C SER B 190 45.41 28.61 -26.77
N ARG B 191 44.84 29.56 -27.51
CA ARG B 191 45.48 30.84 -27.77
C ARG B 191 44.57 31.96 -27.22
N LEU B 192 45.21 33.02 -26.72
CA LEU B 192 44.56 34.27 -26.34
C LEU B 192 45.32 35.43 -26.99
N ARG B 193 44.66 36.11 -27.94
CA ARG B 193 45.24 37.25 -28.64
C ARG B 193 44.68 38.56 -28.05
N VAL B 194 45.59 39.48 -27.75
CA VAL B 194 45.27 40.82 -27.24
C VAL B 194 46.10 41.83 -28.02
N SER B 195 45.74 43.11 -27.89
CA SER B 195 46.54 44.21 -28.43
C SER B 195 47.90 44.24 -27.72
N ALA B 196 48.94 44.69 -28.43
CA ALA B 196 50.28 44.78 -27.88
C ALA B 196 50.28 45.68 -26.63
N THR B 197 49.56 46.82 -26.71
CA THR B 197 49.50 47.81 -25.63
C THR B 197 48.91 47.18 -24.35
N PHE B 198 47.96 46.25 -24.53
CA PHE B 198 47.32 45.53 -23.42
C PHE B 198 48.32 44.56 -22.77
N TRP B 199 49.03 43.79 -23.60
CA TRP B 199 50.06 42.85 -23.13
C TRP B 199 51.23 43.61 -22.48
N GLN B 200 51.53 44.80 -23.01
CA GLN B 200 52.68 45.60 -22.57
C GLN B 200 52.44 46.21 -21.19
N ASN B 201 51.16 46.32 -20.78
CA ASN B 201 50.76 46.84 -19.47
C ASN B 201 51.13 45.82 -18.39
N PRO B 202 52.09 46.14 -17.48
CA PRO B 202 52.53 45.19 -16.46
C PRO B 202 51.61 45.03 -15.25
N ARG B 203 50.44 45.68 -15.28
CA ARG B 203 49.41 45.54 -14.24
C ARG B 203 48.38 44.47 -14.66
N ASN B 204 48.41 44.05 -15.93
CA ASN B 204 47.55 43.00 -16.47
C ASN B 204 48.15 41.62 -16.16
N HIS B 205 47.41 40.81 -15.38
CA HIS B 205 47.81 39.47 -14.99
C HIS B 205 47.03 38.43 -15.82
N PHE B 206 47.75 37.64 -16.62
CA PHE B 206 47.18 36.63 -17.50
C PHE B 206 47.36 35.24 -16.88
N ARG B 207 46.31 34.40 -16.96
CA ARG B 207 46.36 33.06 -16.41
C ARG B 207 45.53 32.10 -17.27
N CYS B 208 46.15 30.97 -17.64
CA CYS B 208 45.48 29.86 -18.30
C CYS B 208 45.14 28.78 -17.26
N GLN B 209 43.84 28.50 -17.11
CA GLN B 209 43.34 27.54 -16.11
C GLN B 209 42.77 26.32 -16.84
N VAL B 210 43.22 25.13 -16.42
CA VAL B 210 42.69 23.86 -16.90
C VAL B 210 42.00 23.15 -15.72
N GLN B 211 40.68 22.97 -15.84
CA GLN B 211 39.90 22.17 -14.91
C GLN B 211 39.97 20.69 -15.35
N PHE B 212 40.72 19.89 -14.61
CA PHE B 212 40.84 18.46 -14.88
C PHE B 212 39.78 17.72 -14.06
N TYR B 213 39.13 16.73 -14.69
CA TYR B 213 38.15 15.87 -14.04
C TYR B 213 38.72 14.44 -13.96
N GLY B 214 38.86 13.94 -12.73
CA GLY B 214 39.40 12.62 -12.46
C GLY B 214 38.69 11.96 -11.29
N LEU B 215 39.48 11.45 -10.33
CA LEU B 215 38.96 10.70 -9.19
C LEU B 215 38.42 11.66 -8.12
N SER B 216 37.57 11.12 -7.24
CA SER B 216 37.10 11.84 -6.06
C SER B 216 37.90 11.34 -4.84
N GLU B 217 37.57 11.89 -3.66
CA GLU B 217 38.22 11.52 -2.40
C GLU B 217 37.96 10.04 -2.08
N ASN B 218 36.76 9.55 -2.42
CA ASN B 218 36.27 8.24 -2.01
C ASN B 218 36.85 7.12 -2.88
N ASP B 219 37.29 7.46 -4.10
CA ASP B 219 37.85 6.48 -5.05
C ASP B 219 39.12 5.85 -4.46
N GLU B 220 39.31 4.55 -4.70
CA GLU B 220 40.45 3.78 -4.19
C GLU B 220 41.64 3.97 -5.12
N TRP B 221 42.85 3.93 -4.55
CA TRP B 221 44.11 4.22 -5.26
C TRP B 221 45.25 3.42 -4.63
N THR B 222 45.89 2.56 -5.44
CA THR B 222 46.91 1.61 -4.98
C THR B 222 48.31 2.00 -5.44
N GLN B 223 48.41 2.88 -6.45
CA GLN B 223 49.69 3.26 -7.04
C GLN B 223 50.41 4.25 -6.11
N ASP B 224 51.68 4.53 -6.42
CA ASP B 224 52.60 5.30 -5.57
C ASP B 224 52.50 6.79 -5.87
N ARG B 225 52.35 7.16 -7.15
CA ARG B 225 52.23 8.55 -7.57
C ARG B 225 51.00 9.19 -6.91
N ALA B 226 50.94 10.53 -6.92
CA ALA B 226 49.85 11.29 -6.31
C ALA B 226 48.51 10.88 -6.91
N LYS B 227 47.46 10.94 -6.09
CA LYS B 227 46.11 10.54 -6.46
C LYS B 227 45.56 11.52 -7.50
N PRO B 228 45.23 11.06 -8.72
CA PRO B 228 44.86 11.95 -9.81
C PRO B 228 43.40 12.43 -9.71
N VAL B 229 43.15 13.26 -8.70
CA VAL B 229 41.81 13.71 -8.32
C VAL B 229 41.41 14.92 -9.18
N THR B 230 40.10 15.17 -9.26
CA THR B 230 39.55 16.36 -9.88
C THR B 230 40.26 17.57 -9.28
N GLN B 231 40.82 18.42 -10.14
CA GLN B 231 41.66 19.53 -9.70
C GLN B 231 41.85 20.56 -10.82
N ILE B 232 42.34 21.73 -10.43
CA ILE B 232 42.75 22.79 -11.34
C ILE B 232 44.27 22.79 -11.41
N VAL B 233 44.79 23.00 -12.62
CA VAL B 233 46.19 23.32 -12.85
C VAL B 233 46.22 24.52 -13.80
N SER B 234 47.07 25.50 -13.48
CA SER B 234 47.14 26.75 -14.23
C SER B 234 48.59 27.22 -14.39
N ALA B 235 48.81 28.06 -15.39
CA ALA B 235 50.04 28.80 -15.59
C ALA B 235 49.67 30.28 -15.73
N GLU B 236 50.61 31.17 -15.39
CA GLU B 236 50.35 32.60 -15.31
C GLU B 236 51.60 33.39 -15.71
N ALA B 237 51.37 34.66 -16.09
CA ALA B 237 52.42 35.60 -16.42
C ALA B 237 51.84 37.02 -16.37
N TRP B 238 52.69 37.98 -15.98
CA TRP B 238 52.35 39.40 -15.97
C TRP B 238 52.77 40.03 -17.31
N GLY B 239 52.09 41.11 -17.69
CA GLY B 239 52.48 41.90 -18.85
C GLY B 239 53.84 42.55 -18.64
N ARG B 240 54.43 43.06 -19.73
CA ARG B 240 55.74 43.71 -19.70
C ARG B 240 55.94 44.52 -20.98
N ALA B 241 56.66 45.65 -20.85
CA ALA B 241 56.91 46.58 -21.94
C ALA B 241 57.97 46.00 -22.90
N LYS C 6 -40.86 17.56 -31.15
CA LYS C 6 -40.09 16.55 -31.95
C LYS C 6 -38.61 16.99 -32.03
N ASN C 7 -38.01 17.18 -30.86
CA ASN C 7 -36.61 17.60 -30.72
C ASN C 7 -35.73 16.35 -30.56
N TYR C 8 -35.00 16.00 -31.62
CA TYR C 8 -34.10 14.84 -31.62
C TYR C 8 -32.78 15.22 -30.93
N THR C 9 -32.37 14.39 -29.97
CA THR C 9 -31.08 14.50 -29.32
C THR C 9 -30.10 13.52 -29.97
N PHE C 10 -28.92 14.04 -30.32
CA PHE C 10 -27.83 13.28 -30.89
C PHE C 10 -26.81 12.98 -29.78
N ARG C 11 -26.46 11.70 -29.60
CA ARG C 11 -25.59 11.26 -28.51
C ARG C 11 -24.44 10.41 -29.05
N CYS C 12 -23.21 10.88 -28.82
CA CYS C 12 -21.98 10.12 -29.05
C CYS C 12 -21.49 9.55 -27.71
N LEU C 13 -21.86 8.29 -27.45
CA LEU C 13 -21.52 7.62 -26.20
C LEU C 13 -20.20 6.87 -26.38
N GLN C 14 -19.27 7.12 -25.45
CA GLN C 14 -17.97 6.44 -25.40
C GLN C 14 -17.83 5.76 -24.03
N MET C 15 -17.29 4.54 -24.04
CA MET C 15 -16.97 3.78 -22.84
C MET C 15 -15.52 3.31 -22.95
N SER C 16 -14.70 3.69 -21.97
CA SER C 16 -13.31 3.32 -21.91
C SER C 16 -13.03 2.59 -20.59
N SER C 17 -12.38 1.43 -20.67
CA SER C 17 -12.02 0.61 -19.51
C SER C 17 -10.51 0.40 -19.46
N PHE C 18 -9.91 0.75 -18.32
CA PHE C 18 -8.48 0.55 -18.07
C PHE C 18 -8.33 -0.42 -16.90
N ALA C 19 -7.91 -1.65 -17.20
CA ALA C 19 -7.79 -2.71 -16.19
C ALA C 19 -6.50 -2.54 -15.38
N ASN C 20 -5.41 -2.17 -16.08
CA ASN C 20 -4.10 -1.95 -15.49
C ASN C 20 -3.33 -0.97 -16.40
N ARG C 21 -2.03 -0.80 -16.17
CA ARG C 21 -1.16 0.10 -16.94
C ARG C 21 -1.22 -0.22 -18.44
N SER C 22 -1.20 -1.51 -18.78
CA SER C 22 -1.09 -1.97 -20.16
C SER C 22 -2.48 -2.10 -20.81
N TRP C 23 -3.28 -3.07 -20.33
CA TRP C 23 -4.56 -3.45 -20.93
C TRP C 23 -5.58 -2.31 -20.81
N SER C 24 -6.21 -1.96 -21.93
CA SER C 24 -7.36 -1.05 -21.98
C SER C 24 -8.15 -1.27 -23.28
N ARG C 25 -9.39 -0.81 -23.29
CA ARG C 25 -10.23 -0.86 -24.49
C ARG C 25 -11.20 0.33 -24.47
N THR C 26 -11.59 0.78 -25.66
CA THR C 26 -12.51 1.89 -25.86
C THR C 26 -13.50 1.52 -26.97
N ASP C 27 -14.80 1.57 -26.64
CA ASP C 27 -15.87 1.25 -27.56
C ASP C 27 -16.89 2.41 -27.54
N SER C 28 -17.39 2.79 -28.71
CA SER C 28 -18.34 3.89 -28.85
C SER C 28 -19.59 3.41 -29.60
N VAL C 29 -20.70 4.12 -29.36
CA VAL C 29 -21.94 3.99 -30.11
C VAL C 29 -22.55 5.39 -30.24
N VAL C 30 -23.35 5.61 -31.28
CA VAL C 30 -23.93 6.91 -31.58
C VAL C 30 -25.44 6.73 -31.82
N TRP C 31 -26.24 7.57 -31.15
CA TRP C 31 -27.70 7.53 -31.21
C TRP C 31 -28.23 8.87 -31.72
N LEU C 32 -29.17 8.81 -32.68
CA LEU C 32 -30.02 9.94 -33.04
C LEU C 32 -31.45 9.59 -32.60
N GLY C 33 -31.87 10.15 -31.47
CA GLY C 33 -33.07 9.72 -30.77
C GLY C 33 -32.87 8.33 -30.19
N ASP C 34 -33.68 7.36 -30.65
CA ASP C 34 -33.62 5.98 -30.17
C ASP C 34 -33.12 5.04 -31.30
N LEU C 35 -32.53 5.62 -32.36
CA LEU C 35 -31.95 4.86 -33.46
C LEU C 35 -30.42 4.96 -33.42
N GLN C 36 -29.73 3.82 -33.53
CA GLN C 36 -28.27 3.78 -33.59
C GLN C 36 -27.83 4.14 -35.02
N THR C 37 -26.88 5.06 -35.13
CA THR C 37 -26.37 5.53 -36.42
C THR C 37 -24.94 5.03 -36.67
N HIS C 38 -24.12 5.00 -35.62
CA HIS C 38 -22.72 4.58 -35.75
C HIS C 38 -22.36 3.58 -34.66
N ARG C 39 -21.29 2.81 -34.94
CA ARG C 39 -20.68 1.87 -34.04
C ARG C 39 -19.17 1.96 -34.25
N TRP C 40 -18.40 1.88 -33.16
CA TRP C 40 -16.95 1.87 -33.25
C TRP C 40 -16.39 0.95 -32.17
N SER C 41 -16.13 -0.30 -32.57
CA SER C 41 -15.50 -1.29 -31.72
C SER C 41 -14.02 -0.93 -31.53
N ASN C 42 -13.44 -1.36 -30.41
CA ASN C 42 -12.01 -1.20 -30.15
C ASN C 42 -11.21 -1.86 -31.28
N ASP C 43 -11.68 -3.04 -31.70
CA ASP C 43 -11.01 -3.92 -32.66
C ASP C 43 -10.94 -3.21 -34.03
N SER C 44 -12.01 -2.49 -34.38
CA SER C 44 -12.13 -1.77 -35.66
C SER C 44 -11.24 -0.53 -35.66
N ALA C 45 -10.61 -0.28 -36.82
CA ALA C 45 -9.76 0.90 -37.03
C ALA C 45 -10.60 2.09 -37.49
N THR C 46 -11.82 1.82 -37.99
CA THR C 46 -12.68 2.82 -38.62
C THR C 46 -14.08 2.79 -37.97
N ILE C 47 -14.78 3.92 -38.07
CA ILE C 47 -16.15 4.05 -37.57
C ILE C 47 -17.09 3.37 -38.58
N SER C 48 -18.04 2.58 -38.06
CA SER C 48 -18.98 1.80 -38.88
C SER C 48 -20.36 2.47 -38.88
N PHE C 49 -20.95 2.59 -40.08
CA PHE C 49 -22.34 3.02 -40.24
C PHE C 49 -23.25 1.84 -39.91
N THR C 50 -24.34 2.09 -39.17
CA THR C 50 -25.36 1.09 -38.87
C THR C 50 -26.68 1.46 -39.58
N LYS C 51 -26.64 2.52 -40.38
CA LYS C 51 -27.74 2.93 -41.25
C LYS C 51 -27.17 3.35 -42.59
N PRO C 52 -27.97 3.30 -43.69
CA PRO C 52 -27.51 3.80 -44.99
C PRO C 52 -27.12 5.29 -44.97
N TRP C 53 -27.77 6.08 -44.10
CA TRP C 53 -27.70 7.55 -44.10
C TRP C 53 -26.82 8.06 -42.95
N SER C 54 -25.95 7.21 -42.41
CA SER C 54 -25.13 7.55 -41.23
C SER C 54 -24.06 8.60 -41.57
N GLN C 55 -23.68 8.72 -42.85
CA GLN C 55 -22.74 9.75 -43.29
C GLN C 55 -23.43 11.12 -43.34
N GLY C 56 -24.77 11.13 -43.30
CA GLY C 56 -25.55 12.36 -43.31
C GLY C 56 -25.47 13.06 -44.65
N LYS C 57 -25.00 14.31 -44.65
CA LYS C 57 -24.83 15.10 -45.87
C LYS C 57 -23.37 15.55 -46.02
N LEU C 58 -22.47 14.91 -45.29
CA LEU C 58 -21.03 15.17 -45.44
C LEU C 58 -20.53 14.47 -46.71
N SER C 59 -19.63 15.14 -47.44
CA SER C 59 -18.89 14.52 -48.53
C SER C 59 -17.93 13.45 -47.98
N ASN C 60 -17.49 12.56 -48.85
CA ASN C 60 -16.53 11.52 -48.48
C ASN C 60 -15.25 12.18 -47.92
N GLN C 61 -14.87 13.33 -48.50
CA GLN C 61 -13.67 14.05 -48.06
C GLN C 61 -13.89 14.62 -46.65
N GLN C 62 -15.08 15.16 -46.40
CA GLN C 62 -15.44 15.75 -45.10
C GLN C 62 -15.48 14.65 -44.02
N TRP C 63 -15.97 13.46 -44.38
CA TRP C 63 -16.08 12.34 -43.45
C TRP C 63 -14.70 11.79 -43.08
N GLU C 64 -13.81 11.69 -44.07
CA GLU C 64 -12.44 11.17 -43.87
C GLU C 64 -11.70 12.05 -42.86
N LYS C 65 -11.69 13.37 -43.12
CA LYS C 65 -11.14 14.39 -42.22
C LYS C 65 -11.64 14.15 -40.78
N LEU C 66 -12.96 13.99 -40.66
CA LEU C 66 -13.66 13.86 -39.37
C LEU C 66 -13.27 12.55 -38.69
N GLN C 67 -13.28 11.45 -39.46
CA GLN C 67 -12.92 10.13 -38.97
C GLN C 67 -11.47 10.13 -38.46
N HIS C 68 -10.58 10.81 -39.20
CA HIS C 68 -9.16 10.86 -38.87
C HIS C 68 -8.94 11.60 -37.54
N MET C 69 -9.69 12.69 -37.35
CA MET C 69 -9.70 13.46 -36.11
C MET C 69 -9.97 12.51 -34.93
N PHE C 70 -10.97 11.62 -35.09
CA PHE C 70 -11.39 10.70 -34.04
C PHE C 70 -10.37 9.57 -33.86
N GLN C 71 -9.80 9.10 -34.97
CA GLN C 71 -8.78 8.03 -34.94
C GLN C 71 -7.60 8.47 -34.08
N VAL C 72 -7.17 9.72 -34.26
CA VAL C 72 -6.09 10.33 -33.47
C VAL C 72 -6.56 10.50 -32.02
N TYR C 73 -7.81 10.95 -31.84
CA TYR C 73 -8.39 11.15 -30.52
C TYR C 73 -8.28 9.87 -29.69
N ARG C 74 -8.75 8.75 -30.24
CA ARG C 74 -8.90 7.50 -29.51
C ARG C 74 -7.55 7.04 -28.95
N VAL C 75 -6.52 7.08 -29.81
CA VAL C 75 -5.16 6.72 -29.44
C VAL C 75 -4.64 7.71 -28.39
N SER C 76 -4.87 9.01 -28.65
CA SER C 76 -4.39 10.08 -27.78
C SER C 76 -5.03 9.97 -26.39
N PHE C 77 -6.36 9.82 -26.36
CA PHE C 77 -7.16 9.73 -25.13
C PHE C 77 -6.64 8.58 -24.24
N THR C 78 -6.41 7.42 -24.86
CA THR C 78 -5.93 6.22 -24.16
C THR C 78 -4.63 6.54 -23.42
N ARG C 79 -3.69 7.22 -24.09
CA ARG C 79 -2.37 7.53 -23.50
C ARG C 79 -2.52 8.61 -22.43
N ASP C 80 -3.40 9.59 -22.65
CA ASP C 80 -3.59 10.70 -21.73
C ASP C 80 -4.07 10.17 -20.37
N ILE C 81 -5.09 9.31 -20.38
CA ILE C 81 -5.64 8.73 -19.16
C ILE C 81 -4.53 7.98 -18.42
N GLN C 82 -3.74 7.18 -19.15
CA GLN C 82 -2.61 6.43 -18.61
C GLN C 82 -1.61 7.38 -17.92
N GLU C 83 -1.33 8.52 -18.55
CA GLU C 83 -0.39 9.51 -18.02
C GLU C 83 -1.01 10.24 -16.83
N LEU C 84 -2.32 10.55 -16.92
CA LEU C 84 -3.02 11.26 -15.84
C LEU C 84 -3.05 10.40 -14.57
N VAL C 85 -3.18 9.09 -14.73
CA VAL C 85 -3.17 8.15 -13.60
C VAL C 85 -1.79 8.21 -12.92
N LYS C 86 -0.71 8.20 -13.71
CA LYS C 86 0.66 8.31 -13.21
C LYS C 86 0.86 9.64 -12.45
N MET C 87 0.19 10.70 -12.91
CA MET C 87 0.32 12.05 -12.35
C MET C 87 -0.35 12.11 -10.97
N MET C 88 -1.51 11.45 -10.82
CA MET C 88 -2.27 11.45 -9.58
C MET C 88 -1.76 10.37 -8.61
N SER C 89 -1.09 9.35 -9.16
CA SER C 89 -0.58 8.20 -8.39
C SER C 89 0.08 8.66 -7.09
N PRO C 90 -0.25 8.02 -5.95
CA PRO C 90 -1.13 6.87 -5.85
C PRO C 90 -2.55 7.19 -5.36
N LYS C 91 -2.99 8.43 -5.59
CA LYS C 91 -4.32 8.90 -5.18
C LYS C 91 -5.40 8.03 -5.85
N GLU C 92 -5.26 7.82 -7.16
CA GLU C 92 -6.18 7.00 -7.95
C GLU C 92 -5.40 5.88 -8.63
N ASP C 93 -6.08 4.73 -8.81
CA ASP C 93 -5.46 3.48 -9.27
C ASP C 93 -6.45 2.74 -10.18
N TYR C 94 -5.91 1.80 -10.97
CA TYR C 94 -6.71 0.89 -11.81
C TYR C 94 -7.41 -0.12 -10.91
N PRO C 95 -8.55 -0.68 -11.35
CA PRO C 95 -9.18 -0.41 -12.63
C PRO C 95 -9.93 0.93 -12.67
N ILE C 96 -10.01 1.51 -13.87
CA ILE C 96 -10.63 2.81 -14.10
C ILE C 96 -11.65 2.68 -15.23
N GLU C 97 -12.81 3.29 -15.04
CA GLU C 97 -13.90 3.33 -16.01
C GLU C 97 -14.19 4.80 -16.33
N ILE C 98 -14.08 5.17 -17.62
CA ILE C 98 -14.40 6.52 -18.07
C ILE C 98 -15.51 6.42 -19.13
N GLN C 99 -16.48 7.33 -19.04
CA GLN C 99 -17.56 7.43 -19.99
C GLN C 99 -17.65 8.88 -20.49
N LEU C 100 -17.92 9.03 -21.79
CA LEU C 100 -18.17 10.33 -22.42
C LEU C 100 -19.54 10.29 -23.09
N SER C 101 -20.35 11.30 -22.80
CA SER C 101 -21.59 11.57 -23.52
C SER C 101 -21.48 12.95 -24.18
N ALA C 102 -21.41 12.96 -25.51
CA ALA C 102 -21.23 14.18 -26.28
C ALA C 102 -22.25 14.22 -27.42
N GLY C 103 -22.50 15.43 -27.92
CA GLY C 103 -23.44 15.65 -28.99
C GLY C 103 -24.25 16.91 -28.75
N CYS C 104 -25.32 17.06 -29.54
CA CYS C 104 -26.09 18.28 -29.58
C CYS C 104 -27.59 17.93 -29.65
N GLU C 105 -28.40 18.79 -29.03
CA GLU C 105 -29.85 18.66 -28.96
C GLU C 105 -30.47 19.68 -29.91
N MET C 106 -31.15 19.20 -30.96
CA MET C 106 -31.64 20.03 -32.05
C MET C 106 -33.02 20.60 -31.70
N TYR C 107 -33.16 21.93 -31.81
CA TYR C 107 -34.41 22.65 -31.61
C TYR C 107 -34.86 23.22 -32.96
N PRO C 108 -36.14 23.61 -33.11
CA PRO C 108 -36.61 24.25 -34.34
C PRO C 108 -36.07 25.69 -34.48
N GLY C 109 -35.90 26.12 -35.74
CA GLY C 109 -35.43 27.48 -36.06
C GLY C 109 -33.91 27.57 -36.03
N ASN C 110 -33.24 26.50 -36.45
CA ASN C 110 -31.77 26.41 -36.54
C ASN C 110 -31.12 26.66 -35.17
N ALA C 111 -31.82 26.25 -34.09
CA ALA C 111 -31.33 26.39 -32.73
C ALA C 111 -30.88 25.01 -32.22
N SER C 112 -29.81 25.00 -31.43
CA SER C 112 -29.31 23.78 -30.79
C SER C 112 -28.55 24.12 -29.51
N GLU C 113 -28.15 23.08 -28.78
CA GLU C 113 -27.37 23.20 -27.57
C GLU C 113 -26.47 21.95 -27.44
N SER C 114 -25.17 22.15 -27.63
CA SER C 114 -24.19 21.07 -27.59
C SER C 114 -23.76 20.78 -26.15
N PHE C 115 -23.20 19.59 -25.93
CA PHE C 115 -22.73 19.17 -24.61
C PHE C 115 -21.61 18.12 -24.77
N LEU C 116 -20.78 18.02 -23.72
CA LEU C 116 -19.73 17.02 -23.62
C LEU C 116 -19.52 16.73 -22.14
N HIS C 117 -20.11 15.62 -21.66
CA HIS C 117 -20.09 15.23 -20.26
C HIS C 117 -19.17 14.02 -20.09
N VAL C 118 -18.38 14.04 -19.01
CA VAL C 118 -17.42 13.00 -18.70
C VAL C 118 -17.74 12.43 -17.32
N ALA C 119 -17.91 11.12 -17.24
CA ALA C 119 -18.09 10.40 -15.99
C ALA C 119 -16.83 9.59 -15.70
N PHE C 120 -16.50 9.49 -14.41
CA PHE C 120 -15.35 8.74 -13.91
C PHE C 120 -15.84 7.78 -12.82
N GLN C 121 -15.69 6.48 -13.05
CA GLN C 121 -16.19 5.42 -12.17
C GLN C 121 -17.70 5.57 -11.98
N GLY C 122 -18.40 5.93 -13.08
CA GLY C 122 -19.87 5.97 -13.13
C GLY C 122 -20.46 7.22 -12.50
N LYS C 123 -19.65 8.27 -12.30
CA LYS C 123 -20.09 9.53 -11.70
C LYS C 123 -19.69 10.70 -12.60
N TYR C 124 -20.68 11.54 -12.95
CA TYR C 124 -20.49 12.73 -13.78
C TYR C 124 -19.61 13.74 -13.02
N VAL C 125 -18.37 13.91 -13.49
CA VAL C 125 -17.34 14.72 -12.78
C VAL C 125 -16.93 15.95 -13.60
N VAL C 126 -16.93 15.85 -14.94
CA VAL C 126 -16.28 16.85 -15.80
C VAL C 126 -17.17 17.11 -17.02
N ARG C 127 -17.13 18.37 -17.50
CA ARG C 127 -17.78 18.76 -18.74
C ARG C 127 -16.91 19.79 -19.47
N PHE C 128 -17.12 19.91 -20.79
CA PHE C 128 -16.57 21.01 -21.58
C PHE C 128 -17.65 22.09 -21.68
N TRP C 129 -17.33 23.28 -21.14
CA TRP C 129 -18.22 24.41 -21.13
C TRP C 129 -17.46 25.65 -21.63
N GLY C 130 -18.08 26.37 -22.56
CA GLY C 130 -17.51 27.60 -23.11
C GLY C 130 -16.29 27.32 -23.96
N THR C 131 -15.11 27.47 -23.34
CA THR C 131 -13.82 27.35 -24.03
C THR C 131 -12.81 26.59 -23.18
N SER C 132 -13.29 25.75 -22.26
CA SER C 132 -12.39 25.02 -21.36
C SER C 132 -13.11 23.84 -20.69
N TRP C 133 -12.31 22.90 -20.17
CA TRP C 133 -12.80 21.86 -19.29
C TRP C 133 -13.03 22.46 -17.90
N GLN C 134 -14.02 21.92 -17.18
CA GLN C 134 -14.29 22.30 -15.81
C GLN C 134 -14.96 21.13 -15.08
N THR C 135 -14.80 21.11 -13.74
CA THR C 135 -15.48 20.16 -12.88
C THR C 135 -16.91 20.65 -12.62
N VAL C 136 -17.78 19.71 -12.23
CA VAL C 136 -19.16 20.00 -11.88
C VAL C 136 -19.31 19.80 -10.37
N PRO C 137 -20.39 20.33 -9.74
CA PRO C 137 -20.63 20.12 -8.31
C PRO C 137 -20.65 18.63 -7.95
N GLY C 138 -19.89 18.25 -6.93
CA GLY C 138 -19.78 16.86 -6.47
C GLY C 138 -18.43 16.24 -6.79
N ALA C 139 -17.68 16.87 -7.69
CA ALA C 139 -16.42 16.33 -8.18
C ALA C 139 -15.36 16.41 -7.09
N PRO C 140 -14.48 15.40 -6.96
CA PRO C 140 -13.37 15.46 -6.01
C PRO C 140 -12.33 16.49 -6.49
N SER C 141 -11.58 17.07 -5.54
CA SER C 141 -10.75 18.24 -5.77
C SER C 141 -9.45 17.88 -6.51
N TRP C 142 -9.07 16.60 -6.49
CA TRP C 142 -7.83 16.13 -7.11
C TRP C 142 -7.89 16.30 -8.64
N LEU C 143 -9.11 16.28 -9.20
CA LEU C 143 -9.34 16.43 -10.65
C LEU C 143 -8.91 17.83 -11.15
N ASP C 144 -8.69 18.78 -10.24
CA ASP C 144 -8.28 20.13 -10.60
C ASP C 144 -6.93 20.14 -11.32
N LEU C 145 -6.05 19.16 -11.02
CA LEU C 145 -4.76 19.07 -11.73
C LEU C 145 -4.97 18.53 -13.15
N PRO C 146 -5.67 17.38 -13.34
CA PRO C 146 -6.11 16.99 -14.68
C PRO C 146 -6.74 18.12 -15.51
N ILE C 147 -7.67 18.85 -14.91
CA ILE C 147 -8.40 19.92 -15.58
C ILE C 147 -7.44 21.05 -15.97
N LYS C 148 -6.50 21.38 -15.08
CA LYS C 148 -5.50 22.41 -15.35
C LYS C 148 -4.64 21.99 -16.55
N VAL C 149 -4.30 20.70 -16.61
CA VAL C 149 -3.43 20.14 -17.63
C VAL C 149 -4.17 20.09 -18.98
N LEU C 150 -5.43 19.64 -18.97
CA LEU C 150 -6.24 19.54 -20.18
C LEU C 150 -6.56 20.92 -20.74
N ASN C 151 -6.60 21.94 -19.87
CA ASN C 151 -6.89 23.33 -20.25
C ASN C 151 -5.61 24.04 -20.72
N ALA C 152 -4.46 23.42 -20.49
CA ALA C 152 -3.18 23.91 -21.01
C ALA C 152 -3.14 23.72 -22.54
N ASP C 153 -3.70 22.59 -22.99
CA ASP C 153 -3.70 22.19 -24.40
C ASP C 153 -4.70 23.06 -25.18
N GLN C 154 -4.18 24.13 -25.80
CA GLN C 154 -5.00 25.11 -26.52
C GLN C 154 -5.57 24.50 -27.80
N GLY C 155 -4.78 23.65 -28.47
CA GLY C 155 -5.18 22.98 -29.70
C GLY C 155 -6.41 22.10 -29.52
N THR C 156 -6.43 21.33 -28.43
CA THR C 156 -7.58 20.47 -28.10
C THR C 156 -8.82 21.33 -27.85
N SER C 157 -8.63 22.47 -27.17
CA SER C 157 -9.73 23.37 -26.82
C SER C 157 -10.39 23.96 -28.07
N ALA C 158 -9.56 24.44 -29.00
CA ALA C 158 -10.04 25.04 -30.24
C ALA C 158 -10.83 24.00 -31.06
N THR C 159 -10.32 22.77 -31.08
CA THR C 159 -10.89 21.67 -31.86
C THR C 159 -12.26 21.27 -31.32
N VAL C 160 -12.35 21.09 -29.99
CA VAL C 160 -13.59 20.67 -29.35
C VAL C 160 -14.63 21.78 -29.50
N GLN C 161 -14.18 23.05 -29.39
CA GLN C 161 -15.06 24.21 -29.56
C GLN C 161 -15.72 24.19 -30.94
N MET C 162 -14.91 23.95 -31.98
CA MET C 162 -15.38 23.89 -33.36
C MET C 162 -16.28 22.67 -33.56
N LEU C 163 -15.97 21.58 -32.83
CA LEU C 163 -16.68 20.32 -32.92
C LEU C 163 -18.10 20.46 -32.32
N LEU C 164 -18.19 21.08 -31.14
CA LEU C 164 -19.44 21.24 -30.41
C LEU C 164 -20.29 22.36 -31.04
N ASN C 165 -19.65 23.48 -31.40
CA ASN C 165 -20.36 24.69 -31.84
C ASN C 165 -20.90 24.52 -33.28
N ASP C 166 -20.04 24.02 -34.18
CA ASP C 166 -20.29 24.07 -35.63
C ASP C 166 -20.57 22.68 -36.20
N THR C 167 -19.65 21.74 -35.96
CA THR C 167 -19.64 20.45 -36.65
C THR C 167 -20.86 19.61 -36.25
N CYS C 168 -21.18 19.55 -34.96
CA CYS C 168 -22.29 18.72 -34.45
C CYS C 168 -23.60 19.17 -35.09
N PRO C 169 -24.08 20.42 -34.87
CA PRO C 169 -25.36 20.84 -35.42
C PRO C 169 -25.44 20.73 -36.95
N LEU C 170 -24.36 21.08 -37.64
CA LEU C 170 -24.29 20.92 -39.10
C LEU C 170 -24.59 19.46 -39.48
N PHE C 171 -23.82 18.54 -38.89
CA PHE C 171 -23.87 17.12 -39.21
C PHE C 171 -25.25 16.55 -38.89
N VAL C 172 -25.77 16.87 -37.70
CA VAL C 172 -27.03 16.31 -37.21
C VAL C 172 -28.20 16.86 -38.04
N ARG C 173 -28.09 18.11 -38.49
CA ARG C 173 -29.12 18.74 -39.31
C ARG C 173 -29.20 18.00 -40.65
N GLY C 174 -28.06 17.52 -41.13
CA GLY C 174 -27.98 16.70 -42.34
C GLY C 174 -28.53 15.30 -42.13
N LEU C 175 -28.21 14.70 -40.99
CA LEU C 175 -28.71 13.37 -40.61
C LEU C 175 -30.24 13.34 -40.69
N LEU C 176 -30.88 14.39 -40.16
CA LEU C 176 -32.35 14.45 -40.05
C LEU C 176 -33.00 14.42 -41.44
N GLU C 177 -32.34 15.03 -42.43
CA GLU C 177 -32.81 15.05 -43.82
C GLU C 177 -32.61 13.66 -44.45
N ALA C 178 -31.40 13.11 -44.30
CA ALA C 178 -30.98 11.88 -44.98
C ALA C 178 -31.72 10.66 -44.42
N GLY C 179 -32.08 10.71 -43.12
CA GLY C 179 -32.71 9.59 -42.41
C GLY C 179 -34.16 9.87 -42.04
N LYS C 180 -34.83 10.71 -42.83
CA LYS C 180 -36.18 11.20 -42.52
C LYS C 180 -37.17 10.03 -42.48
N SER C 181 -37.07 9.13 -43.46
CA SER C 181 -38.03 8.03 -43.64
C SER C 181 -37.87 6.98 -42.53
N ASP C 182 -36.65 6.78 -42.03
CA ASP C 182 -36.37 5.85 -40.93
C ASP C 182 -36.82 6.46 -39.59
N LEU C 183 -36.65 7.78 -39.45
CA LEU C 183 -36.99 8.49 -38.21
C LEU C 183 -38.52 8.55 -38.04
N GLU C 184 -39.23 8.78 -39.15
CA GLU C 184 -40.67 9.05 -39.13
C GLU C 184 -41.48 7.76 -39.39
N LYS C 185 -40.81 6.60 -39.41
CA LYS C 185 -41.46 5.32 -39.70
C LYS C 185 -42.52 5.02 -38.64
N GLN C 186 -43.53 4.23 -39.03
CA GLN C 186 -44.63 3.82 -38.16
C GLN C 186 -44.77 2.29 -38.22
N GLU C 187 -44.42 1.62 -37.11
CA GLU C 187 -44.54 0.17 -36.93
C GLU C 187 -45.71 -0.13 -35.98
N LYS C 188 -46.59 -1.06 -36.37
CA LYS C 188 -47.83 -1.35 -35.64
C LYS C 188 -47.53 -2.31 -34.49
N PRO C 189 -48.08 -2.08 -33.29
CA PRO C 189 -47.98 -3.05 -32.20
C PRO C 189 -48.88 -4.28 -32.44
N VAL C 190 -48.42 -5.43 -31.95
CA VAL C 190 -49.23 -6.62 -31.77
C VAL C 190 -49.38 -6.82 -30.26
N ALA C 191 -50.57 -7.25 -29.82
CA ALA C 191 -50.86 -7.43 -28.41
C ALA C 191 -51.30 -8.88 -28.15
N TRP C 192 -51.07 -9.34 -26.92
CA TRP C 192 -51.56 -10.65 -26.46
C TRP C 192 -51.66 -10.65 -24.93
N LEU C 193 -52.54 -11.51 -24.40
CA LEU C 193 -52.88 -11.55 -22.98
C LEU C 193 -52.34 -12.84 -22.34
N SER C 194 -52.18 -12.79 -21.01
CA SER C 194 -51.73 -13.92 -20.18
C SER C 194 -51.86 -13.56 -18.70
N SER C 195 -51.78 -14.57 -17.83
CA SER C 195 -52.02 -14.40 -16.38
C SER C 195 -51.11 -15.31 -15.55
N VAL C 196 -50.83 -14.87 -14.32
CA VAL C 196 -50.00 -15.59 -13.34
C VAL C 196 -50.52 -15.28 -11.95
N PRO C 197 -50.13 -16.07 -10.91
CA PRO C 197 -50.43 -15.71 -9.52
C PRO C 197 -49.45 -14.66 -8.98
N SER C 198 -49.89 -13.90 -7.97
CA SER C 198 -49.08 -12.85 -7.35
C SER C 198 -49.63 -12.54 -5.95
N SER C 199 -49.34 -13.43 -5.00
CA SER C 199 -49.74 -13.32 -3.59
C SER C 199 -51.27 -13.20 -3.49
N HIS C 203 -55.95 -14.20 -5.93
CA HIS C 203 -55.25 -13.02 -6.44
C HIS C 203 -54.34 -13.41 -7.61
N ARG C 204 -54.75 -13.06 -8.84
CA ARG C 204 -54.00 -13.29 -10.06
C ARG C 204 -53.62 -11.93 -10.68
N GLN C 205 -52.56 -11.95 -11.51
CA GLN C 205 -52.08 -10.76 -12.21
C GLN C 205 -52.25 -10.97 -13.71
N LEU C 206 -53.09 -10.13 -14.34
CA LEU C 206 -53.29 -10.14 -15.78
C LEU C 206 -52.20 -9.27 -16.43
N VAL C 207 -51.61 -9.79 -17.52
CA VAL C 207 -50.54 -9.12 -18.24
C VAL C 207 -51.00 -8.88 -19.69
N CYS C 208 -50.93 -7.63 -20.12
CA CYS C 208 -51.17 -7.24 -21.51
C CYS C 208 -49.84 -6.89 -22.18
N HIS C 209 -49.45 -7.72 -23.16
CA HIS C 209 -48.21 -7.56 -23.90
C HIS C 209 -48.47 -6.70 -25.14
N VAL C 210 -47.56 -5.75 -25.40
CA VAL C 210 -47.61 -4.88 -26.57
C VAL C 210 -46.19 -4.81 -27.14
N SER C 211 -46.00 -5.28 -28.38
CA SER C 211 -44.68 -5.48 -28.96
C SER C 211 -44.67 -5.12 -30.45
N GLY C 212 -43.57 -4.48 -30.87
CA GLY C 212 -43.26 -4.23 -32.27
C GLY C 212 -43.70 -2.86 -32.76
N PHE C 213 -43.89 -1.91 -31.84
CA PHE C 213 -44.37 -0.58 -32.19
C PHE C 213 -43.20 0.42 -32.25
N TYR C 214 -43.34 1.40 -33.16
CA TYR C 214 -42.45 2.55 -33.27
C TYR C 214 -43.27 3.71 -33.84
N PRO C 215 -43.09 4.93 -33.31
CA PRO C 215 -42.10 5.31 -32.30
C PRO C 215 -42.54 4.98 -30.86
N LYS C 216 -41.75 5.44 -29.89
CA LYS C 216 -41.83 5.01 -28.49
C LYS C 216 -43.17 5.42 -27.85
N PRO C 217 -43.71 6.64 -28.09
CA PRO C 217 -44.98 7.04 -27.47
C PRO C 217 -46.11 6.04 -27.72
N VAL C 218 -46.77 5.59 -26.63
CA VAL C 218 -47.83 4.57 -26.68
C VAL C 218 -48.75 4.73 -25.47
N TRP C 219 -50.01 4.28 -25.61
CA TRP C 219 -51.01 4.33 -24.55
C TRP C 219 -51.63 2.94 -24.36
N VAL C 220 -51.52 2.39 -23.14
CA VAL C 220 -52.02 1.05 -22.80
C VAL C 220 -52.71 1.11 -21.43
N MET C 221 -54.01 0.77 -21.40
CA MET C 221 -54.78 0.69 -20.15
C MET C 221 -55.69 -0.54 -20.18
N TRP C 222 -55.80 -1.21 -19.03
CA TRP C 222 -56.83 -2.22 -18.80
C TRP C 222 -58.17 -1.50 -18.56
N MET C 223 -59.26 -2.10 -19.07
CA MET C 223 -60.59 -1.50 -19.00
C MET C 223 -61.65 -2.59 -18.84
N ARG C 224 -62.70 -2.28 -18.07
CA ARG C 224 -63.96 -3.01 -18.09
C ARG C 224 -65.00 -2.13 -18.80
N GLY C 225 -65.29 -2.46 -20.07
CA GLY C 225 -66.14 -1.64 -20.91
C GLY C 225 -65.46 -0.35 -21.31
N ASP C 226 -65.82 0.75 -20.61
CA ASP C 226 -65.23 2.07 -20.81
C ASP C 226 -64.89 2.66 -19.43
N GLN C 227 -64.09 1.92 -18.67
CA GLN C 227 -63.75 2.24 -17.29
C GLN C 227 -62.26 1.96 -17.05
N GLU C 228 -61.43 3.01 -17.23
CA GLU C 228 -59.97 2.90 -17.08
C GLU C 228 -59.64 2.41 -15.67
N GLN C 229 -59.01 1.23 -15.58
CA GLN C 229 -58.64 0.63 -14.30
C GLN C 229 -57.43 1.39 -13.73
N GLN C 230 -57.59 1.89 -12.50
CA GLN C 230 -56.59 2.71 -11.83
C GLN C 230 -55.39 1.86 -11.38
N GLY C 231 -55.57 0.54 -11.29
CA GLY C 231 -54.55 -0.38 -10.83
C GLY C 231 -53.56 -0.79 -11.92
N THR C 232 -53.82 -0.38 -13.17
CA THR C 232 -52.95 -0.68 -14.31
C THR C 232 -51.53 -0.16 -14.04
N HIS C 233 -50.58 -1.09 -13.87
CA HIS C 233 -49.16 -0.77 -13.69
C HIS C 233 -48.42 -0.97 -15.02
N ARG C 234 -48.07 0.16 -15.65
CA ARG C 234 -47.23 0.19 -16.85
C ARG C 234 -45.78 -0.14 -16.46
N GLY C 235 -45.15 -1.05 -17.20
CA GLY C 235 -43.75 -1.42 -17.03
C GLY C 235 -42.83 -0.51 -17.82
N ASP C 236 -41.55 -0.88 -17.90
CA ASP C 236 -40.54 -0.11 -18.63
C ASP C 236 -40.66 -0.39 -20.13
N PHE C 237 -40.08 0.49 -20.94
CA PHE C 237 -39.92 0.28 -22.37
C PHE C 237 -38.69 -0.60 -22.61
N LEU C 238 -38.92 -1.84 -23.04
CA LEU C 238 -37.87 -2.79 -23.36
C LEU C 238 -37.70 -2.82 -24.88
N PRO C 239 -36.45 -2.79 -25.41
CA PRO C 239 -36.23 -2.80 -26.85
C PRO C 239 -36.30 -4.20 -27.48
N ASN C 240 -36.72 -4.25 -28.75
CA ASN C 240 -36.58 -5.42 -29.61
C ASN C 240 -35.31 -5.25 -30.45
N ALA C 241 -34.87 -6.35 -31.08
CA ALA C 241 -33.64 -6.38 -31.87
C ALA C 241 -33.80 -5.62 -33.19
N ASP C 242 -35.04 -5.48 -33.66
CA ASP C 242 -35.35 -4.86 -34.97
C ASP C 242 -35.70 -3.38 -34.80
N GLU C 243 -35.28 -2.78 -33.68
CA GLU C 243 -35.48 -1.35 -33.37
C GLU C 243 -36.97 -1.03 -33.31
N THR C 244 -37.73 -1.87 -32.61
CA THR C 244 -39.10 -1.59 -32.19
C THR C 244 -39.17 -1.80 -30.67
N TRP C 245 -40.26 -1.36 -30.05
CA TRP C 245 -40.38 -1.33 -28.60
C TRP C 245 -41.35 -2.40 -28.08
N TYR C 246 -41.12 -2.78 -26.82
CA TYR C 246 -41.91 -3.74 -26.08
C TYR C 246 -42.33 -3.12 -24.74
N LEU C 247 -43.64 -3.15 -24.46
CA LEU C 247 -44.21 -2.68 -23.20
C LEU C 247 -45.26 -3.69 -22.72
N GLN C 248 -45.36 -3.84 -21.40
CA GLN C 248 -46.44 -4.63 -20.80
C GLN C 248 -47.08 -3.83 -19.66
N ALA C 249 -48.42 -3.93 -19.58
CA ALA C 249 -49.22 -3.35 -18.51
C ALA C 249 -49.86 -4.48 -17.71
N THR C 250 -49.63 -4.49 -16.39
CA THR C 250 -50.15 -5.52 -15.50
C THR C 250 -51.28 -4.93 -14.66
N LEU C 251 -52.29 -5.77 -14.36
CA LEU C 251 -53.40 -5.42 -13.48
C LEU C 251 -53.69 -6.58 -12.52
N ASP C 252 -53.60 -6.31 -11.22
CA ASP C 252 -53.83 -7.30 -10.17
C ASP C 252 -55.33 -7.34 -9.87
N VAL C 253 -55.92 -8.54 -9.97
CA VAL C 253 -57.36 -8.78 -9.81
C VAL C 253 -57.59 -10.08 -9.03
N GLU C 254 -58.86 -10.35 -8.72
CA GLU C 254 -59.27 -11.55 -7.99
C GLU C 254 -59.78 -12.61 -8.98
N ALA C 255 -59.75 -13.88 -8.55
CA ALA C 255 -60.19 -15.01 -9.36
C ALA C 255 -61.72 -14.96 -9.54
N GLY C 256 -62.16 -15.17 -10.79
CA GLY C 256 -63.56 -15.09 -11.17
C GLY C 256 -64.01 -13.69 -11.51
N GLU C 257 -63.05 -12.75 -11.58
CA GLU C 257 -63.30 -11.34 -11.88
C GLU C 257 -62.68 -10.97 -13.24
N GLU C 258 -62.04 -11.95 -13.90
CA GLU C 258 -61.28 -11.72 -15.13
C GLU C 258 -62.23 -11.43 -16.30
N ALA C 259 -63.45 -11.98 -16.23
CA ALA C 259 -64.48 -11.76 -17.25
C ALA C 259 -64.88 -10.28 -17.27
N GLY C 260 -64.93 -9.69 -18.47
CA GLY C 260 -65.32 -8.29 -18.68
C GLY C 260 -64.13 -7.39 -19.00
N LEU C 261 -62.92 -7.80 -18.58
CA LEU C 261 -61.72 -6.98 -18.71
C LEU C 261 -61.18 -7.05 -20.14
N ALA C 262 -60.74 -5.88 -20.64
CA ALA C 262 -60.11 -5.74 -21.95
C ALA C 262 -58.87 -4.85 -21.83
N CYS C 263 -57.89 -5.08 -22.72
CA CYS C 263 -56.70 -4.26 -22.83
C CYS C 263 -56.78 -3.41 -24.12
N ARG C 264 -56.89 -2.09 -23.95
CA ARG C 264 -56.94 -1.14 -25.05
C ARG C 264 -55.53 -0.58 -25.29
N VAL C 265 -55.13 -0.49 -26.56
CA VAL C 265 -53.83 0.01 -26.98
C VAL C 265 -54.04 1.07 -28.08
N LYS C 266 -53.56 2.28 -27.83
CA LYS C 266 -53.57 3.39 -28.79
C LYS C 266 -52.14 3.64 -29.28
N HIS C 267 -52.00 3.87 -30.58
CA HIS C 267 -50.71 4.14 -31.20
C HIS C 267 -50.92 4.84 -32.55
N SER C 268 -49.96 5.68 -32.94
CA SER C 268 -50.04 6.55 -34.12
C SER C 268 -50.10 5.71 -35.41
N SER C 269 -49.48 4.53 -35.38
CA SER C 269 -49.41 3.63 -36.54
C SER C 269 -50.78 3.05 -36.89
N LEU C 270 -51.62 2.86 -35.86
CA LEU C 270 -52.93 2.23 -35.99
C LEU C 270 -53.94 3.20 -36.60
N GLY C 271 -53.76 4.50 -36.30
CA GLY C 271 -54.54 5.58 -36.90
C GLY C 271 -56.03 5.42 -36.66
N GLY C 272 -56.45 5.59 -35.41
CA GLY C 272 -57.87 5.54 -35.03
C GLY C 272 -58.28 4.16 -34.53
N GLN C 273 -58.01 3.14 -35.35
CA GLN C 273 -58.42 1.75 -35.09
C GLN C 273 -57.57 1.18 -33.93
N ASP C 274 -57.98 1.51 -32.71
CA ASP C 274 -57.32 1.04 -31.48
C ASP C 274 -57.46 -0.48 -31.37
N ILE C 275 -56.44 -1.13 -30.79
CA ILE C 275 -56.45 -2.57 -30.53
C ILE C 275 -57.18 -2.79 -29.20
N ILE C 276 -58.19 -3.67 -29.22
CA ILE C 276 -58.99 -4.02 -28.06
C ILE C 276 -58.99 -5.56 -27.95
N LEU C 277 -58.34 -6.08 -26.90
CA LEU C 277 -58.27 -7.51 -26.64
C LEU C 277 -59.07 -7.85 -25.38
N TYR C 278 -60.07 -8.74 -25.53
CA TYR C 278 -60.91 -9.21 -24.44
C TYR C 278 -60.35 -10.54 -23.90
N TRP C 279 -60.47 -10.73 -22.59
CA TRP C 279 -59.98 -11.93 -21.92
C TRP C 279 -60.86 -13.14 -22.28
N GLN D 2 -20.71 0.10 -7.70
CA GLN D 2 -20.86 -1.25 -8.31
C GLN D 2 -22.34 -1.69 -8.20
N LYS D 3 -23.14 -1.34 -9.21
CA LYS D 3 -24.57 -1.64 -9.26
C LYS D 3 -24.79 -3.06 -9.79
N THR D 4 -25.92 -3.67 -9.39
CA THR D 4 -26.26 -5.06 -9.68
C THR D 4 -27.21 -5.10 -10.89
N PRO D 5 -27.05 -6.06 -11.83
CA PRO D 5 -27.85 -6.08 -13.05
C PRO D 5 -29.29 -6.59 -12.90
N GLN D 6 -30.24 -5.85 -13.47
CA GLN D 6 -31.62 -6.30 -13.67
C GLN D 6 -31.69 -7.06 -15.00
N ILE D 7 -32.50 -8.13 -15.03
CA ILE D 7 -32.66 -8.96 -16.24
C ILE D 7 -34.16 -9.12 -16.52
N GLN D 8 -34.52 -9.08 -17.80
CA GLN D 8 -35.91 -9.19 -18.26
C GLN D 8 -35.94 -10.01 -19.55
N VAL D 9 -36.65 -11.15 -19.52
CA VAL D 9 -36.78 -12.06 -20.65
C VAL D 9 -38.18 -11.90 -21.25
N TYR D 10 -38.25 -11.81 -22.59
CA TYR D 10 -39.51 -11.58 -23.31
C TYR D 10 -39.35 -11.98 -24.79
N SER D 11 -40.48 -12.31 -25.41
CA SER D 11 -40.55 -12.73 -26.82
C SER D 11 -40.93 -11.54 -27.71
N ARG D 12 -40.44 -11.54 -28.95
CA ARG D 12 -40.69 -10.47 -29.92
C ARG D 12 -42.15 -10.53 -30.39
N HIS D 13 -42.59 -11.74 -30.78
CA HIS D 13 -43.94 -11.99 -31.29
C HIS D 13 -44.73 -12.76 -30.22
N PRO D 14 -46.08 -12.78 -30.31
CA PRO D 14 -46.90 -13.61 -29.40
C PRO D 14 -46.52 -15.09 -29.47
N PRO D 15 -46.28 -15.75 -28.31
CA PRO D 15 -45.72 -17.10 -28.29
C PRO D 15 -46.75 -18.19 -28.66
N GLU D 16 -46.41 -18.99 -29.68
CA GLU D 16 -47.19 -20.15 -30.10
C GLU D 16 -46.26 -21.37 -30.18
N ASN D 17 -46.73 -22.50 -29.63
CA ASN D 17 -45.95 -23.74 -29.58
C ASN D 17 -45.74 -24.26 -31.02
N GLY D 18 -44.47 -24.57 -31.34
CA GLY D 18 -44.07 -25.11 -32.63
C GLY D 18 -43.74 -24.03 -33.65
N LYS D 19 -43.99 -22.76 -33.31
CA LYS D 19 -43.91 -21.63 -34.24
C LYS D 19 -42.65 -20.82 -33.94
N PRO D 20 -41.69 -20.72 -34.90
CA PRO D 20 -40.50 -19.88 -34.74
C PRO D 20 -40.75 -18.44 -34.27
N ASN D 21 -39.80 -17.92 -33.49
CA ASN D 21 -39.93 -16.67 -32.75
C ASN D 21 -38.51 -16.21 -32.36
N ILE D 22 -38.40 -14.98 -31.85
CA ILE D 22 -37.15 -14.45 -31.28
C ILE D 22 -37.35 -14.25 -29.78
N LEU D 23 -36.38 -14.73 -28.98
CA LEU D 23 -36.36 -14.52 -27.52
C LEU D 23 -35.31 -13.46 -27.19
N ASN D 24 -35.71 -12.49 -26.36
CA ASN D 24 -34.88 -11.35 -25.98
C ASN D 24 -34.49 -11.46 -24.50
N CYS D 25 -33.24 -11.09 -24.20
CA CYS D 25 -32.75 -10.89 -22.84
C CYS D 25 -32.15 -9.48 -22.73
N TYR D 26 -32.80 -8.64 -21.91
CA TYR D 26 -32.41 -7.24 -21.72
C TYR D 26 -31.82 -7.07 -20.32
N VAL D 27 -30.49 -6.92 -20.27
CA VAL D 27 -29.73 -6.70 -19.04
C VAL D 27 -29.40 -5.21 -18.92
N THR D 28 -29.62 -4.64 -17.73
CA THR D 28 -29.53 -3.19 -17.50
C THR D 28 -29.04 -2.90 -16.08
N GLN D 29 -28.75 -1.61 -15.84
CA GLN D 29 -28.49 -1.03 -14.51
C GLN D 29 -27.23 -1.63 -13.88
N PHE D 30 -26.23 -1.99 -14.70
CA PHE D 30 -25.01 -2.63 -14.18
C PHE D 30 -23.79 -1.73 -14.39
N HIS D 31 -22.76 -1.97 -13.56
CA HIS D 31 -21.49 -1.24 -13.54
C HIS D 31 -20.53 -2.00 -12.63
N PRO D 32 -19.32 -2.32 -13.10
CA PRO D 32 -18.73 -1.94 -14.37
C PRO D 32 -19.28 -2.72 -15.57
N PRO D 33 -18.96 -2.30 -16.82
CA PRO D 33 -19.59 -2.88 -18.01
C PRO D 33 -19.10 -4.27 -18.48
N HIS D 34 -18.05 -4.82 -17.85
CA HIS D 34 -17.60 -6.18 -18.15
C HIS D 34 -18.66 -7.17 -17.64
N ILE D 35 -19.19 -8.00 -18.55
CA ILE D 35 -20.32 -8.88 -18.25
C ILE D 35 -20.31 -10.07 -19.23
N GLU D 36 -20.80 -11.21 -18.73
CA GLU D 36 -21.07 -12.41 -19.53
C GLU D 36 -22.58 -12.68 -19.50
N ILE D 37 -23.17 -12.83 -20.69
CA ILE D 37 -24.59 -13.12 -20.85
C ILE D 37 -24.71 -14.37 -21.74
N GLN D 38 -25.30 -15.41 -21.18
CA GLN D 38 -25.64 -16.64 -21.91
C GLN D 38 -27.16 -16.75 -21.97
N MET D 39 -27.65 -17.34 -23.07
CA MET D 39 -29.03 -17.73 -23.20
C MET D 39 -29.09 -19.26 -23.30
N LEU D 40 -29.89 -19.87 -22.42
CA LEU D 40 -29.91 -21.32 -22.23
C LEU D 40 -31.22 -21.91 -22.75
N LYS D 41 -31.12 -23.13 -23.29
CA LYS D 41 -32.26 -23.97 -23.62
C LYS D 41 -32.10 -25.29 -22.87
N ASN D 42 -32.96 -25.52 -21.87
CA ASN D 42 -32.91 -26.70 -21.00
C ASN D 42 -31.52 -26.78 -20.34
N GLY D 43 -30.98 -25.62 -19.94
CA GLY D 43 -29.74 -25.52 -19.17
C GLY D 43 -28.49 -25.51 -20.03
N LYS D 44 -28.63 -25.71 -21.35
CA LYS D 44 -27.50 -25.82 -22.27
C LYS D 44 -27.36 -24.50 -23.04
N LYS D 45 -26.10 -24.13 -23.33
CA LYS D 45 -25.75 -22.86 -23.95
C LYS D 45 -26.14 -22.88 -25.43
N ILE D 46 -27.00 -21.94 -25.83
CA ILE D 46 -27.44 -21.77 -27.23
C ILE D 46 -26.28 -21.20 -28.01
N PRO D 47 -25.97 -21.75 -29.22
CA PRO D 47 -24.94 -21.17 -30.08
C PRO D 47 -25.49 -20.05 -30.98
N LYS D 48 -24.59 -19.15 -31.41
CA LYS D 48 -24.91 -18.06 -32.35
C LYS D 48 -26.01 -17.17 -31.75
N VAL D 49 -25.72 -16.60 -30.57
CA VAL D 49 -26.58 -15.62 -29.90
C VAL D 49 -26.07 -14.22 -30.26
N GLU D 50 -26.90 -13.46 -30.99
CA GLU D 50 -26.57 -12.09 -31.38
C GLU D 50 -26.65 -11.20 -30.13
N MET D 51 -25.79 -10.17 -30.10
CA MET D 51 -25.69 -9.22 -28.99
C MET D 51 -25.65 -7.81 -29.57
N SER D 52 -26.56 -6.95 -29.12
CA SER D 52 -26.52 -5.53 -29.44
C SER D 52 -25.24 -4.93 -28.85
N ASP D 53 -24.75 -3.86 -29.47
CA ASP D 53 -23.63 -3.10 -28.94
C ASP D 53 -24.01 -2.59 -27.55
N MET D 54 -23.07 -2.64 -26.61
CA MET D 54 -23.31 -2.09 -25.29
C MET D 54 -23.46 -0.57 -25.39
N SER D 55 -24.30 0.00 -24.51
CA SER D 55 -24.56 1.42 -24.44
C SER D 55 -24.91 1.78 -22.99
N PHE D 56 -25.16 3.06 -22.72
CA PHE D 56 -25.57 3.49 -21.38
C PHE D 56 -26.60 4.62 -21.47
N SER D 57 -27.40 4.76 -20.39
CA SER D 57 -28.48 5.74 -20.29
C SER D 57 -27.96 7.06 -19.70
N LYS D 58 -28.87 7.99 -19.42
CA LYS D 58 -28.55 9.31 -18.86
C LYS D 58 -27.84 9.15 -17.49
N ASP D 59 -28.24 8.13 -16.72
CA ASP D 59 -27.73 7.89 -15.36
C ASP D 59 -26.41 7.10 -15.39
N TRP D 60 -25.82 6.92 -16.58
CA TRP D 60 -24.48 6.33 -16.78
C TRP D 60 -24.49 4.82 -16.51
N SER D 61 -25.67 4.23 -16.35
CA SER D 61 -25.81 2.78 -16.16
C SER D 61 -25.82 2.11 -17.53
N PHE D 62 -25.17 0.94 -17.62
CA PHE D 62 -25.01 0.21 -18.87
C PHE D 62 -26.22 -0.68 -19.13
N TYR D 63 -26.47 -0.97 -20.40
CA TYR D 63 -27.49 -1.91 -20.85
C TYR D 63 -27.02 -2.61 -22.13
N ILE D 64 -27.57 -3.81 -22.36
CA ILE D 64 -27.26 -4.60 -23.55
C ILE D 64 -28.40 -5.59 -23.80
N LEU D 65 -28.73 -5.79 -25.07
CA LEU D 65 -29.82 -6.67 -25.48
C LEU D 65 -29.24 -7.89 -26.20
N ALA D 66 -29.24 -9.03 -25.50
CA ALA D 66 -28.98 -10.33 -26.10
C ALA D 66 -30.30 -10.87 -26.67
N HIS D 67 -30.23 -11.48 -27.87
CA HIS D 67 -31.41 -12.08 -28.50
C HIS D 67 -30.98 -13.30 -29.34
N THR D 68 -31.92 -14.20 -29.58
CA THR D 68 -31.68 -15.42 -30.32
C THR D 68 -33.01 -15.99 -30.82
N GLU D 69 -32.94 -16.79 -31.89
CA GLU D 69 -34.09 -17.50 -32.44
C GLU D 69 -34.42 -18.70 -31.54
N PHE D 70 -35.72 -18.99 -31.42
CA PHE D 70 -36.19 -20.12 -30.63
C PHE D 70 -37.60 -20.50 -31.09
N THR D 71 -37.94 -21.78 -30.88
CA THR D 71 -39.30 -22.29 -31.06
C THR D 71 -39.79 -22.80 -29.71
N PRO D 72 -40.77 -22.13 -29.06
CA PRO D 72 -41.26 -22.57 -27.76
C PRO D 72 -42.12 -23.85 -27.86
N THR D 73 -41.99 -24.72 -26.85
CA THR D 73 -42.79 -25.94 -26.70
C THR D 73 -43.31 -25.98 -25.25
N GLU D 74 -44.08 -27.02 -24.92
CA GLU D 74 -44.62 -27.18 -23.57
C GLU D 74 -43.52 -27.68 -22.61
N THR D 75 -42.52 -28.37 -23.17
CA THR D 75 -41.47 -29.05 -22.38
C THR D 75 -40.24 -28.15 -22.22
N ASP D 76 -39.77 -27.55 -23.32
CA ASP D 76 -38.49 -26.80 -23.36
C ASP D 76 -38.55 -25.59 -22.43
N THR D 77 -37.47 -25.39 -21.66
CA THR D 77 -37.27 -24.21 -20.79
C THR D 77 -36.17 -23.32 -21.38
N TYR D 78 -36.41 -22.02 -21.37
CA TYR D 78 -35.49 -21.01 -21.89
C TYR D 78 -35.15 -20.02 -20.77
N ALA D 79 -33.87 -19.64 -20.68
CA ALA D 79 -33.38 -18.80 -19.58
C ALA D 79 -32.26 -17.87 -20.06
N CYS D 80 -31.88 -16.92 -19.20
CA CYS D 80 -30.80 -15.98 -19.43
C CYS D 80 -29.90 -15.94 -18.19
N ARG D 81 -28.64 -16.37 -18.36
CA ARG D 81 -27.67 -16.51 -17.28
C ARG D 81 -26.65 -15.37 -17.39
N VAL D 82 -26.48 -14.61 -16.29
CA VAL D 82 -25.67 -13.40 -16.25
C VAL D 82 -24.63 -13.52 -15.13
N LYS D 83 -23.35 -13.43 -15.51
CA LYS D 83 -22.22 -13.32 -14.57
C LYS D 83 -21.74 -11.87 -14.54
N HIS D 84 -21.69 -11.30 -13.33
CA HIS D 84 -21.20 -9.94 -13.11
C HIS D 84 -20.38 -9.90 -11.82
N ALA D 85 -19.43 -8.97 -11.74
CA ALA D 85 -18.55 -8.81 -10.58
C ALA D 85 -19.38 -8.49 -9.32
N SER D 86 -20.50 -7.79 -9.51
CA SER D 86 -21.37 -7.34 -8.41
C SER D 86 -22.00 -8.53 -7.68
N MET D 87 -22.33 -9.60 -8.42
CA MET D 87 -23.02 -10.77 -7.88
C MET D 87 -22.00 -11.87 -7.57
N ALA D 88 -22.12 -12.48 -6.38
CA ALA D 88 -21.23 -13.54 -5.93
C ALA D 88 -21.40 -14.77 -6.85
N GLU D 89 -22.66 -15.10 -7.16
CA GLU D 89 -23.02 -16.22 -8.03
C GLU D 89 -23.73 -15.71 -9.27
N PRO D 90 -23.72 -16.46 -10.40
CA PRO D 90 -24.46 -16.07 -11.60
C PRO D 90 -25.98 -16.10 -11.39
N LYS D 91 -26.67 -15.06 -11.86
CA LYS D 91 -28.12 -14.94 -11.74
C LYS D 91 -28.78 -15.48 -13.01
N THR D 92 -29.66 -16.47 -12.82
CA THR D 92 -30.43 -17.08 -13.90
C THR D 92 -31.88 -16.60 -13.81
N VAL D 93 -32.42 -16.13 -14.94
CA VAL D 93 -33.81 -15.70 -15.04
C VAL D 93 -34.47 -16.52 -16.16
N TYR D 94 -35.45 -17.35 -15.77
CA TYR D 94 -36.17 -18.23 -16.68
C TYR D 94 -37.27 -17.43 -17.39
N TRP D 95 -37.49 -17.77 -18.66
CA TRP D 95 -38.58 -17.22 -19.46
C TRP D 95 -39.90 -17.83 -18.99
N ASP D 96 -40.92 -16.98 -18.85
CA ASP D 96 -42.30 -17.39 -18.62
C ASP D 96 -43.18 -16.63 -19.62
N ARG D 97 -43.84 -17.37 -20.50
CA ARG D 97 -44.68 -16.79 -21.56
C ARG D 97 -45.90 -16.07 -20.95
N ASP D 98 -46.32 -16.54 -19.78
CA ASP D 98 -47.45 -15.97 -19.04
C ASP D 98 -47.07 -14.61 -18.44
N MET D 99 -45.80 -14.47 -18.02
CA MET D 99 -45.26 -13.21 -17.49
C MET D 99 -44.85 -12.30 -18.66
N LYS E 6 23.87 -45.12 41.67
CA LYS E 6 22.37 -45.19 41.63
C LYS E 6 21.83 -43.89 41.02
N ASN E 7 21.17 -44.01 39.86
CA ASN E 7 20.76 -42.88 39.03
C ASN E 7 19.26 -42.62 39.21
N TYR E 8 18.93 -41.61 40.01
CA TYR E 8 17.54 -41.21 40.28
C TYR E 8 17.02 -40.35 39.11
N THR E 9 15.73 -40.51 38.82
CA THR E 9 15.04 -39.74 37.77
C THR E 9 13.93 -38.91 38.39
N PHE E 10 14.06 -37.57 38.26
CA PHE E 10 13.06 -36.62 38.70
C PHE E 10 12.03 -36.44 37.59
N ARG E 11 10.75 -36.58 37.93
CA ARG E 11 9.64 -36.54 36.97
C ARG E 11 8.54 -35.62 37.48
N CYS E 12 8.18 -34.62 36.65
CA CYS E 12 7.02 -33.76 36.86
C CYS E 12 5.93 -34.16 35.87
N LEU E 13 4.92 -34.89 36.34
CA LEU E 13 3.87 -35.44 35.49
C LEU E 13 2.63 -34.56 35.60
N GLN E 14 2.21 -33.99 34.47
CA GLN E 14 1.03 -33.13 34.38
C GLN E 14 -0.02 -33.80 33.48
N MET E 15 -1.29 -33.71 33.90
CA MET E 15 -2.43 -34.23 33.18
C MET E 15 -3.48 -33.12 33.06
N SER E 16 -3.87 -32.80 31.82
CA SER E 16 -4.87 -31.78 31.55
C SER E 16 -5.98 -32.38 30.69
N SER E 17 -7.23 -32.22 31.16
CA SER E 17 -8.42 -32.72 30.46
C SER E 17 -9.30 -31.55 30.06
N PHE E 18 -9.50 -31.36 28.76
CA PHE E 18 -10.41 -30.35 28.22
C PHE E 18 -11.63 -31.06 27.62
N ALA E 19 -12.79 -30.89 28.27
CA ALA E 19 -14.02 -31.60 27.90
C ALA E 19 -14.76 -30.83 26.80
N ASN E 20 -14.73 -29.50 26.89
CA ASN E 20 -15.35 -28.60 25.92
C ASN E 20 -14.65 -27.23 26.05
N ARG E 21 -15.18 -26.21 25.36
CA ARG E 21 -14.58 -24.88 25.26
C ARG E 21 -14.34 -24.26 26.65
N SER E 22 -15.25 -24.52 27.60
CA SER E 22 -15.21 -23.90 28.93
C SER E 22 -14.52 -24.81 29.96
N TRP E 23 -15.05 -26.03 30.14
CA TRP E 23 -14.64 -26.96 31.20
C TRP E 23 -13.25 -27.54 30.93
N SER E 24 -12.36 -27.45 31.93
CA SER E 24 -11.07 -28.14 31.91
C SER E 24 -10.53 -28.26 33.33
N ARG E 25 -9.59 -29.19 33.54
CA ARG E 25 -8.87 -29.35 34.80
C ARG E 25 -7.44 -29.81 34.53
N THR E 26 -6.52 -29.41 35.41
CA THR E 26 -5.11 -29.75 35.33
C THR E 26 -4.66 -30.24 36.71
N ASP E 27 -3.99 -31.40 36.73
CA ASP E 27 -3.55 -32.05 37.96
C ASP E 27 -2.13 -32.59 37.74
N SER E 28 -1.24 -32.29 38.69
CA SER E 28 0.16 -32.67 38.59
C SER E 28 0.60 -33.46 39.82
N VAL E 29 1.56 -34.36 39.62
CA VAL E 29 2.28 -35.02 40.69
C VAL E 29 3.77 -35.01 40.29
N VAL E 30 4.65 -35.24 41.28
CA VAL E 30 6.08 -35.19 41.07
C VAL E 30 6.73 -36.36 41.81
N TRP E 31 7.65 -37.04 41.13
CA TRP E 31 8.32 -38.23 41.60
C TRP E 31 9.84 -38.03 41.58
N LEU E 32 10.51 -38.43 42.66
CA LEU E 32 11.95 -38.67 42.67
C LEU E 32 12.17 -40.17 42.85
N GLY E 33 12.54 -40.84 41.77
CA GLY E 33 12.56 -42.29 41.72
C GLY E 33 11.14 -42.84 41.73
N ASP E 34 10.79 -43.56 42.80
CA ASP E 34 9.45 -44.14 42.97
C ASP E 34 8.76 -43.54 44.21
N LEU E 35 9.28 -42.40 44.71
CA LEU E 35 8.72 -41.68 45.85
C LEU E 35 8.11 -40.36 45.38
N GLN E 36 6.85 -40.10 45.76
CA GLN E 36 6.16 -38.86 45.42
C GLN E 36 6.70 -37.73 46.31
N THR E 37 7.09 -36.61 45.69
CA THR E 37 7.62 -35.45 46.40
C THR E 37 6.62 -34.29 46.41
N HIS E 38 5.75 -34.20 45.38
CA HIS E 38 4.79 -33.11 45.28
C HIS E 38 3.46 -33.59 44.70
N ARG E 39 2.41 -32.83 45.03
CA ARG E 39 1.05 -32.99 44.51
C ARG E 39 0.51 -31.59 44.23
N TRP E 40 -0.20 -31.44 43.10
CA TRP E 40 -0.86 -30.17 42.77
C TRP E 40 -2.20 -30.47 42.09
N SER E 41 -3.26 -30.47 42.90
CA SER E 41 -4.63 -30.68 42.45
C SER E 41 -5.10 -29.43 41.69
N ASN E 42 -6.18 -29.59 40.92
CA ASN E 42 -6.81 -28.46 40.21
C ASN E 42 -7.37 -27.46 41.22
N ASP E 43 -7.87 -27.99 42.35
CA ASP E 43 -8.58 -27.23 43.38
C ASP E 43 -7.61 -26.30 44.12
N SER E 44 -6.40 -26.79 44.38
CA SER E 44 -5.39 -26.07 45.17
C SER E 44 -4.77 -24.94 44.35
N ALA E 45 -4.56 -23.79 45.01
CA ALA E 45 -3.91 -22.63 44.41
C ALA E 45 -2.38 -22.80 44.47
N THR E 46 -1.92 -23.71 45.33
CA THR E 46 -0.51 -23.88 45.67
C THR E 46 -0.10 -25.35 45.53
N ILE E 47 1.19 -25.56 45.25
CA ILE E 47 1.80 -26.88 45.17
C ILE E 47 1.96 -27.42 46.60
N SER E 48 1.60 -28.69 46.79
CA SER E 48 1.67 -29.36 48.10
C SER E 48 2.91 -30.26 48.17
N PHE E 49 3.60 -30.22 49.32
CA PHE E 49 4.67 -31.15 49.65
C PHE E 49 4.04 -32.44 50.19
N THR E 50 4.49 -33.59 49.70
CA THR E 50 4.06 -34.90 50.19
C THR E 50 5.16 -35.53 51.06
N LYS E 51 6.33 -34.87 51.12
CA LYS E 51 7.44 -35.26 51.98
C LYS E 51 7.92 -34.05 52.76
N PRO E 52 8.54 -34.23 53.95
CA PRO E 52 9.09 -33.11 54.72
C PRO E 52 10.20 -32.35 53.98
N TRP E 53 10.87 -33.02 53.04
CA TRP E 53 12.08 -32.50 52.38
C TRP E 53 11.79 -32.07 50.93
N SER E 54 10.49 -31.88 50.61
CA SER E 54 10.03 -31.63 49.23
C SER E 54 10.54 -30.28 48.70
N GLN E 55 10.84 -29.34 49.60
CA GLN E 55 11.37 -28.03 49.22
C GLN E 55 12.84 -28.13 48.84
N GLY E 56 13.50 -29.23 49.22
CA GLY E 56 14.91 -29.44 48.97
C GLY E 56 15.75 -28.44 49.74
N LYS E 57 16.76 -27.88 49.07
CA LYS E 57 17.67 -26.90 49.66
C LYS E 57 17.33 -25.48 49.14
N LEU E 58 16.11 -25.30 48.64
CA LEU E 58 15.63 -23.99 48.21
C LEU E 58 15.15 -23.21 49.45
N SER E 59 15.56 -21.94 49.55
CA SER E 59 15.06 -21.03 50.55
C SER E 59 13.57 -20.77 50.31
N ASN E 60 12.88 -20.27 51.33
CA ASN E 60 11.45 -20.02 51.28
C ASN E 60 11.13 -18.98 50.19
N GLN E 61 12.04 -18.04 49.96
CA GLN E 61 11.85 -17.01 48.94
C GLN E 61 12.07 -17.61 47.55
N GLN E 62 13.10 -18.46 47.40
CA GLN E 62 13.41 -19.14 46.13
C GLN E 62 12.23 -20.02 45.70
N TRP E 63 11.64 -20.74 46.66
CA TRP E 63 10.51 -21.62 46.40
C TRP E 63 9.28 -20.80 45.97
N GLU E 64 9.07 -19.63 46.59
CA GLU E 64 7.90 -18.79 46.33
C GLU E 64 7.91 -18.30 44.87
N LYS E 65 9.06 -17.76 44.43
CA LYS E 65 9.25 -17.30 43.06
C LYS E 65 8.98 -18.46 42.07
N LEU E 66 9.42 -19.66 42.45
CA LEU E 66 9.28 -20.86 41.62
C LEU E 66 7.80 -21.27 41.55
N GLN E 67 7.12 -21.31 42.71
CA GLN E 67 5.71 -21.67 42.76
C GLN E 67 4.88 -20.65 41.96
N HIS E 68 5.27 -19.38 42.02
CA HIS E 68 4.59 -18.30 41.30
C HIS E 68 4.73 -18.51 39.78
N MET E 69 5.92 -18.95 39.35
CA MET E 69 6.23 -19.21 37.94
C MET E 69 5.28 -20.29 37.40
N PHE E 70 4.96 -21.28 38.24
CA PHE E 70 4.08 -22.39 37.87
C PHE E 70 2.61 -21.95 37.90
N GLN E 71 2.23 -21.19 38.93
CA GLN E 71 0.85 -20.71 39.09
C GLN E 71 0.44 -19.94 37.82
N VAL E 72 1.34 -19.10 37.32
CA VAL E 72 1.11 -18.33 36.09
C VAL E 72 1.03 -19.30 34.92
N TYR E 73 1.95 -20.29 34.89
CA TYR E 73 2.01 -21.28 33.82
C TYR E 73 0.64 -21.97 33.66
N ARG E 74 0.13 -22.52 34.77
CA ARG E 74 -1.09 -23.34 34.76
C ARG E 74 -2.27 -22.58 34.15
N VAL E 75 -2.43 -21.30 34.51
CA VAL E 75 -3.51 -20.46 34.00
C VAL E 75 -3.24 -20.19 32.51
N SER E 76 -1.99 -19.89 32.15
CA SER E 76 -1.60 -19.55 30.79
C SER E 76 -1.75 -20.77 29.87
N PHE E 77 -1.26 -21.93 30.33
CA PHE E 77 -1.34 -23.19 29.59
C PHE E 77 -2.80 -23.50 29.21
N THR E 78 -3.70 -23.32 30.18
CA THR E 78 -5.12 -23.63 30.01
C THR E 78 -5.71 -22.74 28.91
N ARG E 79 -5.35 -21.45 28.90
CA ARG E 79 -5.89 -20.49 27.93
C ARG E 79 -5.28 -20.73 26.55
N ASP E 80 -4.00 -21.12 26.52
CA ASP E 80 -3.26 -21.32 25.28
C ASP E 80 -3.83 -22.51 24.51
N ILE E 81 -3.97 -23.65 25.19
CA ILE E 81 -4.56 -24.85 24.61
C ILE E 81 -5.95 -24.52 24.07
N GLN E 82 -6.74 -23.78 24.86
CA GLN E 82 -8.09 -23.32 24.46
C GLN E 82 -8.01 -22.49 23.16
N GLU E 83 -7.02 -21.60 23.07
CA GLU E 83 -6.86 -20.72 21.90
C GLU E 83 -6.30 -21.50 20.71
N LEU E 84 -5.47 -22.51 20.98
CA LEU E 84 -4.85 -23.31 19.91
C LEU E 84 -5.90 -24.23 19.27
N VAL E 85 -6.90 -24.65 20.05
CA VAL E 85 -8.02 -25.46 19.55
C VAL E 85 -8.85 -24.62 18.57
N LYS E 86 -9.09 -23.36 18.93
CA LYS E 86 -9.79 -22.39 18.09
C LYS E 86 -9.04 -22.18 16.77
N MET E 87 -7.70 -22.18 16.85
CA MET E 87 -6.81 -21.89 15.74
C MET E 87 -6.84 -23.03 14.71
N MET E 88 -6.86 -24.28 15.19
CA MET E 88 -6.86 -25.47 14.35
C MET E 88 -8.28 -25.77 13.85
N SER E 89 -9.29 -25.27 14.58
CA SER E 89 -10.72 -25.55 14.30
C SER E 89 -11.02 -25.43 12.80
N PRO E 90 -11.77 -26.39 12.24
CA PRO E 90 -12.36 -27.54 12.93
C PRO E 90 -11.59 -28.86 12.74
N LYS E 91 -10.26 -28.77 12.68
CA LYS E 91 -9.38 -29.92 12.46
C LYS E 91 -9.43 -30.84 13.68
N GLU E 92 -9.12 -30.28 14.85
CA GLU E 92 -9.14 -31.00 16.12
C GLU E 92 -10.17 -30.33 17.04
N ASP E 93 -10.78 -31.14 17.91
CA ASP E 93 -11.93 -30.74 18.71
C ASP E 93 -11.90 -31.48 20.05
N TYR E 94 -12.68 -30.98 21.02
CA TYR E 94 -12.82 -31.57 22.34
C TYR E 94 -13.60 -32.88 22.21
N PRO E 95 -13.42 -33.82 23.15
CA PRO E 95 -12.52 -33.70 24.30
C PRO E 95 -11.05 -33.91 23.94
N ILE E 96 -10.18 -33.17 24.64
CA ILE E 96 -8.74 -33.19 24.42
C ILE E 96 -8.04 -33.60 25.72
N GLU E 97 -6.95 -34.36 25.57
CA GLU E 97 -6.16 -34.89 26.68
C GLU E 97 -4.69 -34.58 26.43
N ILE E 98 -4.08 -33.83 27.36
CA ILE E 98 -2.68 -33.45 27.25
C ILE E 98 -1.93 -33.97 28.49
N GLN E 99 -0.70 -34.42 28.25
CA GLN E 99 0.20 -34.89 29.31
C GLN E 99 1.59 -34.28 29.06
N LEU E 100 2.19 -33.75 30.13
CA LEU E 100 3.59 -33.33 30.13
C LEU E 100 4.38 -34.25 31.05
N SER E 101 5.58 -34.63 30.61
CA SER E 101 6.54 -35.33 31.43
C SER E 101 7.86 -34.54 31.40
N ALA E 102 8.03 -33.66 32.39
CA ALA E 102 9.20 -32.82 32.52
C ALA E 102 10.03 -33.29 33.72
N GLY E 103 11.32 -32.95 33.71
CA GLY E 103 12.24 -33.29 34.76
C GLY E 103 13.62 -33.59 34.22
N CYS E 104 14.50 -34.07 35.10
CA CYS E 104 15.89 -34.32 34.76
C CYS E 104 16.36 -35.62 35.43
N GLU E 105 17.31 -36.29 34.75
CA GLU E 105 17.82 -37.61 35.11
C GLU E 105 19.25 -37.44 35.60
N MET E 106 19.45 -37.63 36.92
CA MET E 106 20.72 -37.30 37.59
C MET E 106 21.73 -38.45 37.39
N TYR E 107 22.97 -38.07 37.05
CA TYR E 107 24.10 -38.97 36.90
C TYR E 107 25.20 -38.57 37.89
N PRO E 108 26.17 -39.46 38.20
CA PRO E 108 27.27 -39.10 39.09
C PRO E 108 28.27 -38.13 38.45
N GLY E 109 28.80 -37.21 39.26
CA GLY E 109 29.84 -36.26 38.85
C GLY E 109 29.26 -35.02 38.18
N ASN E 110 28.24 -34.43 38.81
CA ASN E 110 27.62 -33.16 38.38
C ASN E 110 27.17 -33.24 36.91
N ALA E 111 26.58 -34.38 36.54
CA ALA E 111 26.06 -34.61 35.18
C ALA E 111 24.57 -34.91 35.26
N SER E 112 23.83 -34.47 34.22
CA SER E 112 22.39 -34.71 34.12
C SER E 112 21.91 -34.48 32.68
N GLU E 113 20.72 -35.01 32.40
CA GLU E 113 19.99 -34.77 31.16
C GLU E 113 18.55 -34.38 31.51
N SER E 114 18.17 -33.15 31.17
CA SER E 114 16.82 -32.66 31.36
C SER E 114 15.96 -33.05 30.15
N PHE E 115 14.64 -33.03 30.34
CA PHE E 115 13.71 -33.38 29.27
C PHE E 115 12.34 -32.78 29.58
N LEU E 116 11.60 -32.45 28.51
CA LEU E 116 10.22 -32.02 28.55
C LEU E 116 9.50 -32.65 27.36
N HIS E 117 8.65 -33.64 27.64
CA HIS E 117 7.92 -34.39 26.63
C HIS E 117 6.42 -34.11 26.78
N VAL E 118 5.76 -33.86 25.64
CA VAL E 118 4.34 -33.54 25.59
C VAL E 118 3.63 -34.66 24.81
N ALA E 119 2.47 -35.09 25.32
CA ALA E 119 1.63 -36.10 24.69
C ALA E 119 0.24 -35.52 24.43
N PHE E 120 -0.34 -35.90 23.29
CA PHE E 120 -1.64 -35.43 22.86
C PHE E 120 -2.51 -36.64 22.52
N GLN E 121 -3.62 -36.78 23.26
CA GLN E 121 -4.55 -37.91 23.15
C GLN E 121 -3.79 -39.23 23.38
N GLY E 122 -2.87 -39.23 24.35
CA GLY E 122 -2.14 -40.42 24.80
C GLY E 122 -0.92 -40.75 23.94
N LYS E 123 -0.62 -39.90 22.94
CA LYS E 123 0.49 -40.15 22.01
C LYS E 123 1.53 -39.02 22.13
N TYR E 124 2.80 -39.42 22.26
CA TYR E 124 3.95 -38.51 22.39
C TYR E 124 4.18 -37.82 21.04
N VAL E 125 3.98 -36.49 21.01
CA VAL E 125 3.97 -35.71 19.75
C VAL E 125 5.05 -34.61 19.77
N VAL E 126 5.24 -33.94 20.91
CA VAL E 126 6.05 -32.73 20.99
C VAL E 126 7.03 -32.85 22.17
N ARG E 127 8.21 -32.25 22.01
CA ARG E 127 9.20 -32.10 23.08
C ARG E 127 9.83 -30.71 22.99
N PHE E 128 10.44 -30.29 24.10
CA PHE E 128 11.34 -29.15 24.10
C PHE E 128 12.77 -29.67 23.98
N TRP E 129 13.49 -29.18 22.96
CA TRP E 129 14.84 -29.61 22.67
C TRP E 129 15.69 -28.39 22.29
N GLY E 130 16.79 -28.19 23.02
CA GLY E 130 17.69 -27.08 22.78
C GLY E 130 17.10 -25.75 23.24
N THR E 131 16.47 -25.04 22.30
CA THR E 131 15.98 -23.68 22.53
C THR E 131 14.59 -23.47 21.93
N SER E 132 13.87 -24.56 21.63
CA SER E 132 12.61 -24.47 20.89
C SER E 132 11.79 -25.76 21.04
N TRP E 133 10.48 -25.63 20.81
CA TRP E 133 9.58 -26.76 20.69
C TRP E 133 9.78 -27.40 19.31
N GLN E 134 9.65 -28.73 19.24
CA GLN E 134 9.66 -29.44 17.97
C GLN E 134 8.82 -30.73 18.10
N THR E 135 8.23 -31.13 16.99
CA THR E 135 7.51 -32.39 16.89
C THR E 135 8.52 -33.55 16.81
N VAL E 136 8.08 -34.73 17.22
CA VAL E 136 8.88 -35.94 17.16
C VAL E 136 8.33 -36.82 16.04
N PRO E 137 9.08 -37.84 15.57
CA PRO E 137 8.58 -38.78 14.57
C PRO E 137 7.22 -39.41 14.96
N GLY E 138 6.29 -39.42 14.01
CA GLY E 138 4.94 -39.99 14.20
C GLY E 138 3.88 -38.93 14.42
N ALA E 139 4.31 -37.68 14.63
CA ALA E 139 3.43 -36.57 14.99
C ALA E 139 2.63 -36.13 13.77
N PRO E 140 1.33 -35.76 13.94
CA PRO E 140 0.55 -35.19 12.84
C PRO E 140 1.13 -33.85 12.37
N SER E 141 0.92 -33.54 11.08
CA SER E 141 1.53 -32.39 10.42
C SER E 141 0.88 -31.08 10.89
N TRP E 142 -0.39 -31.15 11.34
CA TRP E 142 -1.17 -29.96 11.71
C TRP E 142 -0.53 -29.23 12.90
N LEU E 143 0.21 -29.97 13.74
CA LEU E 143 0.90 -29.43 14.92
C LEU E 143 1.98 -28.40 14.53
N ASP E 144 2.39 -28.37 13.26
CA ASP E 144 3.41 -27.45 12.79
C ASP E 144 3.01 -25.99 13.06
N LEU E 145 1.70 -25.68 13.03
CA LEU E 145 1.23 -24.32 13.31
C LEU E 145 1.32 -24.02 14.80
N PRO E 146 0.71 -24.83 15.71
CA PRO E 146 0.98 -24.72 17.15
C PRO E 146 2.46 -24.53 17.52
N ILE E 147 3.35 -25.33 16.93
CA ILE E 147 4.78 -25.29 17.23
C ILE E 147 5.36 -23.93 16.80
N LYS E 148 4.98 -23.46 15.60
CA LYS E 148 5.42 -22.17 15.08
C LYS E 148 5.03 -21.04 16.05
N VAL E 149 3.81 -21.13 16.62
CA VAL E 149 3.26 -20.09 17.48
C VAL E 149 3.99 -20.09 18.82
N LEU E 150 4.16 -21.27 19.42
CA LEU E 150 4.83 -21.43 20.71
C LEU E 150 6.32 -21.05 20.61
N ASN E 151 6.90 -21.26 19.42
CA ASN E 151 8.31 -20.91 19.16
C ASN E 151 8.46 -19.40 18.96
N ALA E 152 7.35 -18.70 18.69
CA ALA E 152 7.35 -17.24 18.54
C ALA E 152 7.54 -16.54 19.89
N ASP E 153 7.20 -17.25 20.98
CA ASP E 153 7.22 -16.74 22.36
C ASP E 153 8.64 -16.89 22.92
N GLN E 154 9.45 -15.84 22.73
CA GLN E 154 10.86 -15.82 23.14
C GLN E 154 10.97 -15.95 24.67
N GLY E 155 10.08 -15.27 25.40
CA GLY E 155 10.09 -15.25 26.86
C GLY E 155 9.89 -16.63 27.46
N THR E 156 8.96 -17.40 26.90
CA THR E 156 8.69 -18.77 27.35
C THR E 156 9.92 -19.64 27.08
N SER E 157 10.50 -19.50 25.88
CA SER E 157 11.67 -20.27 25.47
C SER E 157 12.83 -20.06 26.45
N ALA E 158 13.10 -18.79 26.79
CA ALA E 158 14.19 -18.42 27.70
C ALA E 158 13.94 -19.02 29.09
N THR E 159 12.68 -19.01 29.53
CA THR E 159 12.28 -19.48 30.84
C THR E 159 12.43 -21.01 30.94
N VAL E 160 11.92 -21.72 29.93
CA VAL E 160 11.96 -23.18 29.88
C VAL E 160 13.42 -23.63 29.80
N GLN E 161 14.24 -22.91 29.03
CA GLN E 161 15.67 -23.20 28.89
C GLN E 161 16.34 -23.18 30.27
N MET E 162 16.14 -22.08 31.00
CA MET E 162 16.71 -21.87 32.34
C MET E 162 16.13 -22.92 33.31
N LEU E 163 14.86 -23.27 33.11
CA LEU E 163 14.14 -24.20 33.96
C LEU E 163 14.72 -25.62 33.82
N LEU E 164 14.99 -26.03 32.58
CA LEU E 164 15.52 -27.37 32.28
C LEU E 164 17.04 -27.43 32.54
N ASN E 165 17.78 -26.41 32.10
CA ASN E 165 19.25 -26.43 32.13
C ASN E 165 19.78 -26.24 33.57
N ASP E 166 19.18 -25.33 34.34
CA ASP E 166 19.75 -24.88 35.62
C ASP E 166 18.88 -25.33 36.81
N THR E 167 17.61 -24.89 36.82
CA THR E 167 16.74 -25.02 37.98
C THR E 167 16.53 -26.50 38.34
N CYS E 168 16.25 -27.35 37.33
CA CYS E 168 15.96 -28.76 37.59
C CYS E 168 17.16 -29.44 38.23
N PRO E 169 18.35 -29.50 37.59
CA PRO E 169 19.51 -30.18 38.17
C PRO E 169 19.82 -29.82 39.64
N LEU E 170 20.00 -28.54 39.93
CA LEU E 170 20.46 -28.12 41.26
C LEU E 170 19.34 -28.30 42.30
N PHE E 171 18.07 -28.25 41.85
CA PHE E 171 16.93 -28.53 42.73
C PHE E 171 16.95 -30.00 43.15
N VAL E 172 17.12 -30.90 42.18
CA VAL E 172 17.13 -32.34 42.41
C VAL E 172 18.36 -32.71 43.24
N ARG E 173 19.48 -32.01 43.00
CA ARG E 173 20.71 -32.19 43.79
C ARG E 173 20.37 -31.94 45.27
N GLY E 174 19.59 -30.89 45.52
CA GLY E 174 19.12 -30.53 46.86
C GLY E 174 18.16 -31.56 47.45
N LEU E 175 17.23 -32.04 46.63
CA LEU E 175 16.25 -33.05 47.06
C LEU E 175 16.98 -34.30 47.60
N LEU E 176 18.01 -34.74 46.87
CA LEU E 176 18.75 -35.98 47.17
C LEU E 176 19.45 -35.86 48.53
N GLU E 177 20.02 -34.69 48.81
CA GLU E 177 20.65 -34.41 50.09
C GLU E 177 19.61 -34.45 51.20
N ALA E 178 18.52 -33.69 51.03
CA ALA E 178 17.51 -33.49 52.07
C ALA E 178 16.70 -34.78 52.33
N GLY E 179 16.51 -35.60 51.28
CA GLY E 179 15.67 -36.80 51.35
C GLY E 179 16.47 -38.09 51.32
N LYS E 180 17.72 -38.03 51.79
CA LYS E 180 18.68 -39.13 51.71
C LYS E 180 18.16 -40.36 52.47
N SER E 181 17.69 -40.14 53.71
CA SER E 181 17.32 -41.22 54.62
C SER E 181 15.98 -41.85 54.21
N ASP E 182 15.13 -41.11 53.49
CA ASP E 182 13.86 -41.64 52.97
C ASP E 182 14.11 -42.45 51.68
N LEU E 183 15.07 -42.00 50.88
CA LEU E 183 15.42 -42.65 49.61
C LEU E 183 16.16 -43.97 49.90
N GLU E 184 16.97 -43.98 50.96
CA GLU E 184 17.84 -45.11 51.29
C GLU E 184 17.20 -46.01 52.36
N LYS E 185 15.90 -45.81 52.64
CA LYS E 185 15.19 -46.61 53.65
C LYS E 185 15.15 -48.07 53.20
N GLN E 186 15.11 -48.98 54.19
CA GLN E 186 15.04 -50.42 53.97
C GLN E 186 13.87 -50.98 54.80
N GLU E 187 12.85 -51.49 54.10
CA GLU E 187 11.65 -52.09 54.71
C GLU E 187 11.63 -53.59 54.37
N LYS E 188 11.42 -54.43 55.39
CA LYS E 188 11.55 -55.88 55.27
C LYS E 188 10.30 -56.47 54.61
N PRO E 189 10.45 -57.35 53.59
CA PRO E 189 9.31 -58.06 53.03
C PRO E 189 8.75 -59.10 54.01
N VAL E 190 7.44 -59.34 53.92
CA VAL E 190 6.76 -60.45 54.59
C VAL E 190 6.12 -61.30 53.50
N ALA E 191 6.20 -62.63 53.66
CA ALA E 191 5.75 -63.57 52.65
C ALA E 191 4.67 -64.49 53.23
N TRP E 192 3.86 -65.07 52.34
CA TRP E 192 2.88 -66.10 52.69
C TRP E 192 2.49 -66.89 51.44
N LEU E 193 2.09 -68.15 51.63
CA LEU E 193 1.79 -69.07 50.54
C LEU E 193 0.26 -69.24 50.41
N SER E 194 -0.15 -69.77 49.25
CA SER E 194 -1.55 -70.04 48.92
C SER E 194 -1.62 -70.82 47.60
N SER E 195 -2.80 -71.37 47.28
CA SER E 195 -2.97 -72.26 46.13
C SER E 195 -4.37 -72.10 45.51
N VAL E 196 -4.43 -72.24 44.18
CA VAL E 196 -5.67 -72.18 43.40
C VAL E 196 -5.62 -73.22 42.30
N PRO E 197 -6.79 -73.65 41.74
CA PRO E 197 -6.80 -74.53 40.58
C PRO E 197 -6.58 -73.74 39.28
N SER E 198 -5.59 -74.18 38.48
CA SER E 198 -5.29 -73.58 37.19
C SER E 198 -6.39 -73.94 36.18
N SER E 199 -6.27 -73.42 34.94
CA SER E 199 -7.24 -73.65 33.88
C SER E 199 -7.38 -75.15 33.54
N ALA E 200 -6.36 -75.95 33.91
CA ALA E 200 -6.41 -77.40 33.82
C ALA E 200 -6.93 -77.98 35.16
N HIS E 201 -7.77 -79.02 35.06
CA HIS E 201 -8.38 -79.69 36.22
C HIS E 201 -7.31 -80.45 37.01
N GLY E 202 -6.43 -81.16 36.30
CA GLY E 202 -5.36 -81.97 36.89
C GLY E 202 -4.29 -81.14 37.58
N HIS E 203 -4.08 -79.91 37.09
CA HIS E 203 -3.00 -79.02 37.55
C HIS E 203 -3.48 -78.12 38.70
N ARG E 204 -2.50 -77.54 39.41
CA ARG E 204 -2.71 -76.52 40.44
C ARG E 204 -1.66 -75.41 40.25
N GLN E 205 -1.82 -74.31 40.99
CA GLN E 205 -0.94 -73.14 40.91
C GLN E 205 -0.65 -72.61 42.32
N LEU E 206 0.61 -72.79 42.76
CA LEU E 206 1.09 -72.26 44.03
C LEU E 206 1.46 -70.79 43.84
N VAL E 207 1.09 -69.95 44.82
CA VAL E 207 1.32 -68.51 44.80
C VAL E 207 2.11 -68.12 46.05
N CYS E 208 3.25 -67.45 45.84
CA CYS E 208 4.08 -66.92 46.91
C CYS E 208 4.01 -65.40 46.91
N HIS E 209 3.36 -64.84 47.94
CA HIS E 209 3.14 -63.41 48.09
C HIS E 209 4.31 -62.79 48.84
N VAL E 210 4.78 -61.63 48.38
CA VAL E 210 5.85 -60.87 49.03
C VAL E 210 5.43 -59.39 49.06
N SER E 211 5.31 -58.83 50.28
CA SER E 211 4.71 -57.51 50.46
C SER E 211 5.45 -56.73 51.56
N GLY E 212 5.62 -55.43 51.32
CA GLY E 212 6.10 -54.48 52.32
C GLY E 212 7.57 -54.15 52.18
N PHE E 213 8.19 -54.49 51.04
CA PHE E 213 9.64 -54.31 50.85
C PHE E 213 9.93 -53.01 50.10
N TYR E 214 11.04 -52.37 50.49
CA TYR E 214 11.61 -51.21 49.80
C TYR E 214 13.13 -51.24 50.00
N PRO E 215 13.91 -50.97 48.94
CA PRO E 215 13.47 -50.52 47.63
C PRO E 215 12.97 -51.67 46.73
N LYS E 216 12.73 -51.34 45.45
CA LYS E 216 12.02 -52.20 44.49
C LYS E 216 12.80 -53.48 44.19
N PRO E 217 14.15 -53.46 44.01
CA PRO E 217 14.89 -54.67 43.64
C PRO E 217 14.72 -55.83 44.64
N VAL E 218 14.14 -56.94 44.18
CA VAL E 218 13.83 -58.13 45.01
C VAL E 218 14.00 -59.41 44.17
N TRP E 219 14.36 -60.50 44.85
CA TRP E 219 14.56 -61.83 44.24
C TRP E 219 13.58 -62.83 44.86
N VAL E 220 12.78 -63.49 44.01
CA VAL E 220 11.77 -64.46 44.45
C VAL E 220 11.76 -65.66 43.50
N MET E 221 12.02 -66.85 44.04
CA MET E 221 12.00 -68.10 43.28
C MET E 221 11.38 -69.22 44.12
N TRP E 222 10.63 -70.11 43.44
CA TRP E 222 10.21 -71.40 43.98
C TRP E 222 11.37 -72.39 43.87
N MET E 223 11.54 -73.23 44.89
CA MET E 223 12.68 -74.15 44.97
C MET E 223 12.25 -75.46 45.67
N ARG E 224 12.69 -76.59 45.10
CA ARG E 224 12.71 -77.88 45.79
C ARG E 224 14.14 -78.11 46.30
N GLY E 225 14.34 -77.89 47.61
CA GLY E 225 15.65 -78.01 48.23
C GLY E 225 16.58 -76.88 47.81
N ASP E 226 17.43 -77.16 46.82
CA ASP E 226 18.40 -76.19 46.29
C ASP E 226 18.36 -76.22 44.74
N GLN E 227 17.15 -76.35 44.18
CA GLN E 227 16.96 -76.38 42.73
C GLN E 227 15.87 -75.39 42.32
N GLU E 228 16.31 -74.30 41.67
CA GLU E 228 15.42 -73.27 41.13
C GLU E 228 14.44 -73.91 40.13
N GLN E 229 13.15 -73.61 40.30
CA GLN E 229 12.12 -74.03 39.36
C GLN E 229 12.06 -73.00 38.22
N GLN E 230 12.22 -73.49 36.98
CA GLN E 230 12.23 -72.65 35.78
C GLN E 230 10.81 -72.13 35.49
N GLY E 231 9.79 -72.83 36.00
CA GLY E 231 8.38 -72.51 35.76
C GLY E 231 7.90 -71.28 36.53
N THR E 232 8.66 -70.86 37.56
CA THR E 232 8.36 -69.68 38.36
C THR E 232 8.06 -68.48 37.44
N HIS E 233 6.89 -67.86 37.64
CA HIS E 233 6.46 -66.69 36.88
C HIS E 233 6.22 -65.52 37.83
N ARG E 234 7.16 -64.56 37.83
CA ARG E 234 7.05 -63.31 38.59
C ARG E 234 5.99 -62.43 37.95
N GLY E 235 5.09 -61.89 38.79
CA GLY E 235 4.11 -60.88 38.37
C GLY E 235 4.76 -59.50 38.33
N ASP E 236 3.94 -58.48 38.01
CA ASP E 236 4.38 -57.09 38.01
C ASP E 236 4.55 -56.62 39.46
N PHE E 237 5.33 -55.55 39.65
CA PHE E 237 5.44 -54.86 40.92
C PHE E 237 4.19 -53.99 41.13
N LEU E 238 3.39 -54.34 42.14
CA LEU E 238 2.18 -53.60 42.50
C LEU E 238 2.48 -52.77 43.75
N PRO E 239 2.03 -51.50 43.82
CA PRO E 239 2.34 -50.63 44.97
C PRO E 239 1.39 -50.83 46.17
N ASN E 240 1.92 -50.59 47.37
CA ASN E 240 1.13 -50.46 48.59
C ASN E 240 0.95 -48.98 48.90
N ALA E 241 -0.02 -48.66 49.77
CA ALA E 241 -0.38 -47.29 50.12
C ALA E 241 0.72 -46.61 50.96
N ASP E 242 1.55 -47.41 51.64
CA ASP E 242 2.58 -46.90 52.57
C ASP E 242 3.95 -46.83 51.87
N GLU E 243 3.95 -46.73 50.53
CA GLU E 243 5.14 -46.58 49.70
C GLU E 243 6.11 -47.75 49.93
N THR E 244 5.55 -48.96 49.98
CA THR E 244 6.28 -50.22 49.85
C THR E 244 5.68 -50.95 48.64
N TRP E 245 6.28 -52.09 48.29
CA TRP E 245 5.94 -52.80 47.06
C TRP E 245 5.34 -54.18 47.37
N TYR E 246 4.58 -54.69 46.40
CA TYR E 246 3.96 -56.00 46.44
C TYR E 246 4.32 -56.75 45.16
N LEU E 247 4.69 -58.02 45.32
CA LEU E 247 5.06 -58.91 44.21
C LEU E 247 4.61 -60.32 44.56
N GLN E 248 4.24 -61.10 43.54
CA GLN E 248 3.91 -62.52 43.71
C GLN E 248 4.49 -63.33 42.55
N ALA E 249 5.00 -64.52 42.89
CA ALA E 249 5.53 -65.49 41.95
C ALA E 249 4.64 -66.74 41.94
N THR E 250 4.25 -67.19 40.74
CA THR E 250 3.34 -68.32 40.58
C THR E 250 4.07 -69.48 39.89
N LEU E 251 3.92 -70.68 40.46
CA LEU E 251 4.46 -71.93 39.89
C LEU E 251 3.31 -72.90 39.63
N ASP E 252 3.32 -73.53 38.45
CA ASP E 252 2.32 -74.51 38.05
C ASP E 252 2.82 -75.91 38.42
N VAL E 253 1.96 -76.68 39.11
CA VAL E 253 2.30 -77.99 39.68
C VAL E 253 1.08 -78.92 39.61
N GLU E 254 1.26 -80.16 40.05
CA GLU E 254 0.18 -81.16 40.17
C GLU E 254 0.08 -81.60 41.64
N ALA E 255 -1.14 -81.96 42.06
CA ALA E 255 -1.45 -82.33 43.44
C ALA E 255 -0.66 -83.59 43.83
N GLY E 256 0.02 -83.52 44.97
CA GLY E 256 0.90 -84.60 45.46
C GLY E 256 2.37 -84.19 45.42
N GLU E 257 2.74 -83.39 44.41
CA GLU E 257 4.09 -82.88 44.22
C GLU E 257 4.28 -81.58 45.00
N GLU E 258 3.18 -80.98 45.47
CA GLU E 258 3.17 -79.71 46.19
C GLU E 258 4.13 -79.78 47.39
N ALA E 259 4.03 -80.87 48.17
CA ALA E 259 4.92 -81.12 49.31
C ALA E 259 6.35 -81.34 48.80
N GLY E 260 7.28 -80.50 49.26
CA GLY E 260 8.68 -80.53 48.82
C GLY E 260 9.18 -79.15 48.41
N LEU E 261 8.25 -78.28 47.97
CA LEU E 261 8.58 -76.96 47.42
C LEU E 261 8.70 -75.93 48.56
N ALA E 262 9.46 -74.87 48.28
CA ALA E 262 9.67 -73.76 49.20
C ALA E 262 9.91 -72.48 48.39
N CYS E 263 9.29 -71.37 48.84
CA CYS E 263 9.49 -70.06 48.25
C CYS E 263 10.61 -69.33 49.01
N ARG E 264 11.67 -68.98 48.28
CA ARG E 264 12.81 -68.23 48.84
C ARG E 264 12.74 -66.79 48.31
N VAL E 265 13.02 -65.84 49.21
CA VAL E 265 13.01 -64.42 48.90
C VAL E 265 14.31 -63.80 49.42
N LYS E 266 15.03 -63.10 48.53
CA LYS E 266 16.21 -62.32 48.89
C LYS E 266 15.89 -60.82 48.73
N HIS E 267 16.35 -60.02 49.70
CA HIS E 267 16.15 -58.58 49.70
C HIS E 267 17.20 -57.91 50.60
N SER E 268 17.58 -56.69 50.22
CA SER E 268 18.67 -55.92 50.85
C SER E 268 18.41 -55.70 52.35
N SER E 269 17.13 -55.60 52.74
CA SER E 269 16.73 -55.29 54.10
C SER E 269 16.91 -56.50 55.04
N LEU E 270 16.85 -57.71 54.47
CA LEU E 270 16.93 -58.97 55.24
C LEU E 270 18.37 -59.19 55.73
N GLY E 271 19.34 -58.73 54.93
CA GLY E 271 20.75 -58.76 55.27
C GLY E 271 21.27 -60.18 55.48
N GLY E 272 21.13 -61.01 54.43
CA GLY E 272 21.64 -62.38 54.42
C GLY E 272 20.60 -63.41 54.81
N GLN E 273 19.75 -63.07 55.79
CA GLN E 273 18.75 -63.99 56.34
C GLN E 273 17.55 -64.08 55.40
N ASP E 274 17.72 -64.86 54.32
CA ASP E 274 16.69 -65.07 53.30
C ASP E 274 15.45 -65.69 53.95
N ILE E 275 14.27 -65.20 53.54
CA ILE E 275 13.00 -65.77 53.96
C ILE E 275 12.79 -67.07 53.19
N ILE E 276 12.43 -68.14 53.92
CA ILE E 276 12.13 -69.46 53.35
C ILE E 276 10.82 -69.95 53.96
N LEU E 277 9.80 -70.14 53.10
CA LEU E 277 8.50 -70.67 53.50
C LEU E 277 8.27 -72.01 52.79
N TYR E 278 8.14 -73.09 53.57
CA TYR E 278 7.87 -74.43 53.06
C TYR E 278 6.35 -74.65 53.02
N TRP E 279 5.88 -75.33 51.95
CA TRP E 279 4.48 -75.69 51.78
C TRP E 279 4.12 -76.81 52.77
N THR F 3 -10.71 -2.41 35.25
CA THR F 3 -9.67 -2.42 34.17
C THR F 3 -8.31 -2.71 34.81
N GLN F 4 -7.44 -3.36 34.04
CA GLN F 4 -6.13 -3.84 34.51
C GLN F 4 -5.01 -2.90 34.09
N VAL F 5 -5.34 -1.81 33.38
CA VAL F 5 -4.36 -0.84 32.89
C VAL F 5 -4.88 0.58 33.13
N GLU F 6 -4.29 1.27 34.12
CA GLU F 6 -4.66 2.64 34.48
C GLU F 6 -3.54 3.61 34.10
N GLN F 7 -3.94 4.78 33.59
CA GLN F 7 -3.03 5.79 33.09
C GLN F 7 -3.25 7.09 33.86
N SER F 8 -2.16 7.83 34.06
CA SER F 8 -2.13 9.09 34.80
C SER F 8 -1.04 9.98 34.21
N PRO F 9 -1.28 11.31 34.14
CA PRO F 9 -2.55 11.95 34.42
C PRO F 9 -3.61 11.63 33.35
N GLN F 10 -4.87 11.96 33.64
CA GLN F 10 -5.97 11.77 32.71
C GLN F 10 -5.80 12.74 31.54
N SER F 11 -5.50 14.00 31.87
CA SER F 11 -5.13 15.02 30.88
C SER F 11 -4.13 16.00 31.50
N LEU F 12 -3.38 16.70 30.64
CA LEU F 12 -2.46 17.74 31.10
C LEU F 12 -2.15 18.74 29.97
N VAL F 13 -2.00 20.01 30.34
CA VAL F 13 -1.63 21.10 29.46
C VAL F 13 -0.19 21.51 29.78
N VAL F 14 0.65 21.64 28.74
CA VAL F 14 2.02 22.14 28.87
C VAL F 14 2.27 23.20 27.80
N ARG F 15 3.35 23.96 27.98
CA ARG F 15 3.82 24.95 27.02
C ARG F 15 4.94 24.35 26.18
N GLN F 16 5.00 24.76 24.91
CA GLN F 16 6.08 24.33 24.00
C GLN F 16 7.42 24.45 24.73
N GLY F 17 8.26 23.42 24.58
CA GLY F 17 9.60 23.40 25.13
C GLY F 17 9.68 22.67 26.46
N GLU F 18 8.56 22.59 27.18
CA GLU F 18 8.51 21.96 28.49
C GLU F 18 8.52 20.44 28.32
N ASN F 19 9.06 19.73 29.32
CA ASN F 19 9.02 18.27 29.39
C ASN F 19 7.79 17.84 30.17
N CYS F 20 7.27 16.65 29.86
CA CYS F 20 6.21 16.03 30.66
C CYS F 20 6.48 14.53 30.81
N VAL F 21 5.97 13.98 31.92
CA VAL F 21 6.06 12.56 32.25
C VAL F 21 4.64 12.00 32.22
N LEU F 22 4.49 10.82 31.61
CA LEU F 22 3.22 10.12 31.49
C LEU F 22 3.34 8.77 32.20
N GLN F 23 2.38 8.45 33.08
CA GLN F 23 2.43 7.26 33.94
C GLN F 23 1.50 6.16 33.37
N CYS F 24 1.86 4.91 33.63
CA CYS F 24 1.05 3.73 33.31
C CYS F 24 1.27 2.66 34.38
N ASN F 25 0.20 2.30 35.09
CA ASN F 25 0.20 1.25 36.10
C ASN F 25 -0.77 0.16 35.66
N TYR F 26 -0.38 -1.11 35.86
CA TYR F 26 -1.18 -2.24 35.40
C TYR F 26 -1.09 -3.40 36.40
N SER F 27 -2.12 -4.26 36.38
CA SER F 27 -2.20 -5.46 37.21
C SER F 27 -2.12 -6.74 36.35
N VAL F 28 -2.06 -6.57 35.02
CA VAL F 28 -2.15 -7.67 34.04
C VAL F 28 -1.10 -8.74 34.37
N THR F 29 -1.51 -10.02 34.34
CA THR F 29 -0.64 -11.17 34.54
C THR F 29 -0.92 -12.23 33.48
N PRO F 30 0.12 -12.71 32.79
CA PRO F 30 1.48 -12.22 32.89
C PRO F 30 1.68 -10.97 32.02
N ASP F 31 2.85 -10.33 32.16
CA ASP F 31 3.18 -9.08 31.47
C ASP F 31 4.40 -9.31 30.58
N ASN F 32 4.14 -9.70 29.32
CA ASN F 32 5.18 -10.02 28.35
C ASN F 32 5.86 -8.73 27.87
N HIS F 33 5.05 -7.75 27.47
CA HIS F 33 5.56 -6.51 26.92
C HIS F 33 4.56 -5.37 27.14
N LEU F 34 5.08 -4.13 27.08
CA LEU F 34 4.29 -2.92 27.19
C LEU F 34 4.60 -2.03 25.98
N ARG F 35 3.54 -1.51 25.35
CA ARG F 35 3.65 -0.69 24.16
C ARG F 35 2.99 0.66 24.43
N TRP F 36 3.63 1.73 23.94
CA TRP F 36 3.09 3.09 23.97
C TRP F 36 2.67 3.50 22.56
N PHE F 37 1.40 3.89 22.40
CA PHE F 37 0.88 4.43 21.16
C PHE F 37 0.71 5.95 21.27
N LYS F 38 0.63 6.60 20.11
CA LYS F 38 0.22 8.00 19.99
C LYS F 38 -0.97 8.06 19.03
N GLN F 39 -2.06 8.70 19.48
CA GLN F 39 -3.27 8.86 18.68
C GLN F 39 -3.60 10.35 18.55
N ASP F 40 -3.44 10.90 17.34
CA ASP F 40 -3.90 12.23 17.00
C ASP F 40 -5.42 12.22 16.93
N THR F 41 -6.03 13.39 17.11
CA THR F 41 -7.48 13.53 17.14
C THR F 41 -8.06 13.08 15.79
N GLY F 42 -8.89 12.03 15.83
CA GLY F 42 -9.54 11.44 14.65
C GLY F 42 -8.55 10.74 13.73
N LYS F 43 -7.63 9.98 14.32
CA LYS F 43 -6.57 9.30 13.58
C LYS F 43 -6.30 7.92 14.22
N GLY F 44 -5.23 7.26 13.78
CA GLY F 44 -4.91 5.90 14.17
C GLY F 44 -3.79 5.85 15.21
N LEU F 45 -3.37 4.61 15.51
CA LEU F 45 -2.46 4.30 16.59
C LEU F 45 -1.04 4.14 16.05
N VAL F 46 -0.19 5.14 16.33
CA VAL F 46 1.22 5.15 15.94
C VAL F 46 2.05 4.63 17.12
N SER F 47 2.74 3.50 16.92
CA SER F 47 3.59 2.89 17.94
C SER F 47 4.85 3.75 18.16
N LEU F 48 5.07 4.17 19.40
CA LEU F 48 6.23 4.98 19.78
C LEU F 48 7.38 4.08 20.21
N THR F 49 7.09 3.09 21.06
CA THR F 49 8.12 2.22 21.62
C THR F 49 7.47 0.95 22.20
N VAL F 50 8.29 -0.08 22.36
CA VAL F 50 7.88 -1.35 22.95
C VAL F 50 8.98 -1.82 23.91
N LEU F 51 8.60 -2.08 25.16
CA LEU F 51 9.50 -2.48 26.24
C LEU F 51 9.19 -3.94 26.61
N VAL F 52 10.25 -4.74 26.84
CA VAL F 52 10.10 -6.20 26.98
C VAL F 52 10.84 -6.71 28.22
N ASP F 53 12.01 -6.14 28.55
CA ASP F 53 12.87 -6.66 29.63
C ASP F 53 12.25 -6.35 30.99
N GLN F 54 12.70 -7.08 32.01
CA GLN F 54 12.23 -6.95 33.40
C GLN F 54 12.33 -5.48 33.83
N LYS F 55 13.53 -4.91 33.66
CA LYS F 55 13.77 -3.47 33.83
C LYS F 55 14.36 -2.93 32.52
N ASP F 56 13.48 -2.37 31.68
CA ASP F 56 13.86 -1.96 30.32
C ASP F 56 13.80 -0.43 30.21
N LYS F 57 14.65 0.11 29.33
CA LYS F 57 14.66 1.53 28.96
C LYS F 57 14.77 1.61 27.43
N THR F 58 13.93 2.46 26.82
CA THR F 58 13.96 2.68 25.37
C THR F 58 14.02 4.18 25.10
N SER F 59 14.20 4.52 23.82
CA SER F 59 14.16 5.90 23.34
C SER F 59 13.79 5.92 21.86
N ASN F 60 13.24 7.06 21.43
CA ASN F 60 12.79 7.27 20.07
C ASN F 60 12.70 8.79 19.86
N GLY F 61 13.87 9.39 19.62
CA GLY F 61 14.01 10.83 19.47
C GLY F 61 13.75 11.55 20.77
N ARG F 62 12.67 12.34 20.82
CA ARG F 62 12.30 13.14 21.98
C ARG F 62 11.51 12.28 22.98
N TYR F 63 11.05 11.10 22.55
CA TYR F 63 10.38 10.13 23.42
C TYR F 63 11.42 9.18 24.04
N SER F 64 11.38 9.04 25.36
CA SER F 64 12.00 7.92 26.06
C SER F 64 10.97 7.30 27.02
N ALA F 65 11.25 6.08 27.49
CA ALA F 65 10.30 5.33 28.31
C ALA F 65 11.03 4.32 29.19
N THR F 66 10.36 3.90 30.26
CA THR F 66 10.89 2.90 31.19
C THR F 66 9.79 1.88 31.50
N LEU F 67 10.22 0.68 31.92
CA LEU F 67 9.33 -0.35 32.43
C LEU F 67 10.01 -1.04 33.62
N ASP F 68 9.23 -1.23 34.69
CA ASP F 68 9.61 -2.07 35.82
C ASP F 68 8.50 -3.09 36.06
N LYS F 69 8.78 -4.37 35.76
CA LYS F 69 7.78 -5.43 35.77
C LYS F 69 7.46 -5.86 37.21
N ASP F 70 8.41 -5.64 38.13
CA ASP F 70 8.18 -5.91 39.57
C ASP F 70 7.10 -4.97 40.09
N ALA F 71 7.28 -3.67 39.85
CA ALA F 71 6.33 -2.63 40.26
C ALA F 71 5.09 -2.64 39.36
N LYS F 72 5.24 -3.16 38.13
CA LYS F 72 4.20 -3.14 37.10
C LYS F 72 3.87 -1.69 36.76
N HIS F 73 4.92 -0.94 36.43
CA HIS F 73 4.86 0.49 36.23
C HIS F 73 5.70 0.86 35.00
N SER F 74 5.16 1.75 34.16
CA SER F 74 5.88 2.32 33.03
C SER F 74 5.64 3.85 32.97
N THR F 75 6.66 4.59 32.53
CA THR F 75 6.53 6.02 32.27
C THR F 75 7.00 6.33 30.85
N LEU F 76 6.35 7.30 30.21
CA LEU F 76 6.77 7.85 28.92
C LEU F 76 7.20 9.31 29.14
N HIS F 77 8.48 9.58 28.86
CA HIS F 77 9.05 10.93 28.95
C HIS F 77 9.03 11.56 27.56
N ILE F 78 8.51 12.79 27.46
CA ILE F 78 8.58 13.60 26.26
C ILE F 78 9.44 14.84 26.58
N THR F 79 10.55 14.99 25.84
CA THR F 79 11.48 16.11 26.01
C THR F 79 11.15 17.21 24.99
N ALA F 80 11.27 18.47 25.41
CA ALA F 80 11.10 19.65 24.55
C ALA F 80 9.88 19.47 23.64
N THR F 81 8.70 19.49 24.26
CA THR F 81 7.42 19.25 23.57
C THR F 81 7.23 20.28 22.45
N LEU F 82 6.73 19.80 21.31
CA LEU F 82 6.29 20.61 20.18
C LEU F 82 4.77 20.52 20.09
N LEU F 83 4.18 21.41 19.28
CA LEU F 83 2.74 21.49 19.07
C LEU F 83 2.17 20.13 18.65
N ASP F 84 2.86 19.45 17.73
CA ASP F 84 2.38 18.21 17.10
C ASP F 84 2.30 17.05 18.11
N ASP F 85 2.89 17.23 19.31
CA ASP F 85 2.79 16.26 20.40
C ASP F 85 1.37 16.27 20.99
N THR F 86 0.61 17.36 20.75
CA THR F 86 -0.80 17.44 21.13
C THR F 86 -1.53 16.21 20.58
N ALA F 87 -1.82 15.25 21.46
CA ALA F 87 -2.36 13.96 21.11
C ALA F 87 -2.74 13.19 22.37
N THR F 88 -3.44 12.06 22.18
CA THR F 88 -3.72 11.10 23.25
C THR F 88 -2.63 10.02 23.22
N TYR F 89 -2.14 9.66 24.40
CA TYR F 89 -1.05 8.68 24.53
C TYR F 89 -1.59 7.46 25.29
N ILE F 90 -1.58 6.30 24.60
CA ILE F 90 -2.26 5.09 25.04
C ILE F 90 -1.21 4.03 25.42
N CYS F 91 -1.43 3.42 26.59
CA CYS F 91 -0.60 2.38 27.17
C CYS F 91 -1.24 1.02 26.89
N VAL F 92 -0.45 0.05 26.40
CA VAL F 92 -0.96 -1.27 26.04
C VAL F 92 0.00 -2.34 26.59
N VAL F 93 -0.58 -3.35 27.25
CA VAL F 93 0.17 -4.50 27.78
C VAL F 93 -0.33 -5.77 27.07
N GLY F 94 0.62 -6.53 26.49
CA GLY F 94 0.38 -7.86 25.94
C GLY F 94 0.77 -8.92 26.95
N ASP F 95 -0.07 -9.96 27.08
CA ASP F 95 0.10 -10.96 28.14
C ASP F 95 0.78 -12.22 27.60
N ARG F 96 1.11 -12.25 26.30
CA ARG F 96 1.93 -13.30 25.70
C ARG F 96 2.95 -12.68 24.75
N GLY F 97 4.01 -13.44 24.45
CA GLY F 97 4.96 -13.12 23.39
C GLY F 97 4.60 -13.79 22.08
N SER F 98 3.29 -13.92 21.81
CA SER F 98 2.78 -14.56 20.61
C SER F 98 1.34 -14.09 20.35
N ALA F 99 0.77 -14.54 19.22
CA ALA F 99 -0.58 -14.19 18.77
C ALA F 99 -1.65 -14.80 19.69
N LEU F 100 -1.25 -15.73 20.56
CA LEU F 100 -2.12 -16.31 21.60
C LEU F 100 -2.46 -15.26 22.66
N GLY F 101 -1.71 -14.15 22.68
CA GLY F 101 -1.87 -13.09 23.66
C GLY F 101 -3.11 -12.25 23.42
N ARG F 102 -3.56 -11.60 24.50
CA ARG F 102 -4.56 -10.54 24.46
C ARG F 102 -3.86 -9.23 24.83
N LEU F 103 -4.28 -8.13 24.19
CA LEU F 103 -3.79 -6.78 24.50
C LEU F 103 -4.76 -6.10 25.47
N HIS F 104 -4.20 -5.58 26.57
CA HIS F 104 -4.94 -4.87 27.61
C HIS F 104 -4.62 -3.37 27.49
N PHE F 105 -5.65 -2.58 27.14
CA PHE F 105 -5.51 -1.20 26.71
C PHE F 105 -5.85 -0.23 27.85
N GLY F 106 -5.02 0.80 28.02
CA GLY F 106 -5.35 1.96 28.84
C GLY F 106 -6.27 2.92 28.11
N ALA F 107 -6.93 3.81 28.86
CA ALA F 107 -7.93 4.72 28.32
C ALA F 107 -7.28 5.98 27.72
N GLY F 108 -5.97 6.15 27.93
CA GLY F 108 -5.20 7.21 27.31
C GLY F 108 -4.97 8.40 28.24
N THR F 109 -3.98 9.21 27.88
CA THR F 109 -3.66 10.48 28.52
C THR F 109 -3.66 11.59 27.47
N GLN F 110 -4.58 12.55 27.62
CA GLN F 110 -4.71 13.65 26.67
C GLN F 110 -3.66 14.72 27.00
N LEU F 111 -2.72 14.92 26.07
CA LEU F 111 -1.73 15.99 26.18
C LEU F 111 -2.13 17.14 25.25
N ILE F 112 -2.04 18.37 25.77
CA ILE F 112 -2.16 19.58 24.97
C ILE F 112 -0.87 20.40 25.16
N VAL F 113 -0.27 20.81 24.04
CA VAL F 113 0.92 21.65 24.03
C VAL F 113 0.53 23.01 23.48
N ILE F 114 0.69 24.06 24.30
CA ILE F 114 0.43 25.44 23.89
C ILE F 114 1.70 25.98 23.25
N PRO F 115 1.63 26.45 21.98
CA PRO F 115 2.82 26.87 21.23
C PRO F 115 3.27 28.31 21.53
N ASP F 116 4.58 28.56 21.34
CA ASP F 116 5.17 29.88 21.48
C ASP F 116 4.84 30.73 20.25
N ILE F 117 4.08 31.80 20.46
CA ILE F 117 3.83 32.82 19.44
C ILE F 117 4.89 33.91 19.60
N GLN F 118 5.95 33.82 18.79
CA GLN F 118 7.16 34.65 18.90
C GLN F 118 6.79 36.14 18.81
N ASN F 119 6.16 36.53 17.69
CA ASN F 119 5.93 37.93 17.35
C ASN F 119 4.44 38.16 17.08
N PRO F 120 3.61 38.42 18.13
CA PRO F 120 2.19 38.68 17.93
C PRO F 120 1.92 39.99 17.19
N ASP F 121 0.75 40.08 16.55
CA ASP F 121 0.35 41.23 15.74
C ASP F 121 -1.16 41.17 15.55
N PRO F 122 -1.95 41.24 16.65
CA PRO F 122 -3.39 40.97 16.60
C PRO F 122 -4.15 41.99 15.73
N ALA F 123 -5.06 41.48 14.89
CA ALA F 123 -5.83 42.29 13.97
C ALA F 123 -7.15 41.57 13.63
N VAL F 124 -8.13 42.35 13.18
CA VAL F 124 -9.43 41.84 12.77
C VAL F 124 -9.72 42.31 11.34
N TYR F 125 -9.55 41.40 10.38
CA TYR F 125 -9.75 41.67 8.96
C TYR F 125 -11.13 41.17 8.52
N GLN F 126 -11.61 41.71 7.40
CA GLN F 126 -12.86 41.29 6.76
C GLN F 126 -12.52 40.57 5.45
N LEU F 127 -13.06 39.36 5.29
CA LEU F 127 -12.87 38.52 4.10
C LEU F 127 -14.22 38.34 3.39
N ARG F 128 -14.19 38.29 2.06
CA ARG F 128 -15.41 38.25 1.24
C ARG F 128 -15.50 36.93 0.47
N ASP F 129 -16.73 36.45 0.26
CA ASP F 129 -17.02 35.21 -0.47
C ASP F 129 -16.72 35.43 -1.96
N SER F 130 -16.08 34.45 -2.58
CA SER F 130 -15.60 34.52 -3.96
C SER F 130 -16.77 34.54 -4.96
N LYS F 131 -17.75 33.66 -4.73
CA LYS F 131 -18.91 33.50 -5.62
C LYS F 131 -19.78 34.76 -5.58
N SER F 132 -20.02 35.29 -4.38
CA SER F 132 -20.84 36.49 -4.17
C SER F 132 -20.24 37.35 -3.05
N SER F 133 -20.03 38.64 -3.33
CA SER F 133 -19.24 39.54 -2.47
C SER F 133 -20.09 40.17 -1.36
N ASP F 134 -21.39 39.84 -1.31
CA ASP F 134 -22.30 40.34 -0.27
C ASP F 134 -21.98 39.68 1.08
N LYS F 135 -21.74 38.36 1.07
CA LYS F 135 -21.38 37.60 2.27
C LYS F 135 -19.95 37.95 2.69
N SER F 136 -19.67 37.85 3.99
CA SER F 136 -18.35 38.11 4.55
C SER F 136 -18.21 37.47 5.94
N VAL F 137 -16.95 37.27 6.35
CA VAL F 137 -16.59 36.81 7.68
C VAL F 137 -15.60 37.82 8.28
N CYS F 138 -15.47 37.81 9.61
CA CYS F 138 -14.49 38.60 10.33
C CYS F 138 -13.46 37.65 10.97
N LEU F 139 -12.19 37.83 10.58
CA LEU F 139 -11.09 36.99 11.02
C LEU F 139 -10.26 37.76 12.06
N PHE F 140 -10.41 37.37 13.33
CA PHE F 140 -9.54 37.85 14.40
C PHE F 140 -8.24 37.04 14.35
N THR F 141 -7.16 37.71 13.95
C THR F 141 -4.49 37.08 15.01
N ASP F 142 -3.40 36.34 14.79
CA ASP F 142 -2.05 36.77 15.15
C ASP F 142 -2.04 37.30 16.60
N PHE F 143 -2.93 36.78 17.44
CA PHE F 143 -3.00 37.13 18.86
C PHE F 143 -2.22 36.06 19.64
N ASP F 144 -1.71 36.45 20.82
CA ASP F 144 -0.89 35.55 21.65
C ASP F 144 -1.82 34.57 22.39
N SER F 145 -1.23 33.46 22.84
CA SER F 145 -1.96 32.32 23.40
C SER F 145 -2.73 32.71 24.66
N GLN F 146 -2.30 33.79 25.33
CA GLN F 146 -2.92 34.28 26.57
C GLN F 146 -4.36 34.77 26.29
N THR F 147 -4.59 35.34 25.10
CA THR F 147 -5.90 35.88 24.72
C THR F 147 -6.91 34.76 24.55
N ASN F 148 -8.05 34.87 25.24
CA ASN F 148 -9.18 33.95 25.13
C ASN F 148 -10.24 34.59 24.22
N VAL F 149 -10.98 33.74 23.49
CA VAL F 149 -12.05 34.19 22.60
C VAL F 149 -13.38 33.66 23.14
N SER F 150 -14.31 34.58 23.44
CA SER F 150 -15.61 34.26 24.01
C SER F 150 -16.67 34.21 22.91
N GLN F 151 -17.75 33.46 23.17
CA GLN F 151 -18.92 33.38 22.30
C GLN F 151 -19.61 34.76 22.27
N SER F 152 -20.42 34.99 21.24
CA SER F 152 -21.10 36.27 21.04
C SER F 152 -22.32 36.37 21.95
N LYS F 153 -22.73 37.60 22.24
CA LYS F 153 -23.95 37.90 23.00
C LYS F 153 -25.16 37.56 22.12
N ASP F 154 -25.19 38.13 20.92
CA ASP F 154 -26.22 37.86 19.92
C ASP F 154 -26.07 36.42 19.42
N SER F 155 -27.18 35.68 19.40
CA SER F 155 -27.21 34.26 19.03
C SER F 155 -27.33 34.08 17.51
N ASP F 156 -27.53 35.19 16.79
CA ASP F 156 -27.50 35.22 15.32
C ASP F 156 -26.05 35.33 14.84
N VAL F 157 -25.14 35.79 15.70
CA VAL F 157 -23.71 35.86 15.42
C VAL F 157 -23.07 34.54 15.86
N TYR F 158 -22.15 34.03 15.03
CA TYR F 158 -21.41 32.80 15.29
C TYR F 158 -19.91 33.13 15.39
N ILE F 159 -19.28 32.66 16.46
CA ILE F 159 -17.84 32.81 16.67
C ILE F 159 -17.26 31.43 17.02
N THR F 160 -16.16 31.07 16.35
CA THR F 160 -15.47 29.81 16.57
C THR F 160 -14.44 29.99 17.69
N ASP F 161 -13.99 28.86 18.25
CA ASP F 161 -12.93 28.86 19.24
C ASP F 161 -11.62 29.22 18.54
N LYS F 162 -10.60 29.56 19.33
CA LYS F 162 -9.27 29.87 18.80
C LYS F 162 -8.69 28.59 18.19
N CYS F 163 -7.75 28.76 17.26
CA CYS F 163 -7.16 27.66 16.51
C CYS F 163 -5.80 28.09 15.96
N VAL F 164 -4.78 27.23 16.15
CA VAL F 164 -3.40 27.57 15.78
C VAL F 164 -3.00 26.76 14.53
N LEU F 165 -2.63 27.48 13.46
CA LEU F 165 -2.09 26.89 12.24
C LEU F 165 -0.57 27.06 12.24
N ASP F 166 0.10 26.28 11.39
CA ASP F 166 1.55 26.21 11.34
C ASP F 166 2.01 26.17 9.88
N MET F 167 2.63 27.26 9.43
CA MET F 167 3.30 27.32 8.12
C MET F 167 4.72 26.78 8.30
N ARG F 168 4.88 25.47 8.10
CA ARG F 168 6.06 24.71 8.53
C ARG F 168 7.31 25.17 7.77
N SER F 169 7.14 25.54 6.49
CA SER F 169 8.26 25.97 5.63
C SER F 169 8.87 27.28 6.15
N MET F 170 8.02 28.15 6.70
CA MET F 170 8.42 29.48 7.18
C MET F 170 8.84 29.44 8.67
N ASP F 171 8.46 28.38 9.38
CA ASP F 171 8.70 28.25 10.82
C ASP F 171 7.93 29.37 11.54
N PHE F 172 6.60 29.33 11.41
CA PHE F 172 5.71 30.41 11.83
C PHE F 172 4.35 29.82 12.24
N LYS F 173 3.95 30.13 13.48
CA LYS F 173 2.66 29.73 14.04
C LYS F 173 1.83 30.98 14.35
N SER F 174 0.49 30.85 14.24
CA SER F 174 -0.42 31.97 14.49
C SER F 174 -1.79 31.45 14.94
N ASN F 175 -2.33 32.07 15.99
CA ASN F 175 -3.70 31.84 16.44
C ASN F 175 -4.66 32.56 15.48
N SER F 176 -5.92 32.13 15.48
CA SER F 176 -6.96 32.69 14.62
C SER F 176 -8.35 32.28 15.12
N ALA F 177 -9.34 33.13 14.84
CA ALA F 177 -10.74 32.82 15.10
C ALA F 177 -11.61 33.60 14.12
N VAL F 178 -12.76 33.00 13.76
CA VAL F 178 -13.64 33.48 12.70
C VAL F 178 -14.98 33.88 13.32
N ALA F 179 -15.67 34.83 12.69
CA ALA F 179 -16.99 35.26 13.11
C ALA F 179 -17.81 35.71 11.89
N TRP F 180 -19.11 35.35 11.87
CA TRP F 180 -20.02 35.70 10.79
C TRP F 180 -21.46 35.79 11.32
N SER F 181 -22.35 36.36 10.50
CA SER F 181 -23.76 36.56 10.85
C SER F 181 -24.56 36.96 9.60
N ASN F 182 -25.77 37.50 9.81
CA ASN F 182 -26.61 38.04 8.73
C ASN F 182 -27.75 38.86 9.36
N PHE F 186 -24.05 43.67 10.79
CA PHE F 186 -22.90 43.02 11.43
C PHE F 186 -21.60 43.56 10.83
N ALA F 187 -20.79 44.20 11.68
CA ALA F 187 -19.48 44.73 11.31
C ALA F 187 -18.39 44.04 12.15
N CYS F 188 -17.14 44.13 11.66
CA CYS F 188 -16.00 43.45 12.28
C CYS F 188 -15.51 44.23 13.51
N ALA F 189 -15.76 45.55 13.52
CA ALA F 189 -15.45 46.42 14.66
C ALA F 189 -16.16 45.92 15.93
N ASN F 190 -17.43 45.49 15.76
CA ASN F 190 -18.30 45.11 16.87
C ASN F 190 -18.53 43.59 16.89
N ALA F 191 -17.56 42.82 16.37
CA ALA F 191 -17.69 41.36 16.22
C ALA F 191 -17.15 40.66 17.49
N PHE F 192 -16.01 41.13 17.99
CA PHE F 192 -15.35 40.56 19.17
C PHE F 192 -15.41 41.56 20.34
N ASN F 193 -16.61 42.12 20.57
CA ASN F 193 -16.85 43.06 21.67
C ASN F 193 -16.84 42.30 23.00
N ASN F 194 -17.46 41.11 23.01
CA ASN F 194 -17.66 40.32 24.23
C ASN F 194 -16.40 39.50 24.56
N SER F 195 -15.30 39.73 23.81
CA SER F 195 -13.99 39.16 24.11
C SER F 195 -13.07 40.27 24.64
N ILE F 196 -12.19 39.90 25.57
CA ILE F 196 -11.13 40.76 26.08
C ILE F 196 -9.95 40.66 25.11
N ILE F 197 -9.92 41.58 24.12
CA ILE F 197 -8.88 41.61 23.08
C ILE F 197 -7.85 42.68 23.45
N PRO F 198 -6.58 42.54 23.01
CA PRO F 198 -5.56 43.58 23.25
C PRO F 198 -5.97 44.98 22.78
N GLU F 199 -5.27 46.00 23.31
CA GLU F 199 -5.55 47.41 23.00
C GLU F 199 -4.95 47.77 21.64
N ASP F 200 -3.81 47.15 21.32
CA ASP F 200 -3.04 47.43 20.10
C ASP F 200 -3.54 46.59 18.92
N THR F 201 -4.77 46.08 19.01
CA THR F 201 -5.41 45.31 17.94
C THR F 201 -5.65 46.22 16.74
N PHE F 202 -5.12 45.82 15.58
CA PHE F 202 -5.24 46.58 14.35
C PHE F 202 -6.63 46.35 13.74
N PHE F 203 -7.41 47.44 13.62
CA PHE F 203 -8.69 47.45 12.93
C PHE F 203 -8.55 48.28 11.65
N PRO F 204 -8.28 47.64 10.48
CA PRO F 204 -8.09 48.38 9.24
C PRO F 204 -9.40 48.99 8.70
N SER F 205 -9.26 50.04 7.90
CA SER F 205 -10.39 50.77 7.32
C SER F 205 -10.84 50.08 6.01
N ALA G 3 3.84 -3.20 6.61
CA ALA G 3 2.69 -4.13 6.85
C ALA G 3 1.41 -3.33 7.12
N ALA G 4 0.77 -2.89 6.02
CA ALA G 4 -0.37 -1.97 6.07
C ALA G 4 -1.70 -2.75 6.13
N VAL G 5 -2.73 -2.06 6.64
CA VAL G 5 -4.09 -2.58 6.74
C VAL G 5 -5.05 -1.43 6.41
N THR G 6 -6.10 -1.73 5.63
CA THR G 6 -7.08 -0.74 5.20
C THR G 6 -8.47 -1.12 5.74
N GLN G 7 -9.28 -0.09 6.01
CA GLN G 7 -10.65 -0.22 6.46
C GLN G 7 -11.56 0.57 5.53
N SER G 8 -12.77 0.04 5.28
CA SER G 8 -13.78 0.74 4.50
C SER G 8 -15.17 0.29 4.97
N PRO G 9 -16.10 1.24 5.08
CA PRO G 9 -15.86 2.66 4.90
C PRO G 9 -15.05 3.25 6.06
N ARG G 10 -14.52 4.46 5.87
CA ARG G 10 -13.75 5.18 6.89
C ARG G 10 -14.72 5.98 7.78
N ASN G 11 -15.96 6.17 7.30
CA ASN G 11 -16.97 6.94 8.00
C ASN G 11 -18.36 6.52 7.48
N LYS G 12 -19.33 6.40 8.38
CA LYS G 12 -20.65 5.83 8.06
C LYS G 12 -21.73 6.41 9.00
N VAL G 13 -22.85 6.81 8.39
CA VAL G 13 -24.06 7.26 9.10
C VAL G 13 -25.18 6.27 8.78
N ALA G 14 -25.68 5.57 9.81
CA ALA G 14 -26.69 4.53 9.67
C ALA G 14 -27.91 4.87 10.52
N VAL G 15 -29.03 4.20 10.22
CA VAL G 15 -30.28 4.33 10.97
C VAL G 15 -30.41 3.11 11.91
N THR G 16 -31.10 3.31 13.03
CA THR G 16 -31.45 2.22 13.94
C THR G 16 -32.29 1.19 13.21
N GLY G 17 -31.95 -0.09 13.39
CA GLY G 17 -32.64 -1.21 12.76
C GLY G 17 -32.02 -1.58 11.42
N GLY G 18 -31.21 -0.69 10.86
CA GLY G 18 -30.53 -0.91 9.58
C GLY G 18 -29.34 -1.84 9.73
N LYS G 19 -28.84 -2.32 8.58
CA LYS G 19 -27.70 -3.24 8.53
C LYS G 19 -26.45 -2.46 8.12
N VAL G 20 -25.40 -2.57 8.92
CA VAL G 20 -24.10 -1.94 8.66
C VAL G 20 -23.03 -3.04 8.57
N THR G 21 -22.19 -2.94 7.54
CA THR G 21 -21.07 -3.87 7.31
C THR G 21 -19.76 -3.07 7.26
N LEU G 22 -18.93 -3.26 8.30
CA LEU G 22 -17.59 -2.69 8.33
C LEU G 22 -16.61 -3.76 7.80
N SER G 23 -15.75 -3.35 6.86
CA SER G 23 -14.84 -4.25 6.17
C SER G 23 -13.39 -3.84 6.45
N CYS G 24 -12.49 -4.83 6.39
CA CYS G 24 -11.08 -4.67 6.65
C CYS G 24 -10.28 -5.56 5.69
N ASN G 25 -9.37 -4.95 4.92
CA ASN G 25 -8.54 -5.65 3.94
C ASN G 25 -7.07 -5.58 4.38
N GLN G 26 -6.35 -6.68 4.15
CA GLN G 26 -4.96 -6.85 4.58
C GLN G 26 -4.25 -7.79 3.60
N THR G 27 -3.11 -7.34 3.04
CA THR G 27 -2.38 -8.07 1.98
C THR G 27 -1.06 -8.65 2.52
N ASN G 28 -0.96 -8.79 3.85
CA ASN G 28 0.28 -9.17 4.53
C ASN G 28 0.37 -10.71 4.66
N ASN G 29 -0.72 -11.40 4.27
CA ASN G 29 -0.85 -12.85 4.43
C ASN G 29 -0.76 -13.21 5.92
N HIS G 30 -1.41 -12.39 6.75
CA HIS G 30 -1.55 -12.64 8.18
C HIS G 30 -2.78 -13.53 8.40
N ASN G 31 -2.58 -14.64 9.13
CA ASN G 31 -3.65 -15.57 9.47
C ASN G 31 -4.66 -14.89 10.40
N ASN G 32 -4.17 -14.04 11.30
CA ASN G 32 -4.93 -13.55 12.44
C ASN G 32 -5.37 -12.11 12.20
N MET G 33 -6.67 -11.83 12.45
CA MET G 33 -7.23 -10.50 12.34
C MET G 33 -8.19 -10.24 13.52
N TYR G 34 -8.27 -8.97 13.94
CA TYR G 34 -8.95 -8.57 15.17
C TYR G 34 -9.77 -7.30 14.93
N TRP G 35 -10.96 -7.24 15.56
CA TRP G 35 -11.88 -6.11 15.49
C TRP G 35 -12.07 -5.51 16.88
N TYR G 36 -11.78 -4.21 17.02
CA TYR G 36 -11.92 -3.46 18.25
C TYR G 36 -12.86 -2.26 18.05
N ARG G 37 -13.38 -1.71 19.15
CA ARG G 37 -14.05 -0.40 19.17
C ARG G 37 -13.45 0.47 20.27
N GLN G 38 -13.37 1.78 20.01
CA GLN G 38 -12.83 2.78 20.92
C GLN G 38 -13.97 3.69 21.41
N ASP G 39 -14.02 3.90 22.73
CA ASP G 39 -15.05 4.68 23.41
C ASP G 39 -14.39 5.42 24.59
N THR G 40 -14.78 6.68 24.80
CA THR G 40 -14.24 7.51 25.87
C THR G 40 -14.44 6.81 27.22
N GLY G 41 -13.40 6.86 28.05
CA GLY G 41 -13.42 6.25 29.38
C GLY G 41 -12.90 4.82 29.38
N HIS G 42 -12.79 4.23 28.17
CA HIS G 42 -12.34 2.87 27.97
C HIS G 42 -11.16 2.86 26.99
N GLY G 43 -10.34 1.80 27.07
CA GLY G 43 -9.38 1.46 26.03
C GLY G 43 -10.08 0.74 24.89
N LEU G 44 -9.29 0.26 23.93
CA LEU G 44 -9.82 -0.58 22.85
C LEU G 44 -10.32 -1.90 23.43
N ARG G 45 -11.55 -2.30 23.03
CA ARG G 45 -12.19 -3.53 23.49
C ARG G 45 -12.43 -4.45 22.28
N LEU G 46 -12.00 -5.71 22.42
CA LEU G 46 -12.06 -6.71 21.37
C LEU G 46 -13.50 -7.22 21.21
N ILE G 47 -14.01 -7.18 19.98
CA ILE G 47 -15.37 -7.59 19.64
C ILE G 47 -15.33 -9.02 19.12
N HIS G 48 -14.56 -9.23 18.03
CA HIS G 48 -14.37 -10.52 17.40
C HIS G 48 -12.95 -10.61 16.85
N TYR G 49 -12.47 -11.84 16.61
CA TYR G 49 -11.19 -12.06 15.97
C TYR G 49 -11.25 -13.35 15.14
N SER G 50 -10.22 -13.58 14.32
CA SER G 50 -10.16 -14.70 13.39
C SER G 50 -8.72 -15.20 13.29
N TYR G 51 -8.57 -16.53 13.25
CA TYR G 51 -7.27 -17.19 13.11
C TYR G 51 -7.07 -17.71 11.68
N GLY G 52 -8.00 -17.38 10.78
CA GLY G 52 -7.94 -17.78 9.38
C GLY G 52 -9.31 -17.79 8.72
N ALA G 53 -9.33 -17.93 7.40
CA ALA G 53 -10.56 -17.97 6.61
C ALA G 53 -11.46 -19.08 7.13
N GLY G 54 -12.77 -18.75 7.31
CA GLY G 54 -13.78 -19.70 7.75
C GLY G 54 -14.01 -19.65 9.26
N SER G 55 -13.05 -19.06 9.99
CA SER G 55 -13.05 -19.03 11.44
C SER G 55 -13.29 -17.59 11.93
N THR G 56 -14.25 -17.44 12.84
CA THR G 56 -14.40 -16.24 13.67
C THR G 56 -14.54 -16.69 15.12
N GLU G 57 -14.16 -15.82 16.06
CA GLU G 57 -14.20 -16.10 17.49
C GLU G 57 -14.77 -14.90 18.23
N LYS G 58 -15.49 -15.19 19.32
CA LYS G 58 -16.07 -14.16 20.18
C LYS G 58 -14.94 -13.45 20.95
N GLY G 59 -15.02 -12.12 21.02
CA GLY G 59 -14.12 -11.29 21.83
C GLY G 59 -14.66 -11.12 23.23
N ASP G 60 -14.40 -9.95 23.84
CA ASP G 60 -14.85 -9.62 25.19
C ASP G 60 -16.27 -9.03 25.14
N ILE G 61 -16.58 -8.27 24.07
CA ILE G 61 -17.88 -7.61 23.91
C ILE G 61 -18.47 -7.96 22.54
N PRO G 62 -18.81 -9.24 22.28
CA PRO G 62 -19.31 -9.65 20.97
C PRO G 62 -20.78 -9.32 20.67
N ASP G 63 -21.57 -9.06 21.73
CA ASP G 63 -23.03 -8.92 21.63
C ASP G 63 -23.40 -7.77 20.68
N GLY G 64 -24.22 -8.08 19.68
CA GLY G 64 -24.71 -7.12 18.71
C GLY G 64 -23.93 -7.16 17.40
N TYR G 65 -22.82 -7.91 17.39
CA TYR G 65 -21.93 -8.00 16.22
C TYR G 65 -21.79 -9.46 15.78
N LYS G 66 -21.85 -9.65 14.46
CA LYS G 66 -21.42 -10.88 13.80
C LYS G 66 -20.17 -10.55 12.98
N ALA G 67 -19.18 -11.45 13.02
CA ALA G 67 -17.96 -11.34 12.24
C ALA G 67 -18.03 -12.30 11.04
N SER G 68 -17.10 -12.14 10.10
CA SER G 68 -17.04 -12.96 8.90
C SER G 68 -15.64 -12.86 8.28
N ARG G 69 -15.01 -14.02 8.07
CA ARG G 69 -13.70 -14.13 7.45
C ARG G 69 -13.83 -15.01 6.22
N PRO G 70 -14.33 -14.48 5.08
CA PRO G 70 -14.49 -15.27 3.86
C PRO G 70 -13.15 -15.68 3.21
N SER G 71 -12.09 -14.89 3.44
CA SER G 71 -10.76 -15.13 2.88
C SER G 71 -9.69 -14.68 3.88
N GLN G 72 -8.42 -14.94 3.51
CA GLN G 72 -7.25 -14.55 4.31
C GLN G 72 -7.18 -13.02 4.43
N GLU G 73 -7.65 -12.32 3.38
CA GLU G 73 -7.43 -10.88 3.22
C GLU G 73 -8.53 -10.07 3.92
N ASN G 74 -9.77 -10.56 3.88
CA ASN G 74 -10.95 -9.79 4.28
C ASN G 74 -11.52 -10.33 5.59
N PHE G 75 -11.79 -9.41 6.53
CA PHE G 75 -12.46 -9.69 7.80
C PHE G 75 -13.53 -8.61 8.00
N SER G 76 -14.80 -9.01 8.04
CA SER G 76 -15.94 -8.09 8.10
C SER G 76 -16.57 -8.13 9.49
N LEU G 77 -16.95 -6.95 9.98
CA LEU G 77 -17.79 -6.80 11.17
C LEU G 77 -19.18 -6.37 10.72
N ILE G 78 -20.18 -7.19 11.03
CA ILE G 78 -21.54 -7.03 10.55
C ILE G 78 -22.44 -6.69 11.73
N LEU G 79 -23.11 -5.52 11.63
CA LEU G 79 -24.16 -5.10 12.54
C LEU G 79 -25.51 -5.35 11.86
N GLU G 80 -26.20 -6.41 12.28
CA GLU G 80 -27.45 -6.86 11.64
C GLU G 80 -28.56 -5.85 11.95
N LEU G 81 -28.73 -5.52 13.23
CA LEU G 81 -29.69 -4.52 13.71
C LEU G 81 -28.95 -3.43 14.48
N ALA G 82 -28.48 -2.41 13.75
CA ALA G 82 -27.70 -1.32 14.31
C ALA G 82 -28.51 -0.61 15.40
N THR G 83 -27.82 -0.21 16.48
CA THR G 83 -28.42 0.56 17.57
C THR G 83 -27.55 1.78 17.84
N PRO G 84 -28.07 2.82 18.54
CA PRO G 84 -27.26 3.98 18.93
C PRO G 84 -26.04 3.66 19.82
N SER G 85 -26.12 2.55 20.58
CA SER G 85 -25.06 2.14 21.51
C SER G 85 -23.81 1.66 20.76
N GLN G 86 -23.95 1.40 19.46
CA GLN G 86 -22.86 0.93 18.60
C GLN G 86 -22.18 2.11 17.89
N THR G 87 -22.66 3.33 18.16
CA THR G 87 -21.97 4.56 17.78
C THR G 87 -20.59 4.56 18.45
N SER G 88 -19.53 4.51 17.64
CA SER G 88 -18.17 4.32 18.13
C SER G 88 -17.15 4.55 17.01
N VAL G 89 -15.87 4.39 17.35
CA VAL G 89 -14.78 4.32 16.39
C VAL G 89 -14.25 2.88 16.42
N TYR G 90 -14.30 2.19 15.27
CA TYR G 90 -13.93 0.79 15.18
C TYR G 90 -12.56 0.66 14.52
N PHE G 91 -11.67 -0.10 15.16
CA PHE G 91 -10.33 -0.38 14.65
C PHE G 91 -10.20 -1.88 14.34
N CYS G 92 -9.77 -2.17 13.11
CA CYS G 92 -9.38 -3.49 12.68
C CYS G 92 -7.86 -3.61 12.82
N ALA G 93 -7.37 -4.84 13.00
CA ALA G 93 -5.93 -5.11 13.04
C ALA G 93 -5.66 -6.53 12.53
N SER G 94 -4.41 -6.77 12.13
CA SER G 94 -3.92 -8.07 11.70
C SER G 94 -2.59 -8.38 12.37
N GLY G 95 -2.21 -9.66 12.35
CA GLY G 95 -0.92 -10.11 12.86
C GLY G 95 -0.65 -11.56 12.48
N ASP G 96 0.64 -11.91 12.39
CA ASP G 96 1.08 -13.28 12.18
C ASP G 96 1.18 -13.93 13.57
N GLU G 97 2.13 -14.86 13.76
CA GLU G 97 2.21 -15.66 14.99
C GLU G 97 2.92 -14.89 16.10
N GLY G 98 3.51 -13.72 15.77
CA GLY G 98 4.13 -12.82 16.76
C GLY G 98 3.09 -12.07 17.57
N TYR G 99 3.55 -11.22 18.49
CA TYR G 99 2.66 -10.49 19.41
C TYR G 99 2.20 -9.15 18.82
N THR G 100 2.92 -8.65 17.82
CA THR G 100 2.60 -7.35 17.21
C THR G 100 1.28 -7.45 16.42
N GLN G 101 0.37 -6.52 16.71
CA GLN G 101 -0.85 -6.32 15.93
C GLN G 101 -0.74 -4.98 15.20
N TYR G 102 -0.94 -5.01 13.88
CA TYR G 102 -0.85 -3.85 13.01
C TYR G 102 -2.27 -3.31 12.77
N PHE G 103 -2.52 -2.06 13.21
CA PHE G 103 -3.87 -1.51 13.29
C PHE G 103 -4.20 -0.71 12.01
N GLY G 104 -5.49 -0.70 11.67
CA GLY G 104 -6.02 0.09 10.57
C GLY G 104 -6.29 1.53 11.00
N PRO G 105 -6.70 2.42 10.07
CA PRO G 105 -6.83 3.85 10.36
C PRO G 105 -8.10 4.25 11.14
N GLY G 106 -9.04 3.31 11.26
CA GLY G 106 -10.25 3.48 12.07
C GLY G 106 -11.47 3.77 11.21
N THR G 107 -12.66 3.61 11.81
CA THR G 107 -13.95 3.77 11.15
C THR G 107 -14.95 4.37 12.14
N ARG G 108 -15.35 5.63 11.89
CA ARG G 108 -16.29 6.34 12.75
C ARG G 108 -17.73 5.99 12.30
N LEU G 109 -18.49 5.39 13.22
CA LEU G 109 -19.89 5.00 12.98
C LEU G 109 -20.81 5.82 13.88
N LEU G 110 -21.78 6.49 13.27
CA LEU G 110 -22.85 7.18 13.98
C LEU G 110 -24.19 6.53 13.59
N VAL G 111 -24.87 5.95 14.58
CA VAL G 111 -26.20 5.39 14.40
C VAL G 111 -27.23 6.38 14.96
N LEU G 112 -28.04 6.94 14.06
CA LEU G 112 -29.09 7.90 14.40
C LEU G 112 -30.41 7.15 14.65
N GLU G 113 -31.31 7.81 15.41
CA GLU G 113 -32.66 7.30 15.65
C GLU G 113 -33.46 7.38 14.35
N ASP G 114 -33.23 8.46 13.59
CA ASP G 114 -34.00 8.81 12.41
C ASP G 114 -33.09 9.58 11.44
N LEU G 115 -33.41 9.55 10.14
CA LEU G 115 -32.59 10.17 9.09
C LEU G 115 -33.27 11.44 8.54
N ARG G 116 -34.41 11.84 9.10
CA ARG G 116 -35.25 12.91 8.54
C ARG G 116 -34.48 14.23 8.47
N ASN G 117 -33.56 14.46 9.42
CA ASN G 117 -32.89 15.75 9.58
C ASN G 117 -31.56 15.78 8.81
N VAL G 118 -31.16 14.66 8.19
CA VAL G 118 -29.87 14.56 7.50
C VAL G 118 -29.88 15.53 6.32
N THR G 119 -28.81 16.33 6.21
CA THR G 119 -28.70 17.43 5.24
C THR G 119 -27.23 17.72 4.93
N PRO G 120 -26.84 17.86 3.65
CA PRO G 120 -25.45 18.16 3.30
C PRO G 120 -25.12 19.64 3.52
N PRO G 121 -23.83 20.03 3.52
CA PRO G 121 -23.44 21.42 3.72
C PRO G 121 -23.50 22.29 2.46
N LYS G 122 -23.70 23.60 2.66
CA LYS G 122 -23.25 24.63 1.73
C LYS G 122 -21.80 24.94 2.09
N VAL G 123 -20.99 25.31 1.08
CA VAL G 123 -19.59 25.62 1.31
C VAL G 123 -19.25 26.92 0.58
N SER G 124 -18.75 27.91 1.32
CA SER G 124 -18.27 29.17 0.80
C SER G 124 -16.77 29.32 1.10
N LEU G 125 -16.02 29.86 0.13
CA LEU G 125 -14.60 30.18 0.28
C LEU G 125 -14.44 31.71 0.32
N PHE G 126 -13.96 32.21 1.46
CA PHE G 126 -13.74 33.64 1.68
C PHE G 126 -12.28 33.98 1.37
N GLU G 127 -12.09 34.92 0.43
CA GLU G 127 -10.76 35.29 -0.07
C GLU G 127 -10.05 36.19 0.93
N PRO G 128 -8.70 36.21 0.94
CA PRO G 128 -7.94 37.07 1.85
C PRO G 128 -8.20 38.56 1.64
N SER G 129 -8.01 39.35 2.71
CA SER G 129 -8.17 40.79 2.67
C SER G 129 -6.87 41.46 2.19
N LYS G 130 -7.02 42.59 1.49
CA LYS G 130 -5.90 43.41 1.03
C LYS G 130 -5.14 43.97 2.23
N ALA G 131 -5.88 44.29 3.31
CA ALA G 131 -5.34 44.82 4.55
C ALA G 131 -4.31 43.84 5.14
N GLU G 132 -4.67 42.55 5.20
CA GLU G 132 -3.81 41.51 5.77
C GLU G 132 -2.53 41.36 4.94
N ILE G 133 -2.67 41.39 3.62
CA ILE G 133 -1.54 41.19 2.70
C ILE G 133 -0.50 42.31 2.92
N SER G 134 -0.96 43.56 2.97
CA SER G 134 -0.08 44.72 3.10
C SER G 134 0.54 44.80 4.51
N HIS G 135 -0.19 44.27 5.52
CA HIS G 135 0.22 44.36 6.92
C HIS G 135 1.20 43.23 7.29
N THR G 136 0.92 42.00 6.85
CA THR G 136 1.66 40.80 7.29
C THR G 136 2.49 40.16 6.17
N GLN G 137 2.17 40.48 4.91
CA GLN G 137 2.75 39.83 3.72
C GLN G 137 2.31 38.36 3.66
N LYS G 138 1.13 38.08 4.25
CA LYS G 138 0.54 36.75 4.29
C LYS G 138 -0.95 36.88 3.97
N ALA G 139 -1.52 35.79 3.44
CA ALA G 139 -2.89 35.76 2.96
C ALA G 139 -3.62 34.55 3.57
N THR G 140 -4.72 34.82 4.28
CA THR G 140 -5.53 33.79 4.93
C THR G 140 -6.83 33.60 4.15
N LEU G 141 -7.02 32.39 3.60
CA LEU G 141 -8.30 31.97 3.05
C LEU G 141 -9.13 31.36 4.20
N VAL G 142 -10.44 31.63 4.19
CA VAL G 142 -11.33 31.05 5.19
C VAL G 142 -12.43 30.29 4.44
N CYS G 143 -12.66 29.05 4.90
CA CYS G 143 -13.69 28.17 4.37
C CYS G 143 -14.78 28.00 5.42
N LEU G 144 -16.03 27.89 4.96
CA LEU G 144 -17.18 27.85 5.83
C LEU G 144 -18.18 26.82 5.31
N ALA G 145 -18.28 25.68 6.03
CA ALA G 145 -19.34 24.70 5.81
C ALA G 145 -20.48 25.03 6.78
N THR G 146 -21.70 25.17 6.25
CA THR G 146 -22.86 25.56 7.03
C THR G 146 -24.06 24.65 6.70
N GLY G 147 -24.95 24.50 7.68
CA GLY G 147 -26.30 23.95 7.47
C GLY G 147 -26.32 22.46 7.23
N PHE G 148 -25.40 21.72 7.87
CA PHE G 148 -25.28 20.27 7.64
C PHE G 148 -25.62 19.51 8.92
N TYR G 149 -26.04 18.24 8.72
CA TYR G 149 -26.40 17.32 9.80
C TYR G 149 -26.35 15.90 9.25
N PRO G 150 -25.77 14.94 10.00
CA PRO G 150 -25.09 15.15 11.27
C PRO G 150 -23.68 15.76 11.08
N ASP G 151 -22.86 15.73 12.14
CA ASP G 151 -21.58 16.45 12.18
C ASP G 151 -20.42 15.59 11.64
N HIS G 152 -20.72 14.66 10.73
CA HIS G 152 -19.72 13.75 10.17
C HIS G 152 -19.23 14.30 8.82
N VAL G 153 -18.25 15.20 8.88
CA VAL G 153 -17.66 15.85 7.71
C VAL G 153 -16.13 15.84 7.84
N GLU G 154 -15.45 15.64 6.71
CA GLU G 154 -14.00 15.83 6.58
C GLU G 154 -13.75 17.06 5.68
N LEU G 155 -13.19 18.11 6.26
CA LEU G 155 -12.81 19.33 5.53
C LEU G 155 -11.32 19.24 5.16
N SER G 156 -11.02 19.41 3.87
CA SER G 156 -9.65 19.36 3.37
C SER G 156 -9.40 20.56 2.43
N TRP G 157 -8.13 21.00 2.38
CA TRP G 157 -7.67 22.10 1.55
C TRP G 157 -6.83 21.55 0.39
N TRP G 158 -7.11 22.03 -0.83
CA TRP G 158 -6.48 21.55 -2.05
C TRP G 158 -5.96 22.74 -2.85
N VAL G 159 -4.68 22.66 -3.24
CA VAL G 159 -4.04 23.68 -4.07
C VAL G 159 -3.45 22.98 -5.30
N ASN G 160 -3.92 23.38 -6.48
CA ASN G 160 -3.53 22.80 -7.77
C ASN G 160 -3.68 21.28 -7.71
N GLY G 161 -4.87 20.84 -7.27
CA GLY G 161 -5.28 19.43 -7.27
C GLY G 161 -4.47 18.56 -6.32
N LYS G 162 -3.79 19.19 -5.34
CA LYS G 162 -3.01 18.46 -4.35
C LYS G 162 -3.37 19.00 -2.95
N GLU G 163 -3.59 18.08 -2.02
CA GLU G 163 -4.00 18.40 -0.67
C GLU G 163 -2.84 19.07 0.07
N VAL G 164 -3.15 20.13 0.82
CA VAL G 164 -2.17 20.87 1.62
C VAL G 164 -2.56 20.71 3.10
N HIS G 165 -1.52 20.47 3.93
CA HIS G 165 -1.67 20.35 5.38
C HIS G 165 -0.96 21.50 6.09
N SER G 166 0.22 21.90 5.57
CA SER G 166 0.95 23.05 6.08
C SER G 166 0.06 24.29 5.99
N GLY G 167 0.06 25.09 7.07
CA GLY G 167 -0.61 26.38 7.13
C GLY G 167 -2.12 26.24 7.26
N VAL G 168 -2.59 25.07 7.71
CA VAL G 168 -4.02 24.78 7.82
C VAL G 168 -4.36 24.53 9.30
N CYS G 169 -5.58 24.94 9.69
CA CYS G 169 -6.19 24.48 10.93
C CYS G 169 -7.71 24.57 10.80
N THR G 170 -8.38 23.53 11.29
CA THR G 170 -9.84 23.39 11.26
C THR G 170 -10.38 23.34 12.70
N ASP G 171 -11.56 23.93 12.90
CA ASP G 171 -12.24 23.92 14.20
C ASP G 171 -12.29 22.49 14.72
N PRO G 172 -11.86 22.23 15.97
CA PRO G 172 -11.76 20.86 16.48
C PRO G 172 -13.10 20.11 16.39
N GLN G 173 -14.20 20.85 16.63
CA GLN G 173 -15.56 20.33 16.50
C GLN G 173 -16.44 21.38 15.83
N PRO G 174 -17.48 20.98 15.07
CA PRO G 174 -18.45 21.93 14.53
C PRO G 174 -19.32 22.55 15.63
N LEU G 175 -19.79 23.79 15.39
CA LEU G 175 -20.72 24.46 16.31
C LEU G 175 -22.15 24.36 15.74
N LYS G 176 -23.14 24.47 16.64
CA LYS G 176 -24.56 24.33 16.28
C LYS G 176 -25.12 25.70 15.89
N GLU G 177 -25.95 25.71 14.82
CA GLU G 177 -26.50 26.93 14.26
C GLU G 177 -27.70 27.42 15.09
N GLN G 178 -28.48 26.46 15.61
CA GLN G 178 -29.67 26.74 16.43
C GLN G 178 -29.61 25.85 17.67
N PRO G 179 -28.79 26.18 18.69
CA PRO G 179 -28.60 25.31 19.85
C PRO G 179 -29.90 24.93 20.59
N ALA G 180 -30.92 25.79 20.49
CA ALA G 180 -32.22 25.59 21.13
C ALA G 180 -32.99 24.43 20.49
N LEU G 181 -32.93 24.32 19.15
CA LEU G 181 -33.77 23.39 18.38
C LEU G 181 -33.27 21.95 18.58
N ASN G 182 -34.14 21.01 18.19
CA ASN G 182 -34.08 19.58 18.58
C ASN G 182 -32.84 18.93 17.96
N ASP G 183 -32.77 18.94 16.63
CA ASP G 183 -31.64 18.38 15.87
C ASP G 183 -31.04 19.48 15.00
N SER G 184 -30.38 20.43 15.67
CA SER G 184 -29.78 21.60 15.06
C SER G 184 -28.83 21.19 13.92
N ARG G 185 -28.81 22.02 12.87
CA ARG G 185 -27.81 21.94 11.82
C ARG G 185 -26.49 22.50 12.37
N TYR G 186 -25.39 22.11 11.73
CA TYR G 186 -24.03 22.41 12.19
C TYR G 186 -23.33 23.37 11.22
N SER G 187 -22.30 24.05 11.73
CA SER G 187 -21.38 24.85 10.94
C SER G 187 -19.94 24.47 11.32
N LEU G 188 -19.02 24.63 10.36
CA LEU G 188 -17.60 24.32 10.55
C LEU G 188 -16.78 25.30 9.71
N SER G 189 -15.70 25.83 10.30
CA SER G 189 -14.79 26.75 9.63
C SER G 189 -13.38 26.14 9.57
N SER G 190 -12.57 26.67 8.65
CA SER G 190 -11.17 26.28 8.51
C SER G 190 -10.40 27.41 7.82
N ARG G 191 -9.10 27.51 8.13
CA ARG G 191 -8.24 28.54 7.56
C ARG G 191 -7.05 27.87 6.87
N LEU G 192 -6.62 28.48 5.76
CA LEU G 192 -5.39 28.17 5.05
C LEU G 192 -4.60 29.47 4.87
N ARG G 193 -3.43 29.56 5.51
CA ARG G 193 -2.58 30.74 5.43
C ARG G 193 -1.38 30.45 4.53
N VAL G 194 -1.16 31.33 3.56
CA VAL G 194 -0.08 31.23 2.59
C VAL G 194 0.58 32.61 2.47
N SER G 195 1.77 32.64 1.85
CA SER G 195 2.47 33.88 1.56
C SER G 195 1.66 34.70 0.54
N ALA G 196 1.84 36.02 0.57
CA ALA G 196 1.09 36.93 -0.29
C ALA G 196 1.42 36.64 -1.76
N THR G 197 2.69 36.37 -2.06
CA THR G 197 3.17 36.11 -3.43
C THR G 197 2.50 34.86 -3.99
N PHE G 198 2.28 33.85 -3.14
CA PHE G 198 1.64 32.58 -3.52
C PHE G 198 0.17 32.83 -3.90
N TRP G 199 -0.53 33.63 -3.11
CA TRP G 199 -1.93 33.96 -3.36
C TRP G 199 -2.05 34.92 -4.57
N GLN G 200 -1.05 35.79 -4.74
CA GLN G 200 -1.06 36.80 -5.81
C GLN G 200 -0.78 36.13 -7.16
N ASN G 201 -0.28 34.90 -7.14
CA ASN G 201 -0.02 34.09 -8.35
C ASN G 201 -1.35 33.58 -8.91
N PRO G 202 -1.79 34.06 -10.10
CA PRO G 202 -3.10 33.68 -10.64
C PRO G 202 -3.17 32.29 -11.30
N ARG G 203 -2.06 31.54 -11.28
CA ARG G 203 -2.02 30.18 -11.80
C ARG G 203 -2.24 29.16 -10.66
N ASN G 204 -2.28 29.64 -9.41
CA ASN G 204 -2.59 28.82 -8.24
C ASN G 204 -4.11 28.75 -8.04
N HIS G 205 -4.63 27.52 -7.97
CA HIS G 205 -6.05 27.24 -7.83
C HIS G 205 -6.31 26.70 -6.42
N PHE G 206 -7.07 27.46 -5.63
CA PHE G 206 -7.38 27.15 -4.24
C PHE G 206 -8.80 26.58 -4.16
N ARG G 207 -8.96 25.49 -3.39
CA ARG G 207 -10.26 24.83 -3.24
C ARG G 207 -10.39 24.25 -1.83
N CYS G 208 -11.53 24.58 -1.19
CA CYS G 208 -11.95 23.97 0.07
C CYS G 208 -12.98 22.88 -0.22
N GLN G 209 -12.70 21.66 0.26
CA GLN G 209 -13.54 20.49 0.00
C GLN G 209 -14.10 19.96 1.33
N VAL G 210 -15.42 19.72 1.36
CA VAL G 210 -16.09 19.11 2.48
C VAL G 210 -16.68 17.77 2.03
N GLN G 211 -16.06 16.67 2.48
CA GLN G 211 -16.60 15.32 2.34
C GLN G 211 -17.67 15.12 3.42
N PHE G 212 -18.93 15.01 2.99
CA PHE G 212 -20.07 14.83 3.89
C PHE G 212 -20.51 13.36 3.81
N TYR G 213 -20.87 12.80 4.97
CA TYR G 213 -21.38 11.44 5.08
C TYR G 213 -22.85 11.49 5.50
N GLY G 214 -23.71 10.84 4.72
CA GLY G 214 -25.14 10.78 4.97
C GLY G 214 -25.73 9.46 4.49
N LEU G 215 -26.78 9.55 3.68
CA LEU G 215 -27.49 8.38 3.19
C LEU G 215 -26.72 7.75 2.03
N SER G 216 -27.21 6.59 1.58
CA SER G 216 -26.68 5.86 0.43
C SER G 216 -27.80 5.63 -0.60
N GLU G 217 -27.48 4.91 -1.67
CA GLU G 217 -28.45 4.53 -2.70
C GLU G 217 -29.58 3.69 -2.09
N ASN G 218 -29.24 2.86 -1.09
CA ASN G 218 -30.16 1.89 -0.49
C ASN G 218 -31.26 2.60 0.32
N ASP G 219 -30.85 3.54 1.18
CA ASP G 219 -31.74 4.17 2.17
C ASP G 219 -32.96 4.78 1.47
N GLU G 220 -34.15 4.55 2.05
CA GLU G 220 -35.42 5.07 1.53
C GLU G 220 -35.54 6.55 1.91
N TRP G 221 -36.25 7.32 1.07
CA TRP G 221 -36.38 8.76 1.23
C TRP G 221 -37.78 9.22 0.79
N THR G 222 -38.53 9.80 1.74
CA THR G 222 -39.94 10.15 1.55
C THR G 222 -40.13 11.68 1.39
N GLN G 223 -39.11 12.47 1.77
CA GLN G 223 -39.22 13.93 1.81
C GLN G 223 -39.15 14.50 0.39
N ASP G 224 -39.52 15.78 0.27
CA ASP G 224 -39.66 16.47 -1.01
C ASP G 224 -38.28 16.92 -1.52
N ARG G 225 -37.41 17.38 -0.60
CA ARG G 225 -36.08 17.90 -0.94
C ARG G 225 -35.19 16.77 -1.47
N ALA G 226 -34.04 17.16 -2.04
CA ALA G 226 -33.07 16.23 -2.62
C ALA G 226 -32.54 15.28 -1.55
N LYS G 227 -32.24 14.05 -1.97
CA LYS G 227 -31.80 12.98 -1.09
C LYS G 227 -30.41 13.30 -0.54
N PRO G 228 -30.24 13.43 0.79
CA PRO G 228 -28.97 13.87 1.38
C PRO G 228 -27.92 12.74 1.45
N VAL G 229 -27.44 12.32 0.29
CA VAL G 229 -26.51 11.20 0.16
C VAL G 229 -25.08 11.67 0.50
N THR G 230 -24.23 10.71 0.85
CA THR G 230 -22.79 10.92 1.02
C THR G 230 -22.25 11.57 -0.26
N GLN G 231 -21.63 12.75 -0.10
CA GLN G 231 -21.23 13.56 -1.25
C GLN G 231 -20.12 14.54 -0.85
N ILE G 232 -19.55 15.18 -1.87
CA ILE G 232 -18.53 16.21 -1.75
C ILE G 232 -19.14 17.55 -2.17
N VAL G 233 -18.94 18.57 -1.35
CA VAL G 233 -19.28 19.94 -1.67
C VAL G 233 -18.00 20.76 -1.48
N SER G 234 -17.73 21.68 -2.42
CA SER G 234 -16.51 22.46 -2.40
C SER G 234 -16.77 23.87 -2.95
N ALA G 235 -15.90 24.80 -2.53
CA ALA G 235 -15.79 26.12 -3.09
C ALA G 235 -14.33 26.33 -3.52
N GLU G 236 -14.10 27.23 -4.47
CA GLU G 236 -12.81 27.40 -5.09
C GLU G 236 -12.61 28.85 -5.50
N ALA G 237 -11.34 29.22 -5.68
CA ALA G 237 -10.94 30.54 -6.18
C ALA G 237 -9.52 30.45 -6.74
N TRP G 238 -9.22 31.33 -7.70
CA TRP G 238 -7.88 31.50 -8.26
C TRP G 238 -7.19 32.68 -7.58
N GLY G 239 -5.86 32.64 -7.56
CA GLY G 239 -5.05 33.76 -7.09
C GLY G 239 -5.21 34.97 -8.01
N ARG G 240 -4.80 36.14 -7.50
CA ARG G 240 -4.93 37.40 -8.24
C ARG G 240 -3.99 38.45 -7.64
N ALA G 241 -3.38 39.25 -8.52
CA ALA G 241 -2.48 40.34 -8.13
C ALA G 241 -3.28 41.63 -7.93
N GLN H 2 -7.82 -45.22 23.08
CA GLN H 2 -8.73 -45.58 24.22
C GLN H 2 -8.41 -47.00 24.70
N LYS H 3 -7.65 -47.11 25.79
CA LYS H 3 -7.18 -48.39 26.34
C LYS H 3 -8.08 -48.82 27.50
N THR H 4 -8.19 -50.15 27.69
CA THR H 4 -9.10 -50.78 28.66
C THR H 4 -8.34 -51.03 29.97
N PRO H 5 -8.95 -50.73 31.15
CA PRO H 5 -8.24 -50.86 32.43
C PRO H 5 -8.01 -52.30 32.91
N GLN H 6 -6.79 -52.56 33.42
CA GLN H 6 -6.44 -53.78 34.14
C GLN H 6 -6.61 -53.53 35.64
N ILE H 7 -7.27 -54.46 36.34
CA ILE H 7 -7.59 -54.34 37.77
C ILE H 7 -6.95 -55.50 38.52
N GLN H 8 -6.29 -55.19 39.65
CA GLN H 8 -5.59 -56.18 40.48
C GLN H 8 -5.89 -55.89 41.96
N VAL H 9 -6.39 -56.91 42.67
CA VAL H 9 -6.81 -56.80 44.06
C VAL H 9 -5.89 -57.67 44.92
N TYR H 10 -5.40 -57.09 46.04
CA TYR H 10 -4.43 -57.74 46.91
C TYR H 10 -4.42 -57.06 48.28
N SER H 11 -4.07 -57.84 49.32
CA SER H 11 -3.97 -57.37 50.70
C SER H 11 -2.55 -56.92 51.00
N ARG H 12 -2.42 -55.98 51.95
CA ARG H 12 -1.14 -55.41 52.37
C ARG H 12 -0.37 -56.45 53.19
N HIS H 13 -1.03 -57.00 54.22
CA HIS H 13 -0.45 -57.99 55.14
C HIS H 13 -1.02 -59.36 54.85
N PRO H 14 -0.40 -60.46 55.36
CA PRO H 14 -0.98 -61.80 55.26
C PRO H 14 -2.41 -61.86 55.79
N PRO H 15 -3.38 -62.38 55.00
CA PRO H 15 -4.79 -62.37 55.40
C PRO H 15 -5.12 -63.45 56.45
N GLU H 16 -5.62 -63.00 57.61
CA GLU H 16 -5.98 -63.88 58.72
C GLU H 16 -7.36 -63.46 59.25
N ASN H 17 -8.33 -64.38 59.16
CA ASN H 17 -9.72 -64.12 59.53
C ASN H 17 -9.78 -63.50 60.93
N GLY H 18 -10.51 -62.38 61.04
CA GLY H 18 -10.67 -61.65 62.30
C GLY H 18 -9.70 -60.49 62.46
N LYS H 19 -8.49 -60.63 61.87
CA LYS H 19 -7.41 -59.66 62.03
C LYS H 19 -7.58 -58.51 61.03
N PRO H 20 -7.64 -57.24 61.49
CA PRO H 20 -7.68 -56.08 60.59
C PRO H 20 -6.49 -56.01 59.62
N ASN H 21 -6.75 -55.47 58.42
CA ASN H 21 -5.82 -55.47 57.29
C ASN H 21 -6.23 -54.34 56.35
N ILE H 22 -5.37 -54.03 55.37
CA ILE H 22 -5.67 -53.08 54.29
C ILE H 22 -5.78 -53.85 52.98
N LEU H 23 -6.76 -53.45 52.15
CA LEU H 23 -7.02 -54.05 50.85
C LEU H 23 -6.78 -53.00 49.76
N ASN H 24 -6.03 -53.42 48.71
CA ASN H 24 -5.60 -52.54 47.63
C ASN H 24 -6.33 -52.92 46.34
N CYS H 25 -6.70 -51.89 45.56
CA CYS H 25 -7.19 -52.05 44.20
C CYS H 25 -6.35 -51.16 43.27
N TYR H 26 -5.53 -51.79 42.42
CA TYR H 26 -4.60 -51.12 41.52
C TYR H 26 -5.15 -51.17 40.09
N VAL H 27 -5.68 -50.04 39.62
CA VAL H 27 -6.22 -49.88 38.27
C VAL H 27 -5.14 -49.21 37.40
N THR H 28 -4.85 -49.81 36.24
CA THR H 28 -3.74 -49.37 35.36
C THR H 28 -4.14 -49.51 33.89
N GLN H 29 -3.27 -48.99 33.02
CA GLN H 29 -3.30 -49.18 31.56
C GLN H 29 -4.62 -48.66 30.96
N PHE H 30 -5.15 -47.57 31.51
CA PHE H 30 -6.41 -47.00 31.03
C PHE H 30 -6.17 -45.58 30.47
N HIS H 31 -7.09 -45.16 29.60
CA HIS H 31 -7.05 -43.89 28.89
C HIS H 31 -8.40 -43.70 28.19
N PRO H 32 -9.08 -42.56 28.38
CA PRO H 32 -8.61 -41.37 29.08
C PRO H 32 -8.68 -41.50 30.61
N PRO H 33 -8.15 -40.52 31.38
CA PRO H 33 -7.98 -40.67 32.82
C PRO H 33 -9.25 -40.58 33.70
N HIS H 34 -10.38 -40.12 33.12
CA HIS H 34 -11.64 -40.08 33.86
C HIS H 34 -12.11 -41.51 34.14
N ILE H 35 -12.20 -41.87 35.43
CA ILE H 35 -12.55 -43.22 35.87
C ILE H 35 -13.28 -43.13 37.22
N GLU H 36 -14.18 -44.09 37.46
CA GLU H 36 -14.85 -44.26 38.75
C GLU H 36 -14.48 -45.63 39.31
N ILE H 37 -13.79 -45.62 40.46
CA ILE H 37 -13.34 -46.83 41.15
C ILE H 37 -14.12 -46.93 42.46
N GLN H 38 -14.79 -48.08 42.66
CA GLN H 38 -15.49 -48.41 43.89
C GLN H 38 -14.91 -49.71 44.45
N MET H 39 -14.89 -49.81 45.78
CA MET H 39 -14.53 -51.04 46.47
C MET H 39 -15.75 -51.55 47.25
N LEU H 40 -16.10 -52.82 47.00
CA LEU H 40 -17.36 -53.40 47.46
C LEU H 40 -17.10 -54.41 48.58
N LYS H 41 -18.03 -54.45 49.54
CA LYS H 41 -18.11 -55.51 50.54
C LYS H 41 -19.50 -56.16 50.42
N ASN H 42 -19.52 -57.38 49.87
CA ASN H 42 -20.75 -58.15 49.63
C ASN H 42 -21.70 -57.32 48.75
N GLY H 43 -21.12 -56.63 47.75
CA GLY H 43 -21.87 -55.89 46.74
C GLY H 43 -22.09 -54.43 47.11
N LYS H 44 -21.92 -54.10 48.40
CA LYS H 44 -22.24 -52.76 48.91
C LYS H 44 -20.98 -51.89 48.91
N LYS H 45 -21.19 -50.60 48.58
CA LYS H 45 -20.13 -49.60 48.46
C LYS H 45 -19.57 -49.29 49.85
N ILE H 46 -18.24 -49.43 49.99
CA ILE H 46 -17.53 -49.12 51.23
C ILE H 46 -17.28 -47.61 51.27
N PRO H 47 -17.67 -46.90 52.36
CA PRO H 47 -17.42 -45.46 52.47
C PRO H 47 -16.00 -45.14 52.98
N LYS H 48 -15.54 -43.92 52.67
CA LYS H 48 -14.25 -43.39 53.13
C LYS H 48 -13.10 -44.26 52.58
N VAL H 49 -13.13 -44.50 51.26
CA VAL H 49 -12.07 -45.22 50.55
C VAL H 49 -11.02 -44.20 50.11
N GLU H 50 -9.78 -44.39 50.59
CA GLU H 50 -8.66 -43.52 50.25
C GLU H 50 -8.19 -43.82 48.82
N MET H 51 -7.86 -42.77 48.07
CA MET H 51 -7.37 -42.86 46.71
C MET H 51 -6.03 -42.10 46.61
N SER H 52 -5.02 -42.75 46.03
CA SER H 52 -3.78 -42.08 45.68
C SER H 52 -4.05 -41.10 44.54
N ASP H 53 -3.14 -40.15 44.35
CA ASP H 53 -3.21 -39.21 43.25
C ASP H 53 -2.98 -39.98 41.95
N MET H 54 -3.74 -39.63 40.91
CA MET H 54 -3.57 -40.27 39.61
C MET H 54 -2.21 -39.87 39.03
N SER H 55 -1.62 -40.78 38.25
CA SER H 55 -0.33 -40.60 37.63
C SER H 55 -0.28 -41.44 36.35
N PHE H 56 0.88 -41.49 35.68
CA PHE H 56 1.03 -42.28 34.46
C PHE H 56 2.50 -42.69 34.28
N SER H 57 2.69 -43.77 33.49
CA SER H 57 4.00 -44.40 33.23
C SER H 57 4.64 -43.78 31.98
N LYS H 58 5.78 -44.35 31.56
CA LYS H 58 6.51 -43.90 30.37
C LYS H 58 5.64 -44.06 29.11
N ASP H 59 4.76 -45.07 29.10
CA ASP H 59 3.90 -45.38 27.95
C ASP H 59 2.65 -44.49 27.94
N TRP H 60 2.57 -43.52 28.88
CA TRP H 60 1.54 -42.46 28.93
C TRP H 60 0.18 -43.01 29.38
N SER H 61 0.16 -44.24 29.92
CA SER H 61 -1.04 -44.87 30.42
C SER H 61 -1.18 -44.57 31.91
N PHE H 62 -2.42 -44.33 32.35
CA PHE H 62 -2.71 -43.87 33.70
C PHE H 62 -2.80 -45.06 34.66
N TYR H 63 -2.44 -44.79 35.93
CA TYR H 63 -2.57 -45.74 37.02
C TYR H 63 -3.00 -45.00 38.30
N ILE H 64 -3.70 -45.71 39.18
CA ILE H 64 -4.19 -45.16 40.43
C ILE H 64 -4.42 -46.33 41.41
N LEU H 65 -4.20 -46.04 42.70
CA LEU H 65 -4.30 -47.02 43.77
C LEU H 65 -5.41 -46.61 44.74
N ALA H 66 -6.50 -47.38 44.75
CA ALA H 66 -7.53 -47.28 45.79
C ALA H 66 -7.19 -48.29 46.89
N HIS H 67 -7.50 -47.92 48.15
CA HIS H 67 -7.26 -48.80 49.30
C HIS H 67 -8.19 -48.42 50.45
N THR H 68 -8.45 -49.41 51.31
CA THR H 68 -9.41 -49.30 52.40
C THR H 68 -9.07 -50.32 53.49
N GLU H 69 -9.46 -50.02 54.73
CA GLU H 69 -9.36 -50.94 55.84
C GLU H 69 -10.43 -52.03 55.66
N PHE H 70 -10.06 -53.28 55.94
CA PHE H 70 -10.97 -54.41 55.87
C PHE H 70 -10.53 -55.49 56.86
N THR H 71 -11.50 -56.29 57.30
CA THR H 71 -11.25 -57.48 58.12
C THR H 71 -11.82 -58.68 57.37
N PRO H 72 -10.98 -59.59 56.84
CA PRO H 72 -11.46 -60.75 56.09
C PRO H 72 -12.12 -61.80 57.00
N THR H 73 -13.11 -62.51 56.47
CA THR H 73 -13.82 -63.59 57.16
C THR H 73 -14.05 -64.74 56.17
N GLU H 74 -14.71 -65.80 56.64
CA GLU H 74 -15.07 -66.93 55.80
C GLU H 74 -16.16 -66.50 54.80
N THR H 75 -17.11 -65.68 55.27
CA THR H 75 -18.32 -65.33 54.51
C THR H 75 -18.08 -64.16 53.57
N ASP H 76 -17.56 -63.05 54.11
CA ASP H 76 -17.51 -61.74 53.44
C ASP H 76 -16.74 -61.83 52.11
N THR H 77 -17.34 -61.25 51.05
CA THR H 77 -16.73 -61.11 49.72
C THR H 77 -16.40 -59.64 49.46
N TYR H 78 -15.15 -59.41 49.01
CA TYR H 78 -14.65 -58.07 48.67
C TYR H 78 -14.33 -58.02 47.17
N ALA H 79 -14.50 -56.84 46.57
CA ALA H 79 -14.34 -56.64 45.13
C ALA H 79 -13.95 -55.19 44.82
N CYS H 80 -13.61 -54.95 43.54
CA CYS H 80 -13.30 -53.62 43.02
C CYS H 80 -14.01 -53.40 41.69
N ARG H 81 -14.92 -52.43 41.67
CA ARG H 81 -15.79 -52.14 40.53
C ARG H 81 -15.27 -50.88 39.81
N VAL H 82 -15.15 -50.96 38.48
CA VAL H 82 -14.54 -49.90 37.67
C VAL H 82 -15.46 -49.55 36.50
N LYS H 83 -15.89 -48.28 36.44
CA LYS H 83 -16.59 -47.68 35.30
C LYS H 83 -15.57 -46.89 34.47
N HIS H 84 -15.54 -47.14 33.16
CA HIS H 84 -14.63 -46.45 32.23
C HIS H 84 -15.23 -46.49 30.83
N ALA H 85 -15.04 -45.40 30.07
CA ALA H 85 -15.63 -45.21 28.74
C ALA H 85 -15.31 -46.39 27.81
N SER H 86 -14.09 -46.93 27.94
CA SER H 86 -13.59 -48.03 27.11
C SER H 86 -14.49 -49.27 27.21
N MET H 87 -15.04 -49.52 28.40
CA MET H 87 -15.86 -50.71 28.67
C MET H 87 -17.35 -50.32 28.61
N ALA H 88 -18.18 -51.26 28.11
CA ALA H 88 -19.62 -51.08 28.02
C ALA H 88 -20.24 -51.18 29.42
N GLU H 89 -19.95 -52.30 30.10
CA GLU H 89 -20.45 -52.59 31.45
C GLU H 89 -19.31 -52.44 32.45
N PRO H 90 -19.58 -51.96 33.69
CA PRO H 90 -18.58 -51.90 34.75
C PRO H 90 -17.96 -53.27 35.07
N LYS H 91 -16.64 -53.38 34.89
CA LYS H 91 -15.89 -54.61 35.18
C LYS H 91 -15.68 -54.72 36.70
N THR H 92 -15.94 -55.92 37.23
CA THR H 92 -15.87 -56.21 38.67
C THR H 92 -14.89 -57.36 38.90
N VAL H 93 -13.82 -57.08 39.64
CA VAL H 93 -12.80 -58.07 39.99
C VAL H 93 -12.91 -58.35 41.49
N TYR H 94 -13.19 -59.61 41.83
CA TYR H 94 -13.37 -60.06 43.21
C TYR H 94 -12.01 -60.41 43.81
N TRP H 95 -11.89 -60.22 45.13
CA TRP H 95 -10.71 -60.57 45.89
C TRP H 95 -10.71 -62.09 46.16
N ASP H 96 -9.53 -62.70 46.01
CA ASP H 96 -9.32 -64.11 46.30
C ASP H 96 -7.98 -64.23 47.03
N ARG H 97 -8.04 -64.53 48.33
CA ARG H 97 -6.84 -64.64 49.18
C ARG H 97 -5.92 -65.74 48.66
N ASP H 98 -6.52 -66.80 48.10
CA ASP H 98 -5.81 -67.93 47.53
C ASP H 98 -4.92 -67.44 46.37
N MET H 99 -5.44 -66.53 45.54
CA MET H 99 -4.69 -65.92 44.43
C MET H 99 -3.84 -64.77 44.99
C1 NAG I . -4.34 -6.53 -17.00
C2 NAG I . -3.51 -7.80 -16.74
C3 NAG I . -3.97 -8.97 -17.61
C4 NAG I . -5.48 -9.15 -17.53
C5 NAG I . -6.14 -7.82 -17.91
C6 NAG I . -7.67 -7.88 -17.96
C7 NAG I . -1.21 -7.24 -16.05
C8 NAG I . 0.18 -6.97 -16.54
N2 NAG I . -2.10 -7.53 -17.00
O3 NAG I . -3.31 -10.17 -17.19
O4 NAG I . -5.90 -10.19 -18.43
O5 NAG I . -5.74 -6.84 -16.95
O6 NAG I . -8.21 -8.22 -16.68
O7 NAG I . -1.51 -7.16 -14.87
C1 NAG I . -6.71 -11.19 -17.77
C2 NAG I . -7.50 -11.98 -18.81
C3 NAG I . -8.37 -13.03 -18.12
C4 NAG I . -7.57 -13.89 -17.17
C5 NAG I . -6.68 -13.06 -16.23
C6 NAG I . -5.71 -13.94 -15.45
C7 NAG I . -8.01 -10.69 -20.85
C8 NAG I . -9.02 -9.83 -21.54
N2 NAG I . -8.34 -11.11 -19.62
O3 NAG I . -9.01 -13.86 -19.10
O4 NAG I . -8.47 -14.70 -16.39
O5 NAG I . -5.92 -12.11 -17.00
O6 NAG I . -5.55 -13.42 -14.13
O7 NAG I . -6.94 -10.98 -21.39
C1 NAG J . -7.88 -2.05 -28.12
C2 NAG J . -7.02 -3.25 -27.74
C3 NAG J . -5.56 -2.84 -27.53
C4 NAG J . -5.06 -2.10 -28.76
C5 NAG J . -5.98 -0.89 -28.97
C6 NAG J . -5.54 -0.02 -30.15
C7 NAG J . -8.19 -5.00 -26.53
C8 NAG J . -8.52 -5.53 -25.16
N2 NAG J . -7.48 -3.88 -26.53
O3 NAG J . -4.78 -4.01 -27.29
O4 NAG J . -3.69 -1.70 -28.60
O5 NAG J . -7.30 -1.36 -29.23
O6 NAG J . -5.56 -0.80 -31.34
O7 NAG J . -8.54 -5.57 -27.54
C1 NAG J . -2.87 -2.48 -29.49
C2 NAG J . -1.48 -1.86 -29.62
C3 NAG J . -0.57 -2.71 -30.50
C4 NAG J . -0.68 -4.22 -30.23
C5 NAG J . -2.13 -4.67 -30.02
C6 NAG J . -2.22 -6.13 -29.55
C7 NAG J . -1.50 0.57 -29.50
C8 NAG J . -1.72 1.85 -30.27
N2 NAG J . -1.62 -0.55 -30.20
O3 NAG J . 0.78 -2.28 -30.30
O4 NAG J . -0.11 -4.92 -31.34
O5 NAG J . -2.75 -3.83 -29.04
O6 NAG J . -2.03 -6.23 -28.14
O7 NAG J . -1.26 0.58 -28.30
C1 NAG K . -18.29 28.11 -28.93
C2 NAG K . -17.37 29.33 -28.99
C3 NAG K . -17.05 29.84 -27.59
C4 NAG K . -18.32 30.08 -26.79
C5 NAG K . -19.23 28.85 -26.84
C6 NAG K . -20.57 29.12 -26.14
C7 NAG K . -16.03 29.04 -31.02
C8 NAG K . -14.66 28.76 -31.58
N2 NAG K . -16.13 29.02 -29.69
O3 NAG K . -16.28 31.04 -27.68
O4 NAG K . -17.99 30.32 -25.41
O5 NAG K . -19.47 28.48 -28.21
O6 NAG K . -21.42 27.97 -26.27
O7 NAG K . -16.97 29.29 -31.76
C1 NAG K . -17.96 31.72 -25.07
C2 NAG K . -17.97 31.83 -23.53
C3 NAG K . -17.64 33.24 -23.02
C4 NAG K . -16.50 33.88 -23.80
C5 NAG K . -16.73 33.75 -25.30
C6 NAG K . -15.62 34.41 -26.14
C7 NAG K . -19.48 30.57 -22.02
C8 NAG K . -20.91 30.23 -21.72
N2 NAG K . -19.29 31.40 -23.05
O3 NAG K . -17.27 33.17 -21.64
O4 NAG K . -16.39 35.26 -23.42
O5 NAG K . -16.82 32.36 -25.62
O6 NAG K . -14.54 33.48 -26.34
O7 NAG K . -18.57 30.09 -21.34
C1 FUC K . -21.47 27.18 -25.05
C2 FUC K . -22.78 26.38 -25.01
C3 FUC K . -22.77 25.31 -26.10
C4 FUC K . -21.53 24.43 -25.96
C5 FUC K . -20.27 25.29 -25.93
C6 FUC K . -19.02 24.46 -25.72
O2 FUC K . -23.91 27.24 -25.15
O3 FUC K . -23.96 24.53 -26.02
O4 FUC K . -21.60 23.66 -24.74
O5 FUC K . -20.37 26.29 -24.91
C1 NAG L . -9.96 -26.15 37.67
C2 NAG L . -11.47 -25.92 37.66
C3 NAG L . -11.80 -24.69 36.83
C4 NAG L . -11.07 -23.49 37.41
C5 NAG L . -9.57 -23.77 37.38
C6 NAG L . -8.75 -22.63 37.97
C7 NAG L . -12.66 -28.04 37.82
C8 NAG L . -13.38 -29.10 37.05
N2 NAG L . -12.19 -27.04 37.09
O3 NAG L . -13.22 -24.48 36.82
O4 NAG L . -11.39 -22.30 36.67
O5 NAG L . -9.28 -24.97 38.11
O6 NAG L . -8.98 -22.54 39.38
O7 NAG L . -12.51 -28.10 39.03
C1 NAG L . -12.08 -21.35 37.51
C2 NAG L . -12.16 -20.02 36.76
C3 NAG L . -13.19 -19.04 37.31
C4 NAG L . -14.44 -19.68 37.90
C5 NAG L . -14.07 -20.91 38.73
C6 NAG L . -15.28 -21.62 39.33
C7 NAG L . -10.05 -19.30 35.77
C8 NAG L . -8.70 -18.68 36.03
N2 NAG L . -10.85 -19.41 36.82
O3 NAG L . -13.59 -18.17 36.24
O4 NAG L . -15.13 -18.72 38.71
O5 NAG L . -13.38 -21.82 37.88
O6 NAG L . -16.04 -22.25 38.29
O7 NAG L . -10.37 -19.68 34.65
C1 NAG M . 20.24 -24.98 27.46
C2 NAG M . 20.83 -23.78 26.73
C3 NAG M . 20.67 -23.95 25.22
C4 NAG M . 21.17 -25.32 24.75
C5 NAG M . 20.59 -26.43 25.60
C6 NAG M . 21.15 -27.78 25.19
C7 NAG M . 20.60 -21.78 28.15
C8 NAG M . 19.86 -20.48 28.32
N2 NAG M . 20.21 -22.52 27.11
O3 NAG M . 21.38 -22.90 24.56
O4 NAG M . 20.79 -25.52 23.38
O5 NAG M . 20.85 -26.18 26.99
O6 NAG M . 20.77 -28.78 26.14
O7 NAG M . 21.51 -22.09 28.90
C1 NAG M . 21.85 -25.29 22.44
C2 NAG M . 21.50 -25.99 21.13
C3 NAG M . 22.31 -25.50 19.91
C4 NAG M . 22.52 -23.99 19.92
C5 NAG M . 23.06 -23.57 21.29
C6 NAG M . 23.39 -22.09 21.40
C7 NAG M . 20.83 -28.36 20.94
C8 NAG M . 21.24 -29.77 21.22
N2 NAG M . 21.72 -27.42 21.29
O3 NAG M . 21.62 -25.87 18.71
O4 NAG M . 23.42 -23.62 18.87
O5 NAG M . 22.08 -23.89 22.26
O6 NAG M . 22.19 -21.34 21.62
O7 NAG M . 19.75 -28.09 20.43
C1 FUC M . 19.85 -29.75 25.58
C2 FUC M . 19.85 -31.01 26.45
C3 FUC M . 19.26 -30.72 27.82
C4 FUC M . 17.86 -30.13 27.65
C5 FUC M . 17.93 -28.89 26.76
C6 FUC M . 16.55 -28.29 26.54
O2 FUC M . 21.19 -31.50 26.58
O3 FUC M . 19.21 -31.91 28.62
O4 FUC M . 16.97 -31.10 27.06
O5 FUC M . 18.51 -29.23 25.49
C1 NAG N . -18.64 -29.63 29.30
C2 NAG N . -20.16 -29.61 29.36
C3 NAG N . -20.67 -29.90 30.77
C4 NAG N . -20.03 -31.17 31.33
C5 NAG N . -18.51 -31.05 31.23
C6 NAG N . -17.77 -32.27 31.77
C7 NAG N . -21.07 -28.09 27.65
C8 NAG N . -21.55 -26.70 27.37
N2 NAG N . -20.68 -28.33 28.91
O3 NAG N . -22.10 -30.02 30.76
O4 NAG N . -20.45 -31.37 32.69
O5 NAG N . -18.16 -30.84 29.87
O6 NAG N . -18.04 -33.42 30.96
O7 NAG N . -21.05 -28.94 26.77
C1 NAG N . -20.91 -32.71 32.94
C2 NAG N . -21.02 -32.95 34.44
C3 NAG N . -21.54 -34.35 34.75
C4 NAG N . -22.79 -34.68 33.94
C5 NAG N . -22.62 -34.33 32.47
C6 NAG N . -23.94 -34.52 31.72
C7 NAG N . -19.38 -31.64 35.76
C8 NAG N . -18.05 -31.70 36.45
N2 NAG N . -19.74 -32.77 35.12
O3 NAG N . -21.82 -34.46 36.15
O4 NAG N . -23.08 -36.08 34.07
O5 NAG N . -22.18 -32.98 32.34
O6 NAG N . -23.83 -34.06 30.37
O7 NAG N . -20.08 -30.65 35.80
NA NA O . 51.32 37.89 -38.66
NA NA P . 37.54 31.38 -21.56
CL CL Q . 20.37 9.52 -27.28
C3 JTV R . -4.48 17.45 -31.50
C4 JTV R . -4.13 18.93 -31.19
C5 JTV R . -3.74 19.06 -29.72
C6 JTV R . -2.71 18.02 -29.30
C1 JTV R . -3.23 16.64 -29.61
C2 JTV R . -4.61 17.12 -33.00
CBT JTV R . -7.43 9.96 -14.04
CBS JTV R . -7.97 11.13 -14.89
CBR JTV R . -9.49 11.00 -15.02
CBQ JTV R . -10.10 12.32 -15.52
CBP JTV R . -9.90 12.48 -17.03
CBO JTV R . -10.90 13.50 -17.61
CBN JTV R . -11.02 13.26 -19.11
CBM JTV R . -11.71 14.45 -19.79
CBL JTV R . -11.93 14.13 -21.28
CBK JTV R . -10.64 14.30 -22.10
CBJ JTV R . -10.94 14.17 -23.60
CBI JTV R . -9.76 14.66 -24.46
CBH JTV R . -8.56 13.71 -24.31
CBG JTV R . -7.62 13.80 -25.53
CAQ JTV R . -6.87 15.14 -25.58
OAR JTV R . -6.34 15.48 -24.29
CAP JTV R . -5.67 15.08 -26.56
OAS JTV R . -4.80 14.02 -26.17
CAN JTV R . -6.10 14.87 -28.03
CAM JTV R . -4.88 15.03 -28.93
O1 JTV R . -4.41 16.39 -28.85
O5 JTV R . -2.47 18.12 -27.89
O3 JTV R . -3.17 20.35 -29.51
O2 JTV R . -3.45 16.57 -31.02
O6 JTV R . -5.82 17.68 -33.54
O4 JTV R . -3.06 19.45 -31.99
CAT JTV R . -3.47 20.15 -33.19
CAU JTV R . -3.58 21.54 -32.99
CAV JTV R . -4.76 22.21 -33.35
CAW JTV R . -4.87 23.59 -33.17
CAX JTV R . -3.80 24.30 -32.62
CAY JTV R . -2.63 23.64 -32.27
CAZ JTV R . -2.52 22.27 -32.45
NAO JTV R . -7.10 15.89 -28.43
CBE JTV R . -7.89 15.71 -29.51
OBF JTV R . -7.86 14.73 -30.24
CBU JTV R . -8.86 16.87 -29.79
CBV JTV R . -10.28 16.37 -30.07
CBW JTV R . -10.96 15.87 -28.79
CBX JTV R . -12.24 15.14 -29.20
CBY JTV R . -13.20 14.97 -28.03
CBZ JTV R . -14.55 14.49 -28.59
CCA JTV R . -15.41 13.88 -27.48
CCB JTV R . -16.45 12.92 -28.08
CCC JTV R . -15.81 11.54 -28.35
CCD JTV R . -16.81 10.39 -28.11
CCE JTV R . -17.44 9.92 -29.43
CCF JTV R . -16.48 9.01 -30.21
CCG JTV R . -17.24 8.33 -31.36
CCH JTV R . -17.20 9.23 -32.61
CCI JTV R . -18.47 9.04 -33.44
CCJ JTV R . -18.52 10.11 -34.54
CCK JTV R . -19.89 10.14 -35.22
CCL JTV R . -20.00 11.43 -36.05
CCM JTV R . -20.40 12.63 -35.17
CCN JTV R . -19.43 13.79 -35.39
CCO JTV R . -20.07 15.15 -35.03
CCP JTV R . -20.48 15.24 -33.55
CCQ JTV R . -19.26 15.22 -32.63
CCR JTV R . -19.68 15.65 -31.23
CCS JTV R . -18.53 15.45 -30.25
C1 GOL S . -11.52 39.64 -23.22
O1 GOL S . -11.86 40.92 -22.67
C2 GOL S . -12.75 38.72 -23.21
O2 GOL S . -13.86 39.39 -23.81
C3 GOL S . -13.10 38.31 -21.78
O3 GOL S . -13.94 37.14 -21.80
C1 GOL T . -38.96 22.16 -25.86
O1 GOL T . -38.26 22.93 -26.84
C2 GOL T . -40.28 21.64 -26.43
O2 GOL T . -41.07 21.11 -25.36
C3 GOL T . -40.02 20.55 -27.47
O3 GOL T . -41.19 19.73 -27.67
C3 JTV U . 5.66 -15.65 30.67
C4 JTV U . 6.63 -14.96 29.69
C5 JTV U . 6.18 -15.25 28.26
C6 JTV U . 4.71 -14.88 28.06
C1 JTV U . 3.86 -15.59 29.08
C2 JTV U . 5.94 -15.32 32.15
CBT JTV U . -4.47 -28.39 20.23
CBS JTV U . -3.00 -28.05 20.44
CBR JTV U . -2.26 -29.26 21.03
CBQ JTV U . -0.73 -29.02 21.01
CBP JTV U . -0.28 -28.29 22.28
CBO JTV U . 1.23 -28.45 22.50
CBN JTV U . 1.56 -28.11 23.96
CBM JTV U . 3.06 -27.83 24.12
CBL JTV U . 3.35 -27.43 25.57
CBK JTV U . 3.15 -25.91 25.77
CBJ JTV U . 3.61 -25.51 27.18
CBI JTV U . 3.66 -23.98 27.33
CBH JTV U . 2.28 -23.41 27.70
CBG JTV U . 2.40 -22.02 28.34
CAQ JTV U . 3.11 -21.01 27.43
OAR JTV U . 2.65 -21.17 26.08
CAP JTV U . 2.82 -19.56 27.85
OAS JTV U . 1.43 -19.32 27.62
CAN JTV U . 3.17 -19.25 29.32
CAM JTV U . 2.95 -17.76 29.59
O1 JTV U . 3.94 -17.02 28.87
O5 JTV U . 4.26 -15.25 26.74
O3 JTV U . 6.98 -14.49 27.36
O2 JTV U . 4.32 -15.20 30.38
O6 JTV U . 7.12 -16.01 32.60
O4 JTV U . 6.70 -13.53 29.88
CAT JTV U . 7.83 -13.08 30.67
CAU JTV U . 8.98 -12.85 29.90
CAV JTV U . 10.19 -13.51 30.20
CAW JTV U . 11.34 -13.26 29.45
CAX JTV U . 11.31 -12.36 28.39
CAY JTV U . 10.12 -11.69 28.09
CAZ JTV U . 8.97 -11.94 28.84
NAO JTV U . 4.58 -19.56 29.60
CBE JTV U . 5.05 -19.72 30.86
OBF JTV U . 4.37 -19.60 31.87
CBU JTV U . 6.55 -20.03 30.95
CBV JTV U . 6.81 -21.28 31.80
CBW JTV U . 6.64 -22.57 30.99
CBX JTV U . 7.22 -23.72 31.82
CBY JTV U . 6.74 -25.10 31.33
CBZ JTV U . 6.71 -26.05 32.53
CCA JTV U . 6.59 -27.50 32.06
CCB JTV U . 6.37 -28.45 33.25
CCC JTV U . 4.96 -28.23 33.84
CCD JTV U . 4.36 -29.51 34.44
CCE JTV U . 4.95 -29.81 35.82
CCF JTV U . 4.31 -28.95 36.92
CCG JTV U . 4.83 -29.43 38.27
CCH JTV U . 4.88 -28.28 39.28
CCI JTV U . 5.60 -28.75 40.55
CCJ JTV U . 7.07 -28.31 40.52
CCK JTV U . 7.86 -29.06 41.60
CCL JTV U . 9.25 -28.43 41.76
CCM JTV U . 10.17 -28.83 40.59
CCN JTV U . 10.62 -27.58 39.81
CCO JTV U . 11.97 -27.81 39.11
CCP JTV U . 11.82 -28.74 37.89
CCQ JTV U . 11.14 -28.03 36.73
CCR JTV U . 11.36 -28.81 35.44
CCS JTV U . 10.41 -28.29 34.36
C1 GOL V . -13.39 -82.95 38.54
O1 GOL V . -12.06 -83.50 38.58
C2 GOL V . -14.27 -83.77 37.59
O2 GOL V . -14.59 -82.98 36.44
C3 GOL V . -15.54 -84.22 38.30
O3 GOL V . -16.14 -85.30 37.58
C1 GOL W . 1.23 -0.56 13.70
O1 GOL W . -0.11 -0.22 14.10
C2 GOL W . 2.14 -0.70 14.91
O2 GOL W . 3.47 -1.01 14.50
C3 GOL W . 1.63 -1.80 15.83
O3 GOL W . 2.38 -1.82 17.05
NA NA X . -0.29 8.14 30.75
NA NA Y . -13.74 0.72 23.94
#